data_3T6E
#
_entry.id   3T6E
#
_cell.length_a   221.583
_cell.length_b   221.583
_cell.length_c   113.418
_cell.angle_alpha   90.00
_cell.angle_beta   90.00
_cell.angle_gamma   90.00
#
_symmetry.space_group_name_H-M   'P 43 21 2'
#
loop_
_entity.id
_entity.type
_entity.pdbx_description
1 polymer 'Photosynthetic reaction center cytochrome c subunit'
2 polymer 'Reaction center protein H chain'
3 polymer 'Reaction center protein L chain'
4 polymer 'Reaction center protein M chain'
5 non-polymer 'HEME C'
6 non-polymer 'LAURYL DIMETHYLAMINE-N-OXIDE'
7 non-polymer 'DIACYL GLYCEROL'
8 non-polymer 'SULFATE ION'
9 non-polymer HEPTANE-1,2,3-TRIOL
10 non-polymer GLYCEROL
11 non-polymer 'BACTERIOCHLOROPHYLL B'
12 non-polymer 'BACTERIOPHEOPHYTIN B'
13 non-polymer Ubiquinone-9
14 non-polymer MENAQUINONE-9
15 non-polymer 'FE (II) ION'
16 non-polymer 15-cis-1,2-dihydroneurosporene
17 water water
#
loop_
_entity_poly.entity_id
_entity_poly.type
_entity_poly.pdbx_seq_one_letter_code
_entity_poly.pdbx_strand_id
1 'polypeptide(L)'
;MKQLIVNSVATVALASLVAGCFEPPPATTTQTGFRGLSMGEVLHPATVKAKKERDAQYPPALAAVKAEGPPVSQVYKNVK
VLGNLTEAEFLRTMTAITEWVSPQEGCTYCHDENNLASEAKYPYVVARRMLEMTRAINTNWTQHVAQTGVTCYTCHRGTP
LPPYVRYLEPTLPLNNRETPTHVERVETRSGYVVRLAKYTAYSALNYDPFTMFLANDKRQVRVVPQTALPLVGVSRGKER
RPLSDAYATFALMMSISDSLGTNCTFCHNAQTFESWGKKSTPQRAIAWWGIRMVRDLNMNYLAPLNASLPASRLGRQGEA
PQADCRTCHQGVTKPLFGASRLKDYPELGPIKAAAK
;
C
2 'polypeptide(L)'
;(FME)YHGALAQHLDIAQLVWYAQWLVIWTVVLLYLRREDRREGYPLVEPLGLVKLAPEDGQVYELPYPKTFVLPHGGTV
TVPRRRPETRELKLAQTDGFEGAPLQPTGNPLVDAVGPASYAERAEVVDATVDGKAKIVPLRVATDFSIAEGDVDPRGLP
VVAADGVEAGTVTDLWVDRSEHYFRYLELSVAGSARTALIPLGFCDVKKDKIVVTSILSEQFANVPRLQSRDQITLREED
KVSAYYAGGLLYATPERAESLL
;
H
3 'polypeptide(L)'
;ALLSFERKYRVRGGTLIGGDLFDFWVGPYFVGFFGVSAIFFIFLGVSLIGYAASQGPTWDPFAISINPPDLKYGLGAAPL
LEGGFWQAITVCALGAFISWMLREVEISRKLGIGWHVPLAFCVPIFMFCVLQVFRPLLLGSWGHAFPYGILSHLDWVNNF
GYQYLNWHYNPGHMSSVSFLFVNAMALGLHGGLILSVANPGDGDKVKTAEHENQYFRDVVGYSIGALSIHRLGLFLASNI
FLTGAFGTIASGPFWTRGWPEWWGWWLDIPFWS
;
L
4 'polypeptide(L)'
;ADYQTIYTQIQARGPHITVSGEWGDNDRVGKPFYSYWLGKIGDAQIGPIYLGASGIAAFAFGSTAILIILFNMAAEVHFD
PLQFFRQFFWLGLYPPKAQYGMGIPPLHDGGWWLMAGLFMTLSLGSWWIRVYSRARALGLGTHIAWNFAAAIFFVLCIG
(CSO)IHPTLVGSWSEGVPFGIWPHIDWLTAFSIRYGNFYYCPWHGFSIGFAYGCGLLFAAHGATILAVARFGGDREIEQ
ITDRGTAVERAALFWRWTIGFNATIESVHRWGWFFSLMVMVSASVGILLTGTFVDNWYLWCVKHGAAPDYPAYLPATPDP
ASLPGAPK
;
M
#
loop_
_chem_comp.id
_chem_comp.type
_chem_comp.name
_chem_comp.formula
BCB non-polymer 'BACTERIOCHLOROPHYLL B' 'C55 H72 Mg N4 O6 2'
BPB non-polymer 'BACTERIOPHEOPHYTIN B' 'C55 H74 N4 O6'
DGA non-polymer 'DIACYL GLYCEROL' 'C39 H76 O5'
FE2 non-polymer 'FE (II) ION' 'Fe 2'
GOL non-polymer GLYCEROL 'C3 H8 O3'
HEC non-polymer 'HEME C' 'C34 H34 Fe N4 O4'
HTO non-polymer HEPTANE-1,2,3-TRIOL 'C7 H16 O3'
LDA non-polymer 'LAURYL DIMETHYLAMINE-N-OXIDE' 'C14 H31 N O'
MQ9 non-polymer MENAQUINONE-9 'C56 H80 O2'
NS5 non-polymer 15-cis-1,2-dihydroneurosporene 'C40 H60'
SO4 non-polymer 'SULFATE ION' 'O4 S -2'
UQ9 non-polymer Ubiquinone-9 'C54 H82 O4'
#
# COMPACT_ATOMS: atom_id res chain seq x y z
N CYS A 21 -10.69 16.24 15.02
CA CYS A 21 -10.01 15.59 13.88
C CYS A 21 -10.15 14.06 13.93
N PHE A 22 -10.11 13.49 15.14
CA PHE A 22 -10.20 12.07 15.39
C PHE A 22 -11.25 11.81 16.48
N GLU A 23 -11.50 10.53 16.76
CA GLU A 23 -12.51 10.10 17.72
C GLU A 23 -11.78 9.32 18.82
N PRO A 24 -11.81 9.85 20.07
CA PRO A 24 -11.04 9.15 21.12
C PRO A 24 -11.59 7.76 21.46
N PRO A 25 -10.69 6.81 21.79
CA PRO A 25 -11.12 5.43 22.12
C PRO A 25 -11.78 5.41 23.49
N PRO A 26 -12.41 4.29 23.91
CA PRO A 26 -12.59 3.01 23.23
C PRO A 26 -13.69 3.06 22.15
N ALA A 27 -13.54 2.17 21.18
CA ALA A 27 -14.55 1.89 20.14
C ALA A 27 -15.36 0.68 20.62
N THR A 28 -16.66 0.69 20.33
CA THR A 28 -17.51 -0.48 20.47
C THR A 28 -17.44 -1.23 19.15
N THR A 29 -17.15 -2.51 19.24
CA THR A 29 -17.16 -3.36 18.05
C THR A 29 -18.04 -4.59 18.21
N THR A 30 -18.65 -5.00 17.11
CA THR A 30 -19.46 -6.21 17.07
C THR A 30 -18.88 -7.17 16.04
N GLN A 31 -19.36 -8.39 16.11
CA GLN A 31 -18.97 -9.41 15.15
C GLN A 31 -20.18 -9.78 14.31
N THR A 32 -20.01 -9.77 12.99
CA THR A 32 -21.14 -10.09 12.09
C THR A 32 -20.80 -11.20 11.10
N GLY A 33 -19.60 -11.80 11.23
CA GLY A 33 -19.16 -12.89 10.34
C GLY A 33 -18.25 -13.82 11.10
N PHE A 34 -17.89 -14.91 10.45
CA PHE A 34 -16.98 -15.90 11.00
C PHE A 34 -15.70 -15.21 11.49
N ARG A 35 -15.22 -15.70 12.62
CA ARG A 35 -14.02 -15.19 13.28
C ARG A 35 -12.84 -15.13 12.31
N GLY A 36 -12.11 -14.01 12.40
CA GLY A 36 -10.99 -13.77 11.51
C GLY A 36 -11.33 -13.18 10.15
N LEU A 37 -12.58 -12.73 9.94
CA LEU A 37 -12.94 -12.05 8.70
C LEU A 37 -13.07 -10.52 8.82
N SER A 38 -12.81 -9.95 10.00
CA SER A 38 -12.97 -8.52 10.25
C SER A 38 -14.35 -7.96 9.83
N MET A 39 -15.41 -8.69 10.16
CA MET A 39 -16.78 -8.27 9.84
C MET A 39 -17.46 -7.83 11.11
N GLY A 40 -18.00 -6.64 11.09
CA GLY A 40 -18.79 -6.18 12.22
C GLY A 40 -18.90 -4.67 12.28
N GLU A 41 -19.68 -4.21 13.24
CA GLU A 41 -19.88 -2.76 13.44
C GLU A 41 -18.73 -2.16 14.23
N VAL A 42 -18.48 -0.90 13.94
CA VAL A 42 -17.44 -0.09 14.60
C VAL A 42 -18.11 1.23 14.99
N LEU A 43 -18.20 1.44 16.29
CA LEU A 43 -19.08 2.51 16.80
C LEU A 43 -18.40 3.37 17.87
N HIS A 44 -18.69 4.68 17.86
CA HIS A 44 -18.19 5.62 18.86
C HIS A 44 -19.24 5.79 19.95
N PRO A 45 -18.93 5.38 21.19
CA PRO A 45 -19.91 5.43 22.29
C PRO A 45 -20.63 6.78 22.44
N ALA A 46 -19.92 7.90 22.33
CA ALA A 46 -20.58 9.22 22.48
C ALA A 46 -21.59 9.48 21.36
N THR A 47 -21.34 9.01 20.14
CA THR A 47 -22.27 9.23 19.02
C THR A 47 -23.52 8.37 19.21
N VAL A 48 -23.30 7.12 19.62
CA VAL A 48 -24.42 6.22 19.91
C VAL A 48 -25.29 6.84 20.99
N LYS A 49 -24.69 7.30 22.06
CA LYS A 49 -25.44 7.93 23.16
C LYS A 49 -26.27 9.16 22.71
N ALA A 50 -25.68 10.03 21.89
CA ALA A 50 -26.39 11.23 21.38
C ALA A 50 -27.61 10.81 20.50
N LYS A 51 -27.44 9.77 19.71
CA LYS A 51 -28.51 9.33 18.82
C LYS A 51 -29.61 8.68 19.69
N LYS A 52 -29.23 7.91 20.74
CA LYS A 52 -30.22 7.34 21.65
C LYS A 52 -31.04 8.42 22.37
N GLU A 53 -30.37 9.49 22.79
CA GLU A 53 -31.04 10.62 23.44
C GLU A 53 -31.97 11.35 22.45
N ARG A 54 -31.52 11.60 21.24
CA ARG A 54 -32.44 12.15 20.22
C ARG A 54 -33.68 11.24 20.03
N ASP A 55 -33.46 9.93 19.84
CA ASP A 55 -34.55 9.02 19.49
C ASP A 55 -35.48 8.78 20.69
N ALA A 56 -34.96 8.94 21.89
CA ALA A 56 -35.73 8.81 23.13
C ALA A 56 -36.78 9.92 23.30
N GLN A 57 -36.81 10.93 22.42
CA GLN A 57 -37.82 11.97 22.46
C GLN A 57 -39.18 11.48 21.94
N TYR A 58 -39.21 10.32 21.28
CA TYR A 58 -40.43 9.67 20.83
C TYR A 58 -41.47 9.71 21.95
N PRO A 59 -42.58 10.44 21.76
CA PRO A 59 -43.51 10.51 22.90
C PRO A 59 -44.05 9.14 23.30
N PRO A 60 -44.35 8.97 24.59
CA PRO A 60 -44.92 7.68 25.00
C PRO A 60 -46.32 7.49 24.46
N ALA A 61 -46.77 6.25 24.40
CA ALA A 61 -48.13 5.90 24.03
C ALA A 61 -49.06 6.63 24.96
N LEU A 62 -50.13 7.16 24.40
CA LEU A 62 -51.18 7.76 25.18
C LEU A 62 -51.94 6.66 25.94
N ALA A 63 -52.51 7.01 27.09
CA ALA A 63 -53.37 6.09 27.89
C ALA A 63 -54.42 5.42 27.01
N ALA A 64 -54.60 4.12 27.23
CA ALA A 64 -55.67 3.38 26.59
C ALA A 64 -57.02 3.94 26.94
N VAL A 65 -57.97 3.87 26.02
CA VAL A 65 -59.33 4.32 26.28
C VAL A 65 -60.27 3.12 26.13
N LYS A 66 -61.35 3.10 26.89
CA LYS A 66 -62.34 2.03 26.69
C LYS A 66 -63.06 2.28 25.36
N ALA A 67 -63.21 1.22 24.57
CA ALA A 67 -64.03 1.29 23.34
C ALA A 67 -65.48 1.27 23.78
N GLU A 68 -66.20 2.34 23.54
CA GLU A 68 -67.62 2.33 23.77
C GLU A 68 -68.32 3.23 22.78
N GLY A 69 -69.58 2.91 22.53
CA GLY A 69 -70.38 3.69 21.63
C GLY A 69 -70.15 3.27 20.21
N PRO A 70 -70.75 4.00 19.30
CA PRO A 70 -70.75 3.65 17.89
C PRO A 70 -69.44 4.00 17.20
N PRO A 71 -69.17 3.34 16.07
CA PRO A 71 -68.03 3.71 15.22
C PRO A 71 -68.18 5.15 14.69
N VAL A 72 -67.08 5.84 14.44
CA VAL A 72 -67.18 7.26 14.07
C VAL A 72 -67.63 7.44 12.62
N SER A 73 -67.61 6.36 11.84
CA SER A 73 -68.29 6.34 10.54
C SER A 73 -69.78 6.72 10.67
N GLN A 74 -70.38 6.43 11.83
CA GLN A 74 -71.76 6.87 12.15
C GLN A 74 -71.85 8.21 12.90
N VAL A 75 -70.84 8.60 13.67
CA VAL A 75 -70.87 9.85 14.46
C VAL A 75 -70.37 11.07 13.67
N TYR A 76 -69.29 10.93 12.91
CA TYR A 76 -68.71 12.08 12.20
C TYR A 76 -69.05 12.08 10.72
N LYS A 77 -68.73 13.18 10.07
CA LYS A 77 -69.16 13.49 8.71
C LYS A 77 -68.20 13.07 7.60
N ASN A 78 -66.90 13.17 7.84
CA ASN A 78 -65.94 13.06 6.79
C ASN A 78 -64.78 12.14 7.18
N VAL A 79 -65.10 11.01 7.83
CA VAL A 79 -64.07 10.02 8.16
C VAL A 79 -64.05 8.88 7.12
N LYS A 80 -62.91 8.68 6.47
CA LYS A 80 -62.81 7.70 5.39
C LYS A 80 -61.82 6.56 5.65
N VAL A 81 -60.89 6.73 6.60
CA VAL A 81 -59.89 5.67 6.84
C VAL A 81 -60.15 5.03 8.18
N LEU A 82 -60.38 5.87 9.21
CA LEU A 82 -60.44 5.39 10.61
C LEU A 82 -61.89 5.25 11.11
N GLY A 83 -62.79 4.90 10.19
CA GLY A 83 -64.22 4.80 10.45
C GLY A 83 -64.71 3.77 11.45
N ASN A 84 -63.96 2.70 11.67
N ASN A 84 -63.95 2.70 11.67
CA ASN A 84 -64.36 1.66 12.62
CA ASN A 84 -64.37 1.66 12.62
C ASN A 84 -64.12 2.08 14.08
C ASN A 84 -63.96 1.95 14.07
N LEU A 85 -63.24 3.05 14.29
CA LEU A 85 -62.86 3.43 15.66
C LEU A 85 -64.01 4.06 16.41
N THR A 86 -64.08 3.87 17.72
CA THR A 86 -65.00 4.64 18.52
C THR A 86 -64.53 6.11 18.65
N GLU A 87 -65.41 6.95 19.14
CA GLU A 87 -65.10 8.36 19.27
C GLU A 87 -63.82 8.61 20.10
N ALA A 88 -63.69 7.94 21.23
CA ALA A 88 -62.56 8.14 22.14
C ALA A 88 -61.30 7.59 21.55
N GLU A 89 -61.42 6.45 20.83
CA GLU A 89 -60.27 5.89 20.18
C GLU A 89 -59.77 6.80 19.05
N PHE A 90 -60.69 7.30 18.24
CA PHE A 90 -60.35 8.16 17.13
C PHE A 90 -59.69 9.51 17.63
N LEU A 91 -60.21 10.09 18.69
CA LEU A 91 -59.68 11.35 19.23
C LEU A 91 -58.31 11.09 19.87
N ARG A 92 -58.11 9.88 20.40
CA ARG A 92 -56.75 9.49 20.81
C ARG A 92 -55.80 9.49 19.64
N THR A 93 -56.22 8.94 18.50
CA THR A 93 -55.38 8.93 17.30
C THR A 93 -55.03 10.36 16.85
N MET A 94 -56.02 11.25 16.84
CA MET A 94 -55.79 12.64 16.47
C MET A 94 -54.76 13.29 17.41
N THR A 95 -54.85 13.01 18.69
CA THR A 95 -53.89 13.53 19.66
C THR A 95 -52.52 13.04 19.35
N ALA A 96 -52.39 11.76 19.04
CA ALA A 96 -51.08 11.17 18.76
C ALA A 96 -50.49 11.75 17.47
N ILE A 97 -51.33 11.89 16.46
CA ILE A 97 -50.91 12.43 15.16
C ILE A 97 -50.41 13.88 15.35
N THR A 98 -51.08 14.62 16.22
CA THR A 98 -50.69 15.98 16.54
C THR A 98 -49.34 15.98 17.23
N GLU A 99 -49.12 15.05 18.17
CA GLU A 99 -47.80 14.95 18.81
C GLU A 99 -46.71 14.61 17.82
N TRP A 100 -47.02 13.76 16.87
CA TRP A 100 -45.99 13.25 16.00
C TRP A 100 -45.63 14.12 14.80
N VAL A 101 -46.61 14.84 14.27
CA VAL A 101 -46.45 15.63 13.05
C VAL A 101 -46.46 17.15 13.26
N SER A 102 -47.39 17.66 14.04
CA SER A 102 -47.51 19.09 14.18
C SER A 102 -47.67 19.55 15.65
N PRO A 103 -46.77 19.14 16.54
CA PRO A 103 -47.03 19.55 17.94
C PRO A 103 -46.91 21.05 18.18
N GLN A 104 -46.01 21.70 17.43
CA GLN A 104 -45.82 23.14 17.60
C GLN A 104 -47.01 23.90 17.09
N GLU A 105 -47.60 23.42 16.00
CA GLU A 105 -48.71 24.16 15.38
C GLU A 105 -50.10 23.74 15.93
N GLY A 106 -50.27 22.45 16.24
CA GLY A 106 -51.51 21.99 16.88
C GLY A 106 -52.50 21.41 15.91
N CYS A 107 -53.72 21.14 16.41
CA CYS A 107 -54.79 20.56 15.62
C CYS A 107 -55.10 21.41 14.35
N THR A 108 -55.01 22.74 14.48
CA THR A 108 -55.40 23.61 13.38
C THR A 108 -54.38 23.62 12.25
N TYR A 109 -53.25 22.94 12.41
CA TYR A 109 -52.37 22.73 11.26
C TYR A 109 -53.13 22.07 10.09
N CYS A 110 -53.94 21.07 10.43
CA CYS A 110 -54.70 20.34 9.45
C CYS A 110 -56.15 20.77 9.37
N HIS A 111 -56.68 21.35 10.46
CA HIS A 111 -58.12 21.61 10.58
C HIS A 111 -58.51 23.07 10.62
N ASP A 112 -59.70 23.31 10.06
CA ASP A 112 -60.45 24.53 10.31
C ASP A 112 -61.08 24.35 11.67
N GLU A 113 -60.65 25.17 12.62
CA GLU A 113 -61.16 25.09 14.00
C GLU A 113 -62.69 25.17 14.15
N ASN A 114 -63.38 25.74 13.17
CA ASN A 114 -64.82 25.84 13.23
C ASN A 114 -65.55 24.80 12.40
N ASN A 115 -64.81 23.92 11.77
CA ASN A 115 -65.44 22.81 11.04
C ASN A 115 -64.41 21.72 10.81
N LEU A 116 -64.37 20.76 11.72
CA LEU A 116 -63.35 19.71 11.72
C LEU A 116 -63.46 18.75 10.53
N ALA A 117 -64.63 18.73 9.89
CA ALA A 117 -64.84 17.93 8.68
C ALA A 117 -64.28 18.58 7.42
N SER A 118 -63.98 19.88 7.47
CA SER A 118 -63.49 20.58 6.26
C SER A 118 -62.10 20.21 5.81
N GLU A 119 -61.95 20.07 4.48
CA GLU A 119 -60.67 19.68 3.87
C GLU A 119 -59.97 20.87 3.24
N ALA A 120 -60.33 22.07 3.68
CA ALA A 120 -59.84 23.30 3.07
C ALA A 120 -58.36 23.50 3.21
N LYS A 121 -57.76 23.02 4.30
CA LYS A 121 -56.31 23.15 4.49
C LYS A 121 -55.62 21.96 3.83
N TYR A 122 -54.59 22.24 3.03
CA TYR A 122 -53.94 21.16 2.25
C TYR A 122 -53.40 19.98 3.13
N PRO A 123 -52.95 20.25 4.40
CA PRO A 123 -52.46 19.10 5.17
C PRO A 123 -53.50 18.03 5.50
N TYR A 124 -54.78 18.36 5.54
CA TYR A 124 -55.81 17.36 5.84
C TYR A 124 -55.78 16.19 4.85
N VAL A 125 -55.83 16.50 3.55
CA VAL A 125 -55.87 15.49 2.51
C VAL A 125 -54.55 14.72 2.44
N VAL A 126 -53.43 15.39 2.65
CA VAL A 126 -52.14 14.73 2.68
C VAL A 126 -52.13 13.75 3.87
N ALA A 127 -52.60 14.21 5.03
CA ALA A 127 -52.63 13.41 6.23
C ALA A 127 -53.44 12.13 6.05
N ARG A 128 -54.55 12.22 5.34
CA ARG A 128 -55.38 11.06 5.04
C ARG A 128 -54.61 10.07 4.19
N ARG A 129 -53.88 10.58 3.20
CA ARG A 129 -53.08 9.70 2.36
C ARG A 129 -51.93 9.07 3.15
N MET A 130 -51.38 9.85 4.08
CA MET A 130 -50.30 9.37 4.96
C MET A 130 -50.80 8.25 5.90
N LEU A 131 -52.03 8.38 6.37
CA LEU A 131 -52.68 7.34 7.14
C LEU A 131 -52.76 6.05 6.33
N GLU A 132 -53.17 6.17 5.08
CA GLU A 132 -53.17 4.99 4.16
C GLU A 132 -51.79 4.39 3.97
N MET A 133 -50.80 5.27 3.74
CA MET A 133 -49.43 4.86 3.54
C MET A 133 -48.89 4.15 4.76
N THR A 134 -49.18 4.68 5.94
CA THR A 134 -48.64 4.10 7.16
C THR A 134 -49.26 2.73 7.41
N ARG A 135 -50.57 2.64 7.23
CA ARG A 135 -51.28 1.36 7.27
C ARG A 135 -50.73 0.35 6.24
N ALA A 136 -50.40 0.81 5.04
CA ALA A 136 -49.79 -0.08 4.02
C ALA A 136 -48.40 -0.57 4.43
N ILE A 137 -47.56 0.33 4.93
CA ILE A 137 -46.23 -0.09 5.43
C ILE A 137 -46.40 -1.21 6.45
N ASN A 138 -47.22 -0.96 7.47
CA ASN A 138 -47.35 -1.89 8.58
C ASN A 138 -48.11 -3.19 8.24
N THR A 139 -48.91 -3.18 7.18
CA THR A 139 -49.67 -4.34 6.73
C THR A 139 -48.92 -5.14 5.65
N ASN A 140 -48.42 -4.42 4.64
CA ASN A 140 -47.91 -5.03 3.42
C ASN A 140 -46.40 -5.10 3.37
N TRP A 141 -45.68 -4.43 4.29
CA TRP A 141 -44.20 -4.43 4.24
C TRP A 141 -43.59 -4.96 5.50
N THR A 142 -44.24 -5.96 6.10
CA THR A 142 -43.70 -6.62 7.32
C THR A 142 -42.38 -7.32 7.07
N GLN A 143 -42.12 -7.69 5.82
CA GLN A 143 -40.79 -8.24 5.46
C GLN A 143 -39.67 -7.23 5.75
N HIS A 144 -40.00 -5.92 5.75
CA HIS A 144 -39.02 -4.92 6.21
C HIS A 144 -39.19 -4.49 7.68
N VAL A 145 -40.40 -4.02 8.03
CA VAL A 145 -40.66 -3.37 9.33
C VAL A 145 -41.00 -4.35 10.45
N ALA A 146 -41.23 -5.61 10.05
CA ALA A 146 -41.57 -6.69 11.03
C ALA A 146 -42.75 -6.29 11.95
N GLN A 147 -42.63 -6.55 13.24
N GLN A 147 -42.62 -6.57 13.24
CA GLN A 147 -43.62 -6.12 14.22
CA GLN A 147 -43.59 -6.16 14.24
C GLN A 147 -43.11 -4.89 15.01
C GLN A 147 -43.22 -4.81 14.88
N THR A 148 -42.09 -4.23 14.50
CA THR A 148 -41.68 -2.94 15.02
C THR A 148 -42.64 -1.92 14.41
N GLY A 149 -42.78 -1.94 13.09
CA GLY A 149 -43.64 -1.03 12.41
C GLY A 149 -43.16 0.43 12.43
N VAL A 150 -44.00 1.30 11.86
CA VAL A 150 -43.73 2.72 11.81
C VAL A 150 -44.96 3.49 12.29
N THR A 151 -44.72 4.66 12.86
CA THR A 151 -45.79 5.66 13.04
C THR A 151 -45.36 6.91 12.25
N CYS A 152 -46.21 7.92 12.27
CA CYS A 152 -45.90 9.24 11.64
C CYS A 152 -44.60 9.78 12.21
N TYR A 153 -44.31 9.49 13.49
CA TYR A 153 -43.12 10.01 14.12
C TYR A 153 -41.84 9.48 13.47
N THR A 154 -41.87 8.24 13.03
CA THR A 154 -40.70 7.58 12.50
C THR A 154 -39.99 8.47 11.44
N CYS A 155 -40.79 9.06 10.57
CA CYS A 155 -40.31 10.01 9.58
C CYS A 155 -40.37 11.46 10.03
N HIS A 156 -41.50 11.88 10.60
CA HIS A 156 -41.72 13.30 10.82
C HIS A 156 -40.94 13.87 12.02
N ARG A 157 -40.79 13.07 13.07
CA ARG A 157 -40.08 13.50 14.26
C ARG A 157 -40.54 14.84 14.79
N GLY A 158 -41.85 15.05 14.82
CA GLY A 158 -42.41 16.27 15.43
C GLY A 158 -42.50 17.51 14.56
N THR A 159 -42.23 17.39 13.24
CA THR A 159 -42.43 18.52 12.35
C THR A 159 -43.20 18.09 11.09
N PRO A 160 -44.00 19.01 10.53
CA PRO A 160 -44.73 18.68 9.31
C PRO A 160 -43.83 18.25 8.15
N LEU A 161 -42.71 18.95 7.94
CA LEU A 161 -41.73 18.53 6.98
C LEU A 161 -40.80 17.56 7.67
N PRO A 162 -40.72 16.29 7.20
CA PRO A 162 -39.74 15.39 7.82
C PRO A 162 -38.31 15.91 7.63
N PRO A 163 -37.44 15.67 8.63
CA PRO A 163 -36.12 16.28 8.56
C PRO A 163 -35.20 15.75 7.43
N TYR A 164 -35.42 14.51 6.98
CA TYR A 164 -34.56 13.87 5.98
C TYR A 164 -35.42 13.40 4.80
N VAL A 165 -35.46 14.23 3.77
CA VAL A 165 -36.16 13.94 2.52
C VAL A 165 -35.25 14.20 1.33
N ARG A 166 -35.64 13.70 0.17
CA ARG A 166 -34.86 13.89 -1.05
C ARG A 166 -35.72 14.45 -2.19
N TYR A 167 -35.05 15.26 -3.00
CA TYR A 167 -35.64 15.83 -4.21
C TYR A 167 -34.98 15.10 -5.38
N LEU A 168 -35.28 15.54 -6.58
CA LEU A 168 -34.72 14.90 -7.77
C LEU A 168 -33.34 15.46 -8.13
N GLU A 169 -32.81 16.35 -7.31
CA GLU A 169 -31.39 16.68 -7.28
C GLU A 169 -30.88 16.68 -5.81
N PRO A 170 -29.58 16.45 -5.61
CA PRO A 170 -29.12 16.40 -4.23
C PRO A 170 -29.22 17.76 -3.54
N THR A 171 -29.50 17.70 -2.24
CA THR A 171 -29.73 18.87 -1.45
C THR A 171 -28.93 18.80 -0.16
N LEU A 172 -28.53 19.98 0.31
CA LEU A 172 -27.84 20.14 1.60
C LEU A 172 -28.37 21.32 2.36
N PRO A 173 -28.32 21.25 3.70
CA PRO A 173 -27.95 20.14 4.57
C PRO A 173 -28.89 18.94 4.41
N LEU A 174 -28.38 17.75 4.74
CA LEU A 174 -29.20 16.55 4.75
C LEU A 174 -30.44 16.74 5.62
N ASN A 175 -30.22 17.36 6.80
CA ASN A 175 -31.29 17.67 7.74
C ASN A 175 -31.80 19.06 7.43
N ASN A 176 -33.02 19.15 6.95
CA ASN A 176 -33.57 20.42 6.45
C ASN A 176 -33.93 21.41 7.56
N ARG A 177 -33.78 21.02 8.82
CA ARG A 177 -33.93 21.97 9.93
C ARG A 177 -32.69 22.84 10.11
N GLU A 178 -31.57 22.48 9.49
CA GLU A 178 -30.34 23.26 9.56
C GLU A 178 -30.36 24.33 8.45
N THR A 179 -29.90 25.52 8.79
CA THR A 179 -29.85 26.61 7.82
C THR A 179 -28.72 26.34 6.82
N PRO A 180 -29.04 26.38 5.53
CA PRO A 180 -28.02 26.15 4.49
C PRO A 180 -27.09 27.33 4.28
N THR A 181 -25.83 27.07 3.97
CA THR A 181 -24.92 28.13 3.49
C THR A 181 -25.33 28.45 2.07
N HIS A 182 -24.83 29.56 1.54
CA HIS A 182 -25.13 29.94 0.15
C HIS A 182 -24.70 28.83 -0.85
N VAL A 183 -23.50 28.29 -0.65
CA VAL A 183 -22.95 27.24 -1.52
C VAL A 183 -23.71 25.90 -1.41
N GLU A 184 -24.29 25.62 -0.25
CA GLU A 184 -25.16 24.47 -0.09
C GLU A 184 -26.45 24.56 -0.89
N ARG A 185 -26.93 25.78 -1.13
CA ARG A 185 -28.18 25.95 -1.83
C ARG A 185 -28.13 25.39 -3.24
N VAL A 186 -29.23 24.76 -3.63
CA VAL A 186 -29.32 24.03 -4.87
C VAL A 186 -29.08 24.97 -6.07
N GLU A 187 -29.45 26.24 -5.94
CA GLU A 187 -29.19 27.25 -6.98
C GLU A 187 -27.73 27.62 -7.14
N THR A 188 -26.88 27.28 -6.18
CA THR A 188 -25.46 27.65 -6.33
C THR A 188 -24.78 26.49 -7.01
N ARG A 189 -24.50 26.66 -8.30
CA ARG A 189 -23.95 25.59 -9.15
C ARG A 189 -22.57 25.11 -8.70
N SER A 190 -21.76 26.04 -8.19
CA SER A 190 -20.43 25.72 -7.71
C SER A 190 -20.39 24.68 -6.59
N GLY A 191 -21.54 24.44 -5.95
CA GLY A 191 -21.61 23.55 -4.77
C GLY A 191 -22.06 22.12 -5.05
N TYR A 192 -22.36 21.82 -6.30
CA TYR A 192 -22.94 20.57 -6.70
C TYR A 192 -22.14 19.33 -6.28
N VAL A 193 -20.82 19.33 -6.50
CA VAL A 193 -19.98 18.18 -6.16
C VAL A 193 -20.04 17.88 -4.67
N VAL A 194 -20.14 18.92 -3.85
CA VAL A 194 -20.27 18.72 -2.39
C VAL A 194 -21.64 18.18 -2.03
N ARG A 195 -22.69 18.65 -2.70
CA ARG A 195 -24.00 18.10 -2.44
C ARG A 195 -24.04 16.61 -2.74
N LEU A 196 -23.38 16.19 -3.81
CA LEU A 196 -23.30 14.78 -4.15
C LEU A 196 -22.48 14.01 -3.11
N ALA A 197 -21.33 14.55 -2.78
CA ALA A 197 -20.39 13.85 -1.94
C ALA A 197 -21.00 13.61 -0.54
N LYS A 198 -21.71 14.60 -0.01
CA LYS A 198 -22.24 14.46 1.33
C LYS A 198 -23.43 13.50 1.41
N TYR A 199 -23.95 13.11 0.25
CA TYR A 199 -24.97 12.07 0.12
C TYR A 199 -24.35 10.67 -0.08
N THR A 200 -23.05 10.62 -0.39
CA THR A 200 -22.36 9.33 -0.58
C THR A 200 -21.21 9.20 0.41
N ALA A 201 -21.44 9.62 1.66
CA ALA A 201 -20.48 9.45 2.74
C ALA A 201 -19.11 10.06 2.43
N TYR A 202 -19.15 11.22 1.75
CA TYR A 202 -18.00 12.06 1.39
C TYR A 202 -17.17 11.54 0.23
N SER A 203 -17.65 10.52 -0.49
CA SER A 203 -16.91 10.03 -1.64
C SER A 203 -17.01 11.02 -2.77
N ALA A 204 -16.15 10.85 -3.77
CA ALA A 204 -16.22 11.59 -5.01
C ALA A 204 -17.04 10.93 -6.10
N LEU A 205 -17.80 9.90 -5.78
CA LEU A 205 -18.56 9.15 -6.81
C LEU A 205 -19.57 10.08 -7.47
N ASN A 206 -19.55 10.13 -8.77
CA ASN A 206 -20.27 11.18 -9.51
C ASN A 206 -21.64 10.75 -9.92
N TYR A 207 -22.42 10.25 -8.95
CA TYR A 207 -23.75 9.67 -9.19
C TYR A 207 -24.65 10.00 -7.98
N ASP A 208 -25.90 10.32 -8.27
CA ASP A 208 -26.93 10.47 -7.28
C ASP A 208 -27.72 9.14 -7.15
N PRO A 209 -27.47 8.37 -6.08
CA PRO A 209 -28.15 7.11 -6.03
C PRO A 209 -29.65 7.21 -5.67
N PHE A 210 -30.13 8.35 -5.15
CA PHE A 210 -31.54 8.47 -4.84
C PHE A 210 -32.35 8.43 -6.14
N THR A 211 -32.04 9.33 -7.07
CA THR A 211 -32.81 9.37 -8.34
C THR A 211 -32.53 8.13 -9.17
N MET A 212 -31.30 7.61 -9.12
CA MET A 212 -31.03 6.40 -9.93
C MET A 212 -31.74 5.14 -9.46
N PHE A 213 -31.80 4.94 -8.15
CA PHE A 213 -32.22 3.63 -7.61
C PHE A 213 -33.43 3.63 -6.67
N LEU A 214 -33.73 4.75 -5.99
CA LEU A 214 -34.76 4.70 -4.95
C LEU A 214 -36.06 5.40 -5.32
N ALA A 215 -35.99 6.33 -6.26
CA ALA A 215 -37.18 7.08 -6.68
C ALA A 215 -38.16 6.18 -7.44
N ASN A 216 -37.63 5.16 -8.10
CA ASN A 216 -38.49 4.24 -8.85
C ASN A 216 -37.75 2.92 -9.08
N ASP A 217 -38.38 2.01 -9.81
CA ASP A 217 -37.83 0.67 -10.07
C ASP A 217 -37.19 0.49 -11.46
N LYS A 218 -36.64 1.53 -12.04
CA LYS A 218 -36.09 1.38 -13.40
C LYS A 218 -34.73 0.76 -13.48
N ARG A 219 -33.93 0.83 -12.43
N ARG A 219 -33.91 0.87 -12.44
CA ARG A 219 -32.57 0.36 -12.54
CA ARG A 219 -32.56 0.36 -12.53
C ARG A 219 -32.24 -0.81 -11.61
C ARG A 219 -32.33 -0.89 -11.68
N GLN A 220 -31.34 -1.65 -12.10
CA GLN A 220 -30.89 -2.80 -11.39
C GLN A 220 -29.67 -2.43 -10.57
N VAL A 221 -29.74 -2.72 -9.26
CA VAL A 221 -28.60 -2.49 -8.37
C VAL A 221 -27.47 -3.50 -8.62
N ARG A 222 -27.82 -4.72 -8.99
CA ARG A 222 -26.79 -5.76 -9.19
C ARG A 222 -25.95 -5.48 -10.39
N VAL A 223 -24.63 -5.64 -10.25
CA VAL A 223 -23.69 -5.28 -11.30
C VAL A 223 -22.61 -6.34 -11.55
N VAL A 224 -22.49 -7.32 -10.66
CA VAL A 224 -21.43 -8.32 -10.73
C VAL A 224 -21.90 -9.57 -11.49
N PRO A 225 -21.06 -10.09 -12.42
CA PRO A 225 -21.46 -11.32 -13.13
C PRO A 225 -21.65 -12.51 -12.21
N GLN A 226 -22.51 -13.40 -12.65
CA GLN A 226 -22.82 -14.60 -11.87
C GLN A 226 -22.15 -15.83 -12.43
N THR A 227 -21.21 -15.66 -13.34
CA THR A 227 -20.37 -16.75 -13.81
C THR A 227 -18.90 -16.34 -13.80
N ALA A 228 -17.98 -17.31 -13.76
CA ALA A 228 -16.54 -17.04 -13.84
C ALA A 228 -16.07 -16.39 -15.15
N LEU A 229 -16.57 -16.87 -16.27
CA LEU A 229 -16.15 -16.47 -17.59
C LEU A 229 -17.22 -15.58 -18.18
N PRO A 230 -16.83 -14.65 -19.10
CA PRO A 230 -17.82 -13.77 -19.77
C PRO A 230 -18.72 -14.48 -20.78
N LEU A 231 -20.04 -14.34 -20.66
CA LEU A 231 -20.96 -14.98 -21.58
C LEU A 231 -20.91 -14.26 -22.94
N VAL A 232 -20.77 -15.04 -24.01
CA VAL A 232 -20.79 -14.50 -25.41
C VAL A 232 -22.20 -14.03 -25.72
N GLY A 233 -22.30 -12.76 -26.11
CA GLY A 233 -23.58 -12.11 -26.39
C GLY A 233 -23.99 -11.04 -25.42
N VAL A 234 -23.29 -10.91 -24.29
CA VAL A 234 -23.53 -9.81 -23.36
C VAL A 234 -22.24 -9.14 -22.93
N SER A 235 -21.10 -9.49 -23.52
CA SER A 235 -19.83 -9.10 -22.95
C SER A 235 -18.96 -8.23 -23.83
N ARG A 236 -19.47 -7.80 -24.99
CA ARG A 236 -18.69 -6.96 -25.89
C ARG A 236 -19.48 -5.70 -26.31
N GLY A 237 -18.79 -4.56 -26.34
CA GLY A 237 -19.29 -3.33 -27.01
C GLY A 237 -20.58 -2.85 -26.37
N LYS A 238 -21.53 -2.53 -27.21
CA LYS A 238 -22.79 -2.00 -26.73
C LYS A 238 -23.69 -3.00 -26.02
N GLU A 239 -23.32 -4.27 -26.03
CA GLU A 239 -23.98 -5.30 -25.20
C GLU A 239 -23.81 -5.12 -23.73
N ARG A 240 -22.72 -4.45 -23.34
CA ARG A 240 -22.29 -4.36 -21.96
C ARG A 240 -22.94 -3.19 -21.25
N ARG A 241 -23.24 -3.40 -19.99
CA ARG A 241 -23.49 -2.27 -19.10
C ARG A 241 -22.19 -1.48 -18.99
N PRO A 242 -22.31 -0.15 -18.99
CA PRO A 242 -21.12 0.69 -18.85
C PRO A 242 -20.59 0.58 -17.41
N LEU A 243 -19.29 0.74 -17.23
CA LEU A 243 -18.68 0.63 -15.89
C LEU A 243 -19.29 1.61 -14.90
N SER A 244 -19.83 2.72 -15.42
CA SER A 244 -20.58 3.68 -14.59
C SER A 244 -21.61 3.01 -13.70
N ASP A 245 -22.24 1.94 -14.18
CA ASP A 245 -23.21 1.22 -13.31
C ASP A 245 -22.59 0.73 -11.99
N ALA A 246 -21.37 0.22 -12.04
CA ALA A 246 -20.68 -0.25 -10.85
C ALA A 246 -20.32 0.90 -9.93
N TYR A 247 -19.91 2.04 -10.47
CA TYR A 247 -19.62 3.21 -9.60
C TYR A 247 -20.95 3.62 -8.96
N ALA A 248 -22.04 3.56 -9.70
CA ALA A 248 -23.35 4.04 -9.16
C ALA A 248 -23.90 3.15 -8.05
N THR A 249 -23.80 1.83 -8.21
CA THR A 249 -24.10 0.89 -7.13
C THR A 249 -23.22 1.14 -5.90
N PHE A 250 -21.94 1.36 -6.12
CA PHE A 250 -21.03 1.69 -5.01
C PHE A 250 -21.56 2.97 -4.29
N ALA A 251 -21.98 3.98 -5.04
CA ALA A 251 -22.52 5.25 -4.49
C ALA A 251 -23.75 4.96 -3.64
N LEU A 252 -24.63 4.10 -4.15
CA LEU A 252 -25.84 3.71 -3.40
C LEU A 252 -25.43 3.02 -2.10
N MET A 253 -24.44 2.13 -2.18
CA MET A 253 -24.00 1.41 -0.98
C MET A 253 -23.34 2.27 0.08
N MET A 254 -22.59 3.29 -0.36
CA MET A 254 -22.02 4.29 0.55
C MET A 254 -23.16 5.04 1.21
N SER A 255 -24.15 5.42 0.42
CA SER A 255 -25.28 6.17 0.92
C SER A 255 -26.11 5.41 1.94
N ILE A 256 -26.40 4.14 1.63
CA ILE A 256 -27.17 3.25 2.55
C ILE A 256 -26.39 3.06 3.86
N SER A 257 -25.08 2.82 3.72
CA SER A 257 -24.24 2.61 4.87
C SER A 257 -24.32 3.83 5.83
N ASP A 258 -24.11 5.02 5.27
CA ASP A 258 -24.13 6.21 6.05
C ASP A 258 -25.54 6.47 6.62
N SER A 259 -26.57 6.18 5.85
CA SER A 259 -28.00 6.33 6.30
C SER A 259 -28.37 5.50 7.52
N LEU A 260 -27.73 4.36 7.65
CA LEU A 260 -27.97 3.43 8.73
C LEU A 260 -26.89 3.53 9.80
N GLY A 261 -25.88 4.40 9.62
CA GLY A 261 -24.77 4.50 10.59
C GLY A 261 -24.02 3.18 10.69
N THR A 262 -23.72 2.56 9.53
CA THR A 262 -23.05 1.29 9.56
C THR A 262 -22.05 1.19 8.40
N ASN A 263 -21.46 0.02 8.23
CA ASN A 263 -20.54 -0.23 7.17
C ASN A 263 -20.92 -1.50 6.37
N CYS A 264 -20.16 -1.81 5.31
CA CYS A 264 -20.49 -2.85 4.35
C CYS A 264 -20.67 -4.23 5.00
N THR A 265 -19.91 -4.48 6.08
CA THR A 265 -19.89 -5.78 6.72
C THR A 265 -21.08 -6.07 7.62
N PHE A 266 -21.96 -5.09 7.81
CA PHE A 266 -23.21 -5.34 8.49
C PHE A 266 -24.09 -6.24 7.63
N CYS A 267 -23.87 -6.18 6.30
CA CYS A 267 -24.64 -6.93 5.31
C CYS A 267 -23.89 -7.95 4.46
N HIS A 268 -22.63 -7.66 4.17
CA HIS A 268 -21.87 -8.45 3.24
C HIS A 268 -20.59 -8.99 3.87
N ASN A 269 -20.17 -10.15 3.40
CA ASN A 269 -18.77 -10.58 3.39
C ASN A 269 -18.14 -10.11 2.09
N ALA A 270 -17.25 -9.11 2.19
CA ALA A 270 -16.65 -8.48 1.00
C ALA A 270 -15.89 -9.47 0.09
N GLN A 271 -15.60 -10.68 0.59
CA GLN A 271 -15.08 -11.76 -0.27
C GLN A 271 -15.89 -11.82 -1.56
N THR A 272 -17.21 -11.70 -1.43
CA THR A 272 -18.09 -11.77 -2.56
C THR A 272 -19.43 -11.02 -2.25
N PHE A 273 -19.44 -9.75 -2.66
CA PHE A 273 -20.59 -8.89 -2.45
C PHE A 273 -21.85 -9.46 -3.08
N GLU A 274 -21.65 -10.14 -4.19
CA GLU A 274 -22.76 -10.61 -4.98
C GLU A 274 -23.41 -11.89 -4.46
N SER A 275 -22.84 -12.53 -3.47
CA SER A 275 -23.34 -13.82 -3.05
C SER A 275 -24.22 -13.70 -1.81
N TRP A 276 -25.17 -14.63 -1.72
CA TRP A 276 -26.06 -14.77 -0.61
C TRP A 276 -25.66 -16.00 0.21
N GLY A 277 -26.59 -16.67 0.88
CA GLY A 277 -26.22 -17.81 1.68
C GLY A 277 -25.36 -17.40 2.87
N LYS A 278 -24.25 -18.10 3.05
CA LYS A 278 -23.30 -17.79 4.14
C LYS A 278 -22.48 -16.51 3.91
N LYS A 279 -22.60 -15.91 2.73
CA LYS A 279 -21.82 -14.77 2.37
C LYS A 279 -22.53 -13.45 2.69
N SER A 280 -23.78 -13.52 3.13
CA SER A 280 -24.56 -12.36 3.52
C SER A 280 -25.21 -12.55 4.87
N THR A 281 -25.50 -11.44 5.54
CA THR A 281 -26.21 -11.51 6.82
C THR A 281 -27.75 -11.37 6.61
N PRO A 282 -28.56 -11.76 7.62
CA PRO A 282 -30.03 -11.60 7.49
C PRO A 282 -30.41 -10.11 7.23
N GLN A 283 -29.59 -9.17 7.71
CA GLN A 283 -29.80 -7.73 7.50
C GLN A 283 -29.73 -7.37 6.04
N ARG A 284 -28.91 -8.07 5.25
CA ARG A 284 -28.87 -7.81 3.85
C ARG A 284 -30.24 -8.09 3.19
N ALA A 285 -30.89 -9.18 3.56
CA ALA A 285 -32.19 -9.52 2.98
C ALA A 285 -33.24 -8.45 3.43
N ILE A 286 -33.17 -8.01 4.69
CA ILE A 286 -34.09 -6.98 5.14
C ILE A 286 -33.87 -5.69 4.33
N ALA A 287 -32.61 -5.33 4.11
CA ALA A 287 -32.26 -4.16 3.23
C ALA A 287 -32.86 -4.29 1.82
N TRP A 288 -32.79 -5.49 1.25
CA TRP A 288 -33.37 -5.78 -0.09
C TRP A 288 -34.85 -5.43 -0.10
N TRP A 289 -35.56 -5.90 0.91
CA TRP A 289 -36.98 -5.56 1.06
C TRP A 289 -37.21 -4.09 1.30
N GLY A 290 -36.26 -3.42 1.97
CA GLY A 290 -36.35 -1.98 2.16
C GLY A 290 -36.27 -1.19 0.89
N ILE A 291 -35.42 -1.63 -0.02
CA ILE A 291 -35.33 -0.98 -1.33
C ILE A 291 -36.67 -1.09 -2.06
N ARG A 292 -37.32 -2.25 -1.98
CA ARG A 292 -38.62 -2.40 -2.64
C ARG A 292 -39.69 -1.56 -1.98
N MET A 293 -39.68 -1.55 -0.64
CA MET A 293 -40.64 -0.75 0.10
C MET A 293 -40.50 0.73 -0.28
N VAL A 294 -39.29 1.24 -0.24
CA VAL A 294 -39.02 2.67 -0.51
C VAL A 294 -39.49 3.01 -1.92
N ARG A 295 -39.21 2.16 -2.89
CA ARG A 295 -39.70 2.42 -4.24
C ARG A 295 -41.21 2.45 -4.30
N ASP A 296 -41.87 1.55 -3.57
CA ASP A 296 -43.35 1.58 -3.52
C ASP A 296 -43.85 2.91 -2.90
N LEU A 297 -43.25 3.30 -1.77
CA LEU A 297 -43.61 4.57 -1.10
C LEU A 297 -43.49 5.76 -2.03
N ASN A 298 -42.39 5.84 -2.73
CA ASN A 298 -42.08 6.96 -3.60
C ASN A 298 -43.00 7.00 -4.83
N MET A 299 -43.10 5.88 -5.55
CA MET A 299 -43.87 5.84 -6.80
C MET A 299 -45.34 5.98 -6.53
N ASN A 300 -45.81 5.33 -5.48
CA ASN A 300 -47.25 5.21 -5.29
C ASN A 300 -47.90 6.02 -4.19
N TYR A 301 -47.11 6.61 -3.28
CA TYR A 301 -47.68 7.41 -2.21
C TYR A 301 -47.12 8.81 -2.17
N LEU A 302 -45.78 8.98 -2.28
CA LEU A 302 -45.14 10.29 -2.07
C LEU A 302 -45.05 11.15 -3.33
N ALA A 303 -44.57 10.60 -4.42
CA ALA A 303 -44.45 11.38 -5.67
C ALA A 303 -45.79 11.94 -6.11
N PRO A 304 -46.90 11.18 -6.04
CA PRO A 304 -48.17 11.76 -6.52
C PRO A 304 -48.71 12.92 -5.68
N LEU A 305 -48.18 13.11 -4.48
CA LEU A 305 -48.60 14.24 -3.63
C LEU A 305 -48.23 15.61 -4.16
N ASN A 306 -47.40 15.70 -5.22
CA ASN A 306 -47.07 17.03 -5.75
C ASN A 306 -48.32 17.80 -6.20
N ALA A 307 -49.37 17.08 -6.65
CA ALA A 307 -50.64 17.73 -6.97
C ALA A 307 -51.39 18.30 -5.73
N SER A 308 -51.08 17.85 -4.51
CA SER A 308 -51.80 18.25 -3.29
C SER A 308 -51.03 19.21 -2.39
N LEU A 309 -49.79 19.54 -2.78
CA LEU A 309 -48.89 20.36 -2.00
C LEU A 309 -48.77 21.74 -2.60
N PRO A 310 -48.55 22.76 -1.77
CA PRO A 310 -48.30 24.07 -2.36
C PRO A 310 -46.93 24.14 -3.06
N ALA A 311 -46.81 25.03 -4.05
CA ALA A 311 -45.60 25.16 -4.84
C ALA A 311 -44.36 25.35 -3.93
N SER A 312 -44.53 26.02 -2.80
CA SER A 312 -43.41 26.21 -1.85
C SER A 312 -42.78 24.91 -1.28
N ARG A 313 -43.53 23.81 -1.28
CA ARG A 313 -42.99 22.49 -0.86
C ARG A 313 -42.25 21.70 -1.93
N LEU A 314 -42.42 22.09 -3.18
CA LEU A 314 -41.97 21.26 -4.27
C LEU A 314 -40.53 21.58 -4.65
N GLY A 315 -39.82 20.62 -5.19
CA GLY A 315 -38.46 20.89 -5.73
C GLY A 315 -38.53 21.64 -7.08
N ARG A 316 -37.36 21.87 -7.68
CA ARG A 316 -37.23 22.73 -8.85
C ARG A 316 -37.80 22.11 -10.12
N GLN A 317 -38.01 20.80 -10.14
CA GLN A 317 -38.70 20.15 -11.26
C GLN A 317 -40.16 19.88 -10.95
N GLY A 318 -40.70 20.51 -9.91
CA GLY A 318 -42.09 20.32 -9.53
C GLY A 318 -42.36 19.06 -8.71
N GLU A 319 -41.31 18.40 -8.19
CA GLU A 319 -41.49 17.13 -7.47
C GLU A 319 -41.83 17.32 -5.99
N ALA A 320 -42.60 16.40 -5.42
CA ALA A 320 -42.81 16.35 -3.97
C ALA A 320 -41.54 15.77 -3.35
N PRO A 321 -41.20 16.21 -2.12
CA PRO A 321 -40.14 15.52 -1.37
C PRO A 321 -40.48 14.08 -1.16
N GLN A 322 -39.46 13.24 -1.24
CA GLN A 322 -39.63 11.79 -1.17
C GLN A 322 -38.70 11.17 -0.15
N ALA A 323 -38.80 9.85 0.03
CA ALA A 323 -38.10 9.14 1.14
C ALA A 323 -36.90 8.37 0.68
N ASP A 324 -35.89 8.27 1.54
CA ASP A 324 -34.80 7.32 1.30
C ASP A 324 -34.63 6.53 2.58
N CYS A 325 -33.56 5.76 2.71
CA CYS A 325 -33.38 4.97 3.93
C CYS A 325 -33.28 5.87 5.18
N ARG A 326 -32.58 6.99 5.02
N ARG A 326 -32.59 7.00 5.01
CA ARG A 326 -32.29 7.91 6.10
CA ARG A 326 -32.30 7.90 6.11
C ARG A 326 -33.59 8.52 6.65
C ARG A 326 -33.60 8.51 6.66
N THR A 327 -34.59 8.71 5.78
CA THR A 327 -35.87 9.30 6.21
C THR A 327 -36.41 8.66 7.50
N CYS A 328 -36.36 7.33 7.61
CA CYS A 328 -36.73 6.63 8.84
C CYS A 328 -35.55 6.35 9.77
N HIS A 329 -34.44 5.90 9.17
CA HIS A 329 -33.36 5.35 9.95
C HIS A 329 -32.52 6.43 10.67
N GLN A 330 -32.28 7.56 10.00
CA GLN A 330 -31.61 8.69 10.59
C GLN A 330 -30.31 8.30 11.28
N GLY A 331 -29.52 7.49 10.59
CA GLY A 331 -28.18 7.11 11.06
C GLY A 331 -28.12 5.97 12.06
N VAL A 332 -29.19 5.21 12.16
CA VAL A 332 -29.33 4.06 13.10
C VAL A 332 -29.76 2.81 12.32
N THR A 333 -29.22 1.63 12.64
CA THR A 333 -29.50 0.42 11.90
C THR A 333 -30.96 -0.05 12.02
N LYS A 334 -31.63 0.30 13.13
CA LYS A 334 -33.09 0.22 13.27
C LYS A 334 -33.58 1.60 13.60
N PRO A 335 -34.59 2.10 12.88
CA PRO A 335 -35.07 3.42 13.24
C PRO A 335 -35.41 3.47 14.74
N LEU A 336 -35.05 4.57 15.38
CA LEU A 336 -35.31 4.78 16.80
C LEU A 336 -34.84 3.64 17.69
N PHE A 337 -33.77 2.98 17.30
CA PHE A 337 -33.22 1.84 18.02
C PHE A 337 -34.25 0.74 18.24
N GLY A 338 -35.22 0.61 17.34
CA GLY A 338 -36.20 -0.44 17.48
C GLY A 338 -37.40 -0.11 18.32
N ALA A 339 -37.60 1.15 18.71
CA ALA A 339 -38.83 1.51 19.45
C ALA A 339 -40.03 1.26 18.59
N SER A 340 -41.14 0.89 19.24
CA SER A 340 -42.35 0.51 18.58
C SER A 340 -43.56 1.10 19.34
N ARG A 341 -44.60 1.41 18.59
CA ARG A 341 -45.88 1.78 19.10
C ARG A 341 -46.97 0.92 18.44
N LEU A 342 -46.61 -0.22 17.88
CA LEU A 342 -47.56 -0.99 17.05
C LEU A 342 -48.78 -1.51 17.80
N LYS A 343 -48.56 -2.04 19.00
CA LYS A 343 -49.67 -2.53 19.83
C LYS A 343 -50.44 -1.35 20.46
N ASP A 344 -49.80 -0.18 20.53
CA ASP A 344 -50.42 1.03 21.12
C ASP A 344 -51.38 1.66 20.17
N TYR A 345 -51.10 1.56 18.87
CA TYR A 345 -51.96 2.21 17.90
C TYR A 345 -52.27 1.23 16.75
N PRO A 346 -53.11 0.21 17.05
CA PRO A 346 -53.39 -0.88 16.08
C PRO A 346 -54.06 -0.36 14.84
N GLU A 347 -54.69 0.81 14.94
CA GLU A 347 -55.26 1.47 13.80
C GLU A 347 -54.27 1.90 12.72
N LEU A 348 -52.99 1.94 13.03
CA LEU A 348 -51.99 2.25 12.02
C LEU A 348 -51.45 0.96 11.35
N GLY A 349 -52.02 -0.18 11.71
CA GLY A 349 -51.66 -1.47 11.08
C GLY A 349 -50.91 -2.42 12.01
N PRO A 350 -50.80 -3.71 11.65
CA PRO A 350 -51.38 -4.32 10.47
C PRO A 350 -52.91 -4.38 10.48
N ILE A 351 -53.50 -4.16 9.33
CA ILE A 351 -54.96 -4.19 9.18
C ILE A 351 -55.39 -5.57 8.64
N LYS A 352 -56.27 -6.26 9.36
CA LYS A 352 -56.86 -7.54 8.93
C LYS A 352 -57.64 -7.34 7.63
N ALA A 353 -57.49 -8.26 6.68
CA ALA A 353 -58.26 -8.21 5.40
C ALA A 353 -59.79 -8.31 5.64
N ALA A 354 -60.63 -7.64 4.85
CA ALA A 354 -60.24 -6.75 3.73
C ALA A 354 -61.37 -5.78 3.38
N FME B 1 -22.25 -19.76 -25.26
N FME B 1 -22.39 -19.86 -24.63
CN FME B 1 -23.08 -20.05 -24.19
CN FME B 1 -22.90 -20.59 -23.58
O1 FME B 1 -23.26 -21.21 -23.84
O1 FME B 1 -22.55 -21.75 -23.41
CA FME B 1 -20.82 -20.02 -25.02
CA FME B 1 -20.94 -20.04 -24.84
CB FME B 1 -20.09 -20.15 -26.36
CB FME B 1 -20.62 -20.06 -26.33
CG FME B 1 -20.70 -19.25 -27.44
CG FME B 1 -20.85 -21.46 -26.92
SD FME B 1 -20.61 -20.01 -29.05
SD FME B 1 -22.51 -21.70 -27.41
CE FME B 1 -19.06 -19.47 -29.66
CE FME B 1 -22.70 -23.47 -27.75
C FME B 1 -20.16 -18.94 -24.18
C FME B 1 -20.18 -18.94 -24.13
O FME B 1 -20.78 -17.94 -23.88
O FME B 1 -20.73 -17.88 -23.89
N TYR B 2 -18.93 -19.21 -23.75
CA TYR B 2 -18.16 -18.29 -22.94
C TYR B 2 -16.86 -17.89 -23.57
N HIS B 3 -16.56 -16.58 -23.48
CA HIS B 3 -15.23 -16.10 -23.91
C HIS B 3 -14.19 -16.76 -22.98
N GLY B 4 -13.07 -17.20 -23.55
CA GLY B 4 -12.04 -17.84 -22.75
C GLY B 4 -12.17 -19.34 -22.51
N ALA B 5 -13.33 -19.93 -22.84
CA ALA B 5 -13.53 -21.35 -22.58
C ALA B 5 -12.81 -22.13 -23.65
N LEU B 6 -12.12 -23.20 -23.26
CA LEU B 6 -11.44 -24.07 -24.21
C LEU B 6 -11.91 -25.51 -24.06
N ALA B 7 -11.41 -26.39 -24.92
CA ALA B 7 -11.64 -27.85 -24.79
C ALA B 7 -11.16 -28.43 -23.44
N GLN B 8 -11.77 -29.55 -23.05
CA GLN B 8 -11.34 -30.32 -21.88
C GLN B 8 -11.47 -29.55 -20.58
N HIS B 9 -12.52 -28.74 -20.46
CA HIS B 9 -12.82 -27.96 -19.26
C HIS B 9 -11.72 -26.93 -18.83
N LEU B 10 -10.88 -26.56 -19.78
CA LEU B 10 -9.81 -25.58 -19.60
C LEU B 10 -10.32 -24.17 -19.98
N ASP B 11 -9.59 -23.16 -19.53
CA ASP B 11 -9.88 -21.75 -19.91
C ASP B 11 -8.55 -21.02 -20.03
N ILE B 12 -8.56 -19.95 -20.79
CA ILE B 12 -7.34 -19.24 -21.14
C ILE B 12 -6.60 -18.74 -19.89
N ALA B 13 -7.30 -18.11 -18.94
CA ALA B 13 -6.58 -17.60 -17.75
C ALA B 13 -5.85 -18.73 -17.00
N GLN B 14 -6.48 -19.89 -16.93
CA GLN B 14 -5.90 -21.07 -16.27
C GLN B 14 -4.58 -21.50 -16.91
N LEU B 15 -4.54 -21.46 -18.24
CA LEU B 15 -3.28 -21.78 -18.95
C LEU B 15 -2.23 -20.72 -18.70
N VAL B 16 -2.66 -19.45 -18.66
CA VAL B 16 -1.74 -18.34 -18.37
C VAL B 16 -1.15 -18.46 -16.97
N TRP B 17 -1.92 -18.96 -16.02
CA TRP B 17 -1.39 -19.20 -14.66
C TRP B 17 -0.15 -20.07 -14.67
N TYR B 18 -0.26 -21.22 -15.31
CA TYR B 18 0.87 -22.15 -15.43
C TYR B 18 2.00 -21.51 -16.19
N ALA B 19 1.69 -20.79 -17.27
CA ALA B 19 2.74 -20.17 -18.05
C ALA B 19 3.53 -19.10 -17.23
N GLN B 20 2.83 -18.31 -16.44
CA GLN B 20 3.48 -17.28 -15.66
C GLN B 20 4.48 -17.86 -14.64
N TRP B 21 4.06 -18.93 -13.97
CA TRP B 21 4.96 -19.63 -13.06
C TRP B 21 6.17 -20.18 -13.76
N LEU B 22 5.96 -20.69 -14.97
CA LEU B 22 7.07 -21.22 -15.77
C LEU B 22 8.06 -20.15 -16.13
N VAL B 23 7.58 -19.01 -16.61
CA VAL B 23 8.43 -17.85 -16.85
C VAL B 23 9.17 -17.39 -15.58
N ILE B 24 8.46 -17.25 -14.49
CA ILE B 24 9.13 -16.82 -13.27
C ILE B 24 10.25 -17.77 -12.84
N TRP B 25 9.96 -19.07 -12.82
CA TRP B 25 10.99 -20.01 -12.37
C TRP B 25 12.16 -20.14 -13.31
N THR B 26 11.87 -20.04 -14.58
CA THR B 26 12.92 -20.02 -15.58
C THR B 26 13.87 -18.86 -15.41
N VAL B 27 13.33 -17.65 -15.23
CA VAL B 27 14.18 -16.50 -15.06
C VAL B 27 14.92 -16.60 -13.74
N VAL B 28 14.23 -16.96 -12.67
CA VAL B 28 14.88 -17.02 -11.36
C VAL B 28 16.01 -18.02 -11.32
N LEU B 29 15.72 -19.24 -11.75
CA LEU B 29 16.64 -20.38 -11.63
C LEU B 29 17.70 -20.44 -12.71
N LEU B 30 17.26 -20.30 -13.97
CA LEU B 30 18.17 -20.51 -15.08
C LEU B 30 18.99 -19.26 -15.35
N TYR B 31 18.41 -18.08 -15.09
CA TYR B 31 19.14 -16.82 -15.37
C TYR B 31 19.73 -16.18 -14.10
N LEU B 32 18.88 -15.70 -13.20
CA LEU B 32 19.35 -14.92 -12.07
C LEU B 32 20.28 -15.72 -11.13
N ARG B 33 19.88 -16.95 -10.80
CA ARG B 33 20.68 -17.75 -9.86
C ARG B 33 22.04 -18.12 -10.47
N ARG B 34 22.15 -18.12 -11.78
CA ARG B 34 23.47 -18.32 -12.40
C ARG B 34 24.28 -17.05 -12.47
N GLU B 35 23.63 -15.91 -12.71
CA GLU B 35 24.31 -14.60 -12.55
C GLU B 35 24.90 -14.45 -11.16
N ASP B 36 24.17 -14.96 -10.15
CA ASP B 36 24.61 -14.96 -8.77
C ASP B 36 25.93 -15.72 -8.53
N ARG B 37 26.37 -16.51 -9.48
CA ARG B 37 27.53 -17.41 -9.29
C ARG B 37 28.73 -16.94 -10.13
N ARG B 38 28.74 -15.64 -10.49
CA ARG B 38 29.90 -15.09 -11.24
C ARG B 38 31.07 -14.79 -10.33
N GLU B 39 30.88 -14.91 -9.01
CA GLU B 39 31.93 -14.71 -8.02
C GLU B 39 31.90 -15.85 -7.05
N GLY B 40 33.09 -16.29 -6.64
CA GLY B 40 33.25 -17.26 -5.57
C GLY B 40 33.17 -18.73 -5.97
N TYR B 41 32.85 -18.99 -7.23
CA TYR B 41 32.54 -20.39 -7.70
C TYR B 41 33.61 -20.81 -8.67
N PRO B 42 33.93 -22.12 -8.72
CA PRO B 42 33.32 -23.20 -7.94
C PRO B 42 33.71 -23.22 -6.46
N LEU B 43 32.81 -23.78 -5.68
CA LEU B 43 32.99 -23.92 -4.27
C LEU B 43 34.28 -24.68 -4.00
N VAL B 44 34.82 -24.50 -2.80
CA VAL B 44 36.07 -25.12 -2.36
C VAL B 44 35.71 -26.17 -1.29
N GLU B 45 36.26 -27.38 -1.44
CA GLU B 45 35.90 -28.52 -0.58
C GLU B 45 37.03 -28.80 0.42
N PRO B 46 36.67 -29.17 1.67
CA PRO B 46 37.69 -29.45 2.69
C PRO B 46 38.68 -30.55 2.29
N LEU B 47 39.95 -30.35 2.65
CA LEU B 47 41.06 -31.23 2.26
C LEU B 47 41.38 -31.02 0.77
N GLY B 48 40.52 -31.55 -0.08
CA GLY B 48 40.64 -31.38 -1.51
C GLY B 48 39.53 -32.13 -2.21
N LEU B 49 39.81 -33.39 -2.55
CA LEU B 49 39.01 -34.14 -3.51
C LEU B 49 38.74 -33.24 -4.72
N VAL B 50 39.72 -32.38 -5.01
CA VAL B 50 39.53 -31.17 -5.84
C VAL B 50 39.04 -31.46 -7.25
N LYS B 51 39.97 -31.59 -8.21
CA LYS B 51 39.58 -31.89 -9.60
C LYS B 51 40.78 -32.04 -10.56
N LEU B 52 41.20 -33.26 -10.96
CA LEU B 52 40.74 -34.61 -10.50
C LEU B 52 39.41 -35.12 -11.10
N ALA B 53 38.30 -34.47 -10.77
CA ALA B 53 36.97 -34.84 -11.24
C ALA B 53 35.94 -33.75 -10.88
N PRO B 54 35.86 -32.66 -11.69
CA PRO B 54 34.81 -31.62 -11.53
C PRO B 54 33.39 -32.14 -11.81
N GLU B 55 32.56 -32.17 -10.76
CA GLU B 55 31.20 -32.65 -10.87
C GLU B 55 30.39 -31.88 -11.93
N ASP B 56 29.47 -32.62 -12.56
CA ASP B 56 28.63 -32.10 -13.60
C ASP B 56 27.94 -30.82 -13.07
N GLY B 57 27.47 -30.87 -11.83
CA GLY B 57 26.70 -29.77 -11.23
C GLY B 57 27.53 -28.51 -11.10
N GLN B 58 28.85 -28.67 -11.00
CA GLN B 58 29.74 -27.53 -10.93
C GLN B 58 29.78 -26.78 -12.26
N VAL B 59 29.50 -27.49 -13.37
CA VAL B 59 29.41 -26.87 -14.70
C VAL B 59 28.02 -26.31 -14.89
N TYR B 60 26.99 -27.09 -14.51
CA TYR B 60 25.61 -26.67 -14.77
C TYR B 60 25.19 -25.40 -14.06
N GLU B 61 25.73 -25.17 -12.86
CA GLU B 61 25.27 -24.00 -12.07
C GLU B 61 25.90 -22.68 -12.57
N LEU B 62 26.97 -22.78 -13.37
CA LEU B 62 27.65 -21.60 -13.84
C LEU B 62 27.07 -21.01 -15.14
N PRO B 63 27.04 -19.64 -15.27
CA PRO B 63 26.74 -19.06 -16.58
C PRO B 63 27.99 -19.12 -17.49
N TYR B 64 27.83 -18.89 -18.79
CA TYR B 64 28.99 -18.68 -19.66
C TYR B 64 29.75 -17.41 -19.19
N PRO B 65 31.08 -17.39 -19.29
CA PRO B 65 31.83 -16.19 -18.84
C PRO B 65 31.44 -14.94 -19.63
N LYS B 66 31.51 -13.79 -18.97
CA LYS B 66 31.32 -12.50 -19.62
C LYS B 66 32.62 -11.75 -19.41
N THR B 67 32.89 -10.85 -20.33
CA THR B 67 34.12 -10.07 -20.32
C THR B 67 33.72 -8.57 -20.26
N PHE B 68 34.18 -7.88 -19.24
CA PHE B 68 34.03 -6.41 -19.17
C PHE B 68 35.23 -5.77 -19.87
N VAL B 69 34.97 -4.83 -20.77
CA VAL B 69 36.01 -3.98 -21.34
C VAL B 69 36.19 -2.73 -20.44
N LEU B 70 37.35 -2.59 -19.79
CA LEU B 70 37.52 -1.58 -18.76
C LEU B 70 37.69 -0.18 -19.36
N PRO B 71 37.25 0.86 -18.62
CA PRO B 71 37.35 2.21 -19.19
C PRO B 71 38.79 2.68 -19.52
N HIS B 72 39.81 2.19 -18.80
CA HIS B 72 41.16 2.70 -19.00
C HIS B 72 42.12 1.61 -19.53
N GLY B 73 41.59 0.55 -20.19
CA GLY B 73 42.44 -0.50 -20.82
C GLY B 73 42.35 -1.81 -20.07
N GLY B 74 42.47 -2.92 -20.79
CA GLY B 74 42.40 -4.24 -20.19
C GLY B 74 40.96 -4.76 -20.14
N THR B 75 40.81 -6.00 -19.70
CA THR B 75 39.49 -6.62 -19.61
C THR B 75 39.46 -7.43 -18.33
N VAL B 76 38.24 -7.77 -17.90
CA VAL B 76 38.03 -8.61 -16.72
C VAL B 76 36.98 -9.66 -17.10
N THR B 77 37.23 -10.95 -16.84
CA THR B 77 36.30 -12.04 -17.27
C THR B 77 35.77 -12.72 -16.02
N VAL B 78 34.46 -12.90 -15.92
CA VAL B 78 33.88 -13.62 -14.78
C VAL B 78 32.76 -14.55 -15.22
N PRO B 79 32.62 -15.73 -14.56
CA PRO B 79 33.49 -16.26 -13.52
C PRO B 79 34.82 -16.66 -14.10
N ARG B 80 35.82 -16.68 -13.24
CA ARG B 80 37.11 -17.21 -13.58
C ARG B 80 37.72 -17.81 -12.31
N ARG B 81 38.64 -18.73 -12.49
CA ARG B 81 39.37 -19.37 -11.38
C ARG B 81 40.15 -18.30 -10.63
N ARG B 82 39.94 -18.20 -9.32
CA ARG B 82 40.64 -17.20 -8.51
C ARG B 82 41.19 -17.83 -7.24
N PRO B 83 42.45 -18.31 -7.31
CA PRO B 83 43.07 -19.01 -6.18
C PRO B 83 43.19 -18.05 -5.00
N GLU B 84 42.96 -18.51 -3.77
CA GLU B 84 43.39 -17.70 -2.61
C GLU B 84 44.61 -18.38 -2.00
N THR B 85 45.76 -17.78 -2.30
CA THR B 85 47.06 -18.38 -2.06
C THR B 85 47.48 -18.17 -0.63
N ARG B 86 47.39 -16.91 -0.20
CA ARG B 86 48.04 -16.46 1.03
C ARG B 86 47.67 -17.40 2.18
N GLU B 87 48.71 -18.00 2.78
CA GLU B 87 48.53 -18.84 3.96
C GLU B 87 47.73 -18.02 4.96
N LEU B 88 46.77 -18.66 5.60
CA LEU B 88 45.92 -17.99 6.56
C LEU B 88 46.43 -18.31 7.95
N LYS B 89 46.72 -17.30 8.74
CA LYS B 89 47.05 -17.48 10.12
C LYS B 89 45.76 -17.75 10.94
N LEU B 90 45.14 -18.90 10.64
CA LEU B 90 43.99 -19.44 11.33
C LEU B 90 44.20 -20.93 11.63
N ALA B 91 43.64 -21.40 12.74
CA ALA B 91 43.63 -22.83 13.08
C ALA B 91 42.22 -23.26 13.42
N GLN B 92 41.98 -24.56 13.26
CA GLN B 92 40.68 -25.13 13.53
C GLN B 92 40.39 -25.19 15.02
N THR B 93 39.16 -24.89 15.43
CA THR B 93 38.82 -25.01 16.85
C THR B 93 38.33 -26.44 17.19
N ASP B 94 38.03 -27.23 16.16
CA ASP B 94 37.33 -28.49 16.29
C ASP B 94 37.45 -29.15 14.92
N GLY B 95 37.30 -30.48 14.87
CA GLY B 95 37.50 -31.23 13.61
C GLY B 95 36.32 -31.20 12.63
N PHE B 96 35.12 -30.95 13.12
CA PHE B 96 33.95 -30.97 12.22
C PHE B 96 33.94 -29.78 11.27
N GLU B 97 33.42 -30.00 10.07
CA GLU B 97 33.65 -29.11 8.94
C GLU B 97 33.02 -27.70 9.10
N GLY B 98 31.94 -27.60 9.86
CA GLY B 98 31.38 -26.26 10.11
C GLY B 98 31.95 -25.53 11.31
N ALA B 99 33.01 -26.06 11.95
CA ALA B 99 33.58 -25.42 13.14
C ALA B 99 34.28 -24.12 12.75
N PRO B 100 34.23 -23.10 13.60
CA PRO B 100 34.96 -21.87 13.21
C PRO B 100 36.49 -21.97 13.36
N LEU B 101 37.20 -21.02 12.75
CA LEU B 101 38.61 -20.96 12.83
C LEU B 101 39.00 -19.89 13.87
N GLN B 102 40.22 -19.96 14.36
CA GLN B 102 40.68 -18.93 15.24
C GLN B 102 42.07 -18.47 14.89
N PRO B 103 42.34 -17.17 15.06
CA PRO B 103 43.62 -16.57 14.69
C PRO B 103 44.80 -17.24 15.43
N THR B 104 45.89 -17.50 14.72
CA THR B 104 47.11 -18.01 15.37
C THR B 104 48.08 -16.89 15.79
N GLY B 105 47.90 -15.67 15.28
CA GLY B 105 48.71 -14.54 15.72
C GLY B 105 47.90 -13.29 16.07
N ASN B 106 48.39 -12.15 15.63
CA ASN B 106 47.68 -10.90 15.72
C ASN B 106 46.79 -10.87 14.47
N PRO B 107 45.45 -10.94 14.64
CA PRO B 107 44.56 -11.05 13.47
C PRO B 107 44.44 -9.74 12.65
N LEU B 108 44.75 -8.59 13.26
CA LEU B 108 44.70 -7.30 12.55
C LEU B 108 45.83 -7.24 11.55
N VAL B 109 47.02 -7.61 12.03
CA VAL B 109 48.20 -7.67 11.16
C VAL B 109 48.09 -8.83 10.18
N ASP B 110 47.64 -10.01 10.63
CA ASP B 110 47.57 -11.17 9.74
C ASP B 110 46.39 -11.07 8.74
N ALA B 111 45.40 -10.21 9.02
CA ALA B 111 44.30 -9.92 8.09
C ALA B 111 43.43 -11.15 7.93
N VAL B 112 42.88 -11.58 9.05
CA VAL B 112 41.93 -12.69 9.09
C VAL B 112 40.63 -12.23 9.75
N GLY B 113 39.59 -13.04 9.59
CA GLY B 113 38.27 -12.73 10.07
C GLY B 113 37.76 -11.40 9.53
N PRO B 114 37.09 -10.60 10.39
CA PRO B 114 36.69 -9.29 9.91
C PRO B 114 37.86 -8.32 9.62
N ALA B 115 39.11 -8.75 9.82
CA ALA B 115 40.30 -7.98 9.36
C ALA B 115 40.81 -8.37 7.96
N SER B 116 40.07 -9.27 7.29
CA SER B 116 40.40 -9.71 5.96
C SER B 116 40.18 -8.65 4.89
N TYR B 117 41.03 -8.68 3.88
CA TYR B 117 40.82 -7.85 2.69
C TYR B 117 40.78 -8.76 1.47
N ALA B 118 40.28 -8.20 0.39
CA ALA B 118 40.18 -8.93 -0.88
C ALA B 118 41.41 -8.63 -1.72
N GLU B 119 41.75 -9.56 -2.59
CA GLU B 119 42.88 -9.40 -3.51
C GLU B 119 42.49 -8.54 -4.72
N ARG B 120 42.13 -7.30 -4.46
CA ARG B 120 41.87 -6.32 -5.51
C ARG B 120 43.14 -5.97 -6.28
N ALA B 121 42.95 -5.43 -7.46
CA ALA B 121 44.03 -4.96 -8.28
C ALA B 121 44.88 -3.89 -7.57
N GLU B 122 46.19 -3.98 -7.72
CA GLU B 122 47.09 -2.95 -7.22
C GLU B 122 47.16 -1.83 -8.23
N VAL B 123 46.00 -1.27 -8.55
CA VAL B 123 45.91 -0.14 -9.46
C VAL B 123 45.20 0.99 -8.69
N VAL B 124 45.59 2.21 -9.01
CA VAL B 124 44.96 3.41 -8.50
C VAL B 124 43.61 3.60 -9.20
N ASP B 125 42.51 3.70 -8.44
CA ASP B 125 41.24 3.96 -9.05
C ASP B 125 41.31 5.31 -9.77
N ALA B 126 40.72 5.36 -10.96
CA ALA B 126 40.84 6.51 -11.83
C ALA B 126 39.55 7.30 -11.97
N THR B 127 39.70 8.60 -12.24
CA THR B 127 38.59 9.46 -12.66
C THR B 127 38.25 9.15 -14.14
N VAL B 128 37.12 9.64 -14.60
CA VAL B 128 36.72 9.47 -16.01
C VAL B 128 37.78 9.95 -16.99
N ASP B 129 38.54 10.98 -16.64
CA ASP B 129 39.65 11.37 -17.55
C ASP B 129 41.03 10.89 -17.13
N GLY B 130 41.10 9.88 -16.27
CA GLY B 130 42.35 9.16 -16.03
C GLY B 130 43.25 9.72 -14.97
N LYS B 131 42.76 10.64 -14.14
CA LYS B 131 43.53 11.08 -12.96
C LYS B 131 43.23 10.16 -11.76
N ALA B 132 44.09 10.18 -10.74
CA ALA B 132 43.89 9.44 -9.51
C ALA B 132 42.58 9.93 -8.81
N LYS B 133 41.66 9.03 -8.57
CA LYS B 133 40.34 9.43 -8.02
C LYS B 133 40.39 9.90 -6.57
N ILE B 134 41.06 9.16 -5.70
CA ILE B 134 41.03 9.38 -4.27
C ILE B 134 42.39 9.97 -3.86
N VAL B 135 42.39 11.26 -3.52
CA VAL B 135 43.65 11.98 -3.29
C VAL B 135 43.45 12.99 -2.15
N PRO B 136 44.52 13.27 -1.43
CA PRO B 136 44.44 14.30 -0.36
C PRO B 136 44.22 15.72 -0.91
N LEU B 137 43.67 16.58 -0.08
CA LEU B 137 43.47 18.00 -0.46
C LEU B 137 44.74 18.74 -0.84
N ARG B 138 45.89 18.32 -0.29
CA ARG B 138 47.17 18.93 -0.66
C ARG B 138 47.46 18.76 -2.16
N VAL B 139 46.87 17.73 -2.79
CA VAL B 139 46.96 17.45 -4.22
C VAL B 139 45.70 18.02 -4.91
N ALA B 140 44.52 17.72 -4.36
CA ALA B 140 43.22 18.19 -4.93
C ALA B 140 42.90 19.62 -4.48
N THR B 141 43.70 20.55 -4.98
CA THR B 141 43.74 21.92 -4.48
C THR B 141 42.53 22.72 -4.94
N ASP B 142 41.82 22.18 -5.94
CA ASP B 142 40.55 22.76 -6.35
C ASP B 142 39.34 22.27 -5.54
N PHE B 143 39.56 21.36 -4.59
CA PHE B 143 38.49 20.93 -3.66
C PHE B 143 38.59 21.60 -2.29
N SER B 144 37.48 21.69 -1.58
CA SER B 144 37.42 22.35 -0.28
C SER B 144 36.33 21.74 0.57
N ILE B 145 36.31 22.09 1.85
CA ILE B 145 35.32 21.62 2.83
C ILE B 145 34.20 22.61 2.76
N ALA B 146 32.96 22.13 2.69
CA ALA B 146 31.80 23.00 2.64
C ALA B 146 31.75 23.90 3.88
N GLU B 147 31.39 25.16 3.67
CA GLU B 147 31.13 26.09 4.78
C GLU B 147 30.06 25.56 5.72
N GLY B 148 30.36 25.54 7.02
CA GLY B 148 29.41 24.98 7.98
C GLY B 148 29.90 23.70 8.62
N ASP B 149 30.88 23.03 7.97
CA ASP B 149 31.39 21.75 8.46
C ASP B 149 32.74 21.87 9.16
N VAL B 150 33.03 20.92 10.06
CA VAL B 150 34.28 20.88 10.82
C VAL B 150 35.45 20.71 9.85
N ASP B 151 36.49 21.52 9.99
CA ASP B 151 37.78 21.26 9.29
C ASP B 151 38.60 20.42 10.26
N PRO B 152 38.80 19.15 9.95
CA PRO B 152 39.45 18.29 10.94
C PRO B 152 40.97 18.44 11.09
N ARG B 153 41.64 19.16 10.18
CA ARG B 153 43.11 19.26 10.19
C ARG B 153 43.60 19.94 11.47
N GLY B 154 44.61 19.37 12.13
CA GLY B 154 44.99 19.84 13.46
C GLY B 154 44.28 19.19 14.64
N LEU B 155 43.16 18.52 14.41
CA LEU B 155 42.42 17.93 15.53
C LEU B 155 43.08 16.64 16.02
N PRO B 156 42.98 16.36 17.32
CA PRO B 156 43.42 15.05 17.83
C PRO B 156 42.46 13.89 17.45
N VAL B 157 43.04 12.73 17.17
CA VAL B 157 42.31 11.50 17.01
C VAL B 157 42.39 10.77 18.37
N VAL B 158 41.22 10.43 18.90
CA VAL B 158 41.09 9.79 20.19
C VAL B 158 40.55 8.35 20.01
N ALA B 159 41.35 7.37 20.43
CA ALA B 159 41.07 5.94 20.15
C ALA B 159 40.11 5.35 21.22
N ALA B 160 39.84 4.05 21.16
CA ALA B 160 38.77 3.44 22.00
C ALA B 160 39.11 3.44 23.50
N ASP B 161 40.40 3.49 23.84
CA ASP B 161 40.84 3.62 25.22
C ASP B 161 40.85 5.08 25.72
N GLY B 162 40.44 6.02 24.85
CA GLY B 162 40.37 7.45 25.17
C GLY B 162 41.71 8.12 25.18
N VAL B 163 42.73 7.44 24.67
CA VAL B 163 44.07 7.95 24.59
C VAL B 163 44.24 8.54 23.19
N GLU B 164 44.96 9.66 23.11
CA GLU B 164 45.20 10.33 21.84
C GLU B 164 46.20 9.53 21.01
N ALA B 165 45.81 9.16 19.80
CA ALA B 165 46.63 8.31 18.93
C ALA B 165 47.41 9.13 17.90
N GLY B 166 46.99 10.39 17.66
CA GLY B 166 47.68 11.20 16.67
C GLY B 166 46.92 12.45 16.30
N THR B 167 47.38 13.14 15.26
CA THR B 167 46.82 14.43 14.85
C THR B 167 46.40 14.38 13.40
N VAL B 168 45.19 14.85 13.08
CA VAL B 168 44.74 14.85 11.67
C VAL B 168 45.60 15.86 10.87
N THR B 169 46.22 15.41 9.78
CA THR B 169 46.91 16.27 8.81
C THR B 169 46.23 16.53 7.45
N ASP B 170 45.34 15.65 6.98
CA ASP B 170 44.67 15.93 5.69
C ASP B 170 43.42 15.12 5.58
N LEU B 171 42.65 15.42 4.52
CA LEU B 171 41.46 14.68 4.12
C LEU B 171 41.69 14.20 2.68
N TRP B 172 41.27 12.97 2.40
CA TRP B 172 41.32 12.44 1.03
C TRP B 172 39.92 12.46 0.44
N VAL B 173 39.82 13.08 -0.74
CA VAL B 173 38.53 13.28 -1.42
C VAL B 173 38.46 12.38 -2.67
N ASP B 174 37.25 11.95 -2.98
CA ASP B 174 36.94 11.18 -4.19
C ASP B 174 36.58 12.28 -5.18
N ARG B 175 37.45 12.49 -6.16
CA ARG B 175 37.22 13.52 -7.16
C ARG B 175 36.07 13.23 -8.13
N SER B 176 35.69 11.97 -8.27
CA SER B 176 34.58 11.61 -9.18
C SER B 176 33.20 11.80 -8.58
N GLU B 177 33.10 11.59 -7.27
N GLU B 177 33.08 11.56 -7.27
CA GLU B 177 31.83 11.67 -6.56
CA GLU B 177 31.81 11.66 -6.57
C GLU B 177 31.69 12.94 -5.72
C GLU B 177 31.72 12.86 -5.63
N HIS B 178 32.81 13.64 -5.47
CA HIS B 178 32.84 14.88 -4.63
C HIS B 178 32.48 14.57 -3.19
N TYR B 179 33.29 13.68 -2.60
CA TYR B 179 32.93 13.05 -1.35
C TYR B 179 34.22 12.63 -0.64
N PHE B 180 34.36 13.05 0.60
CA PHE B 180 35.51 12.67 1.43
C PHE B 180 35.41 11.23 1.88
N ARG B 181 36.50 10.47 1.70
CA ARG B 181 36.52 9.06 2.07
C ARG B 181 37.52 8.68 3.17
N TYR B 182 38.62 9.43 3.31
CA TYR B 182 39.60 9.16 4.38
C TYR B 182 40.06 10.42 5.07
N LEU B 183 40.44 10.26 6.34
CA LEU B 183 41.26 11.19 7.05
C LEU B 183 42.69 10.62 7.10
N GLU B 184 43.67 11.50 7.07
CA GLU B 184 45.10 11.13 7.19
C GLU B 184 45.60 11.75 8.50
N LEU B 185 46.31 10.96 9.30
CA LEU B 185 46.77 11.45 10.57
C LEU B 185 48.22 11.10 10.76
N SER B 186 48.90 11.92 11.53
CA SER B 186 50.24 11.63 11.93
C SER B 186 50.16 10.78 13.22
N VAL B 187 50.83 9.63 13.26
CA VAL B 187 50.65 8.72 14.41
C VAL B 187 51.60 9.02 15.57
N ALA B 188 51.05 9.27 16.76
CA ALA B 188 51.90 9.75 17.89
C ALA B 188 52.93 8.70 18.32
N GLY B 189 54.19 9.09 18.41
CA GLY B 189 55.25 8.20 18.91
C GLY B 189 55.72 7.19 17.88
N SER B 190 55.00 7.05 16.79
CA SER B 190 55.54 6.37 15.62
C SER B 190 55.94 7.52 14.72
N ALA B 191 56.75 7.27 13.74
CA ALA B 191 57.20 8.31 12.86
C ALA B 191 56.55 7.92 11.56
N ARG B 192 55.23 8.01 11.50
CA ARG B 192 54.53 7.60 10.32
C ARG B 192 53.18 8.29 10.21
N THR B 193 52.64 8.21 9.00
CA THR B 193 51.30 8.68 8.67
C THR B 193 50.38 7.43 8.52
N ALA B 194 49.07 7.60 8.74
CA ALA B 194 48.10 6.50 8.60
C ALA B 194 46.80 7.06 8.03
N LEU B 195 46.11 6.29 7.20
CA LEU B 195 44.75 6.68 6.79
C LEU B 195 43.72 5.98 7.63
N ILE B 196 42.55 6.60 7.72
CA ILE B 196 41.42 6.02 8.37
C ILE B 196 40.17 6.36 7.57
N PRO B 197 39.33 5.36 7.26
CA PRO B 197 38.11 5.67 6.51
C PRO B 197 37.18 6.54 7.35
N LEU B 198 36.50 7.48 6.72
CA LEU B 198 35.58 8.36 7.47
C LEU B 198 34.46 7.61 8.17
N GLY B 199 34.11 6.45 7.66
CA GLY B 199 33.04 5.63 8.31
C GLY B 199 33.46 5.11 9.70
N PHE B 200 34.75 5.16 10.02
CA PHE B 200 35.24 4.81 11.36
C PHE B 200 35.50 6.01 12.24
N CYS B 201 35.16 7.19 11.71
CA CYS B 201 35.39 8.47 12.43
C CYS B 201 34.11 9.10 12.91
N ASP B 202 34.08 9.43 14.20
CA ASP B 202 33.01 10.26 14.74
C ASP B 202 33.61 11.69 14.83
N VAL B 203 33.22 12.54 13.87
CA VAL B 203 33.79 13.86 13.73
C VAL B 203 33.16 14.83 14.71
N LYS B 204 33.93 15.27 15.69
CA LYS B 204 33.43 16.29 16.62
C LYS B 204 34.18 17.58 16.39
N LYS B 205 33.65 18.68 16.93
CA LYS B 205 34.30 19.99 16.75
C LYS B 205 35.73 20.03 17.28
N ASP B 206 36.05 19.25 18.31
CA ASP B 206 37.36 19.34 19.01
C ASP B 206 38.23 18.08 18.96
N LYS B 207 37.75 17.01 18.32
CA LYS B 207 38.45 15.73 18.21
C LYS B 207 37.77 14.79 17.22
N ILE B 208 38.52 13.79 16.77
CA ILE B 208 37.98 12.70 16.00
C ILE B 208 38.00 11.46 16.93
N VAL B 209 36.83 10.90 17.20
CA VAL B 209 36.71 9.72 18.05
C VAL B 209 36.64 8.48 17.18
N VAL B 210 37.52 7.52 17.49
CA VAL B 210 37.64 6.26 16.78
C VAL B 210 37.52 5.10 17.79
N THR B 211 36.38 4.42 17.79
CA THR B 211 36.17 3.35 18.77
C THR B 211 36.62 1.96 18.26
N SER B 212 36.95 1.88 16.98
CA SER B 212 37.23 0.58 16.37
C SER B 212 38.53 -0.05 16.87
N ILE B 213 39.54 0.77 17.17
CA ILE B 213 40.84 0.30 17.67
C ILE B 213 41.37 1.15 18.86
N LEU B 214 42.32 0.57 19.59
CA LEU B 214 42.95 1.23 20.70
C LEU B 214 44.09 2.10 20.15
N SER B 215 44.60 3.03 20.95
CA SER B 215 45.62 3.95 20.47
C SER B 215 46.87 3.22 19.98
N GLU B 216 47.36 2.28 20.78
CA GLU B 216 48.58 1.53 20.44
C GLU B 216 48.45 0.76 19.09
N GLN B 217 47.22 0.43 18.69
CA GLN B 217 47.00 -0.31 17.44
C GLN B 217 47.12 0.54 16.14
N PHE B 218 47.16 1.86 16.27
CA PHE B 218 47.38 2.73 15.09
C PHE B 218 48.77 2.55 14.49
N ALA B 219 49.75 2.13 15.31
CA ALA B 219 51.11 1.84 14.82
C ALA B 219 51.22 0.83 13.68
N ASN B 220 50.27 -0.11 13.58
CA ASN B 220 50.34 -1.14 12.56
C ASN B 220 49.30 -0.99 11.48
N VAL B 221 48.64 0.16 11.37
CA VAL B 221 47.70 0.41 10.25
C VAL B 221 48.47 0.17 8.99
N PRO B 222 47.86 -0.49 7.98
CA PRO B 222 48.66 -0.74 6.75
C PRO B 222 49.16 0.55 6.10
N ARG B 223 50.35 0.49 5.52
CA ARG B 223 51.03 1.67 4.96
C ARG B 223 50.88 1.69 3.45
N LEU B 224 50.67 2.88 2.90
CA LEU B 224 50.58 3.08 1.45
C LEU B 224 51.98 3.02 0.85
N GLN B 225 52.04 2.60 -0.41
CA GLN B 225 53.28 2.54 -1.17
C GLN B 225 53.76 3.94 -1.55
N SER B 226 52.81 4.85 -1.74
CA SER B 226 53.07 6.24 -2.16
C SER B 226 52.33 7.21 -1.25
N ARG B 227 52.79 8.45 -1.18
N ARG B 227 52.80 8.45 -1.15
CA ARG B 227 52.31 9.43 -0.23
CA ARG B 227 52.24 9.40 -0.20
C ARG B 227 50.95 10.04 -0.64
C ARG B 227 50.89 9.95 -0.64
N ASP B 228 50.72 10.15 -1.94
CA ASP B 228 49.63 10.96 -2.48
C ASP B 228 48.68 10.18 -3.39
N GLN B 229 48.76 8.84 -3.41
CA GLN B 229 47.77 8.05 -4.13
C GLN B 229 47.59 6.73 -3.39
N ILE B 230 46.50 6.04 -3.70
CA ILE B 230 46.16 4.79 -3.02
C ILE B 230 45.62 3.82 -4.04
N THR B 231 46.03 2.55 -3.94
CA THR B 231 45.50 1.52 -4.83
C THR B 231 44.21 0.91 -4.26
N LEU B 232 43.44 0.24 -5.11
CA LEU B 232 42.20 -0.38 -4.68
C LEU B 232 42.53 -1.46 -3.62
N ARG B 233 43.63 -2.15 -3.77
CA ARG B 233 43.97 -3.15 -2.75
C ARG B 233 44.37 -2.51 -1.42
N GLU B 234 45.13 -1.42 -1.48
CA GLU B 234 45.46 -0.64 -0.26
C GLU B 234 44.21 -0.11 0.46
N GLU B 235 43.26 0.42 -0.31
CA GLU B 235 41.96 0.81 0.26
C GLU B 235 41.31 -0.36 1.03
N ASP B 236 41.37 -1.58 0.50
CA ASP B 236 40.77 -2.72 1.14
C ASP B 236 41.58 -3.07 2.40
N LYS B 237 42.90 -2.99 2.32
CA LYS B 237 43.76 -3.28 3.48
C LYS B 237 43.50 -2.32 4.64
N VAL B 238 43.38 -1.04 4.31
CA VAL B 238 43.19 0.00 5.32
C VAL B 238 41.82 -0.14 6.00
N SER B 239 40.74 -0.28 5.22
CA SER B 239 39.41 -0.38 5.79
CA SER B 239 39.42 -0.38 5.83
C SER B 239 39.27 -1.66 6.63
N ALA B 240 39.87 -2.75 6.16
CA ALA B 240 39.77 -4.03 6.82
C ALA B 240 40.44 -3.98 8.18
N TYR B 241 41.52 -3.23 8.32
CA TYR B 241 42.26 -3.21 9.58
C TYR B 241 41.41 -2.66 10.70
N TYR B 242 40.73 -1.56 10.46
CA TYR B 242 39.83 -0.99 11.47
C TYR B 242 38.62 -1.87 11.78
N ALA B 243 38.03 -2.47 10.74
CA ALA B 243 36.91 -3.39 10.94
C ALA B 243 37.36 -4.57 11.78
N GLY B 244 38.60 -5.05 11.60
CA GLY B 244 39.13 -6.09 12.49
C GLY B 244 39.01 -5.73 13.97
N GLY B 245 39.27 -4.47 14.27
CA GLY B 245 39.23 -3.98 15.63
C GLY B 245 37.88 -4.16 16.27
N LEU B 246 36.83 -4.11 15.46
CA LEU B 246 35.49 -4.25 16.03
C LEU B 246 35.37 -5.59 16.77
N LEU B 247 36.05 -6.63 16.28
CA LEU B 247 36.00 -7.95 16.92
C LEU B 247 37.20 -8.25 17.78
N TYR B 248 38.34 -7.65 17.43
CA TYR B 248 39.61 -8.02 17.99
C TYR B 248 40.38 -6.92 18.79
N ALA B 249 39.88 -5.68 18.89
CA ALA B 249 40.69 -4.64 19.59
C ALA B 249 41.04 -5.05 21.04
N THR B 250 40.10 -5.73 21.73
CA THR B 250 40.35 -6.32 23.07
C THR B 250 39.88 -7.81 23.09
N PRO B 251 40.39 -8.61 24.03
CA PRO B 251 39.90 -10.04 24.04
C PRO B 251 38.40 -10.15 24.27
N GLU B 252 37.80 -9.18 24.97
CA GLU B 252 36.37 -9.23 25.27
C GLU B 252 35.49 -9.14 24.04
N ARG B 253 35.98 -8.46 23.01
CA ARG B 253 35.08 -8.13 21.88
C ARG B 253 34.61 -9.32 21.04
N ALA B 254 35.38 -10.41 21.03
CA ALA B 254 34.99 -11.61 20.27
C ALA B 254 33.91 -12.40 21.06
N GLU B 255 33.82 -12.13 22.37
CA GLU B 255 32.96 -12.95 23.26
C GLU B 255 31.54 -12.40 23.28
N SER B 256 30.61 -13.22 23.76
CA SER B 256 29.19 -12.86 23.79
C SER B 256 29.00 -11.45 24.34
N LEU B 257 28.16 -10.64 23.69
CA LEU B 257 27.83 -9.30 24.21
C LEU B 257 27.05 -9.33 25.51
N LEU B 258 26.12 -10.27 25.64
CA LEU B 258 25.19 -10.37 26.78
C LEU B 258 25.44 -11.66 27.58
N ALA C 1 30.59 -26.94 1.26
CA ALA C 1 31.71 -26.32 0.54
C ALA C 1 31.60 -24.81 0.73
N LEU C 2 32.68 -24.12 0.46
CA LEU C 2 32.84 -22.72 0.77
C LEU C 2 33.00 -21.96 -0.53
N LEU C 3 32.52 -20.71 -0.56
CA LEU C 3 32.94 -19.81 -1.64
C LEU C 3 34.44 -19.69 -1.62
N SER C 4 35.02 -19.40 -2.79
CA SER C 4 36.46 -19.39 -2.94
C SER C 4 37.09 -18.38 -1.98
N PHE C 5 36.37 -17.32 -1.62
CA PHE C 5 36.89 -16.25 -0.75
C PHE C 5 36.45 -16.32 0.71
N GLU C 6 35.79 -17.40 1.06
CA GLU C 6 34.98 -17.45 2.30
C GLU C 6 35.77 -17.84 3.53
N ARG C 7 36.72 -18.74 3.36
CA ARG C 7 37.34 -19.38 4.51
C ARG C 7 37.95 -18.38 5.51
N LYS C 8 38.58 -17.33 5.00
CA LYS C 8 39.24 -16.34 5.84
C LYS C 8 38.28 -15.64 6.78
N TYR C 9 36.98 -15.64 6.47
CA TYR C 9 35.98 -14.93 7.26
C TYR C 9 35.32 -15.83 8.32
N ARG C 10 35.58 -17.14 8.26
CA ARG C 10 34.88 -18.10 9.11
C ARG C 10 35.57 -18.25 10.46
N VAL C 11 35.62 -17.15 11.19
CA VAL C 11 36.27 -17.08 12.49
C VAL C 11 35.25 -17.22 13.60
N ARG C 12 35.74 -17.60 14.78
CA ARG C 12 34.91 -17.59 15.96
C ARG C 12 34.61 -16.12 16.37
N GLY C 13 33.44 -15.92 16.99
CA GLY C 13 33.12 -14.69 17.68
C GLY C 13 31.97 -13.93 17.09
N GLY C 14 31.53 -12.91 17.81
CA GLY C 14 30.49 -12.03 17.32
C GLY C 14 29.12 -12.32 17.88
N THR C 15 29.02 -13.33 18.73
CA THR C 15 27.70 -13.71 19.25
C THR C 15 27.16 -12.67 20.24
N LEU C 16 25.85 -12.72 20.42
CA LEU C 16 25.13 -11.90 21.39
C LEU C 16 24.94 -12.73 22.68
N ILE C 17 24.63 -14.02 22.51
CA ILE C 17 24.33 -14.98 23.55
C ILE C 17 24.96 -16.30 23.20
N GLY C 18 25.51 -17.00 24.19
CA GLY C 18 25.88 -18.40 23.99
C GLY C 18 27.35 -18.65 23.77
N GLY C 19 28.06 -17.69 23.19
CA GLY C 19 29.49 -17.85 23.00
C GLY C 19 29.76 -18.95 22.00
N ASP C 20 30.72 -19.80 22.33
CA ASP C 20 31.17 -20.86 21.44
C ASP C 20 30.18 -22.02 21.30
N LEU C 21 29.24 -22.14 22.21
CA LEU C 21 28.32 -23.28 22.25
C LEU C 21 27.66 -23.51 20.88
N PHE C 22 27.10 -22.48 20.26
CA PHE C 22 26.42 -22.64 18.96
C PHE C 22 27.11 -21.88 17.80
N ASP C 23 28.36 -21.50 18.02
CA ASP C 23 29.11 -20.69 17.05
C ASP C 23 29.72 -21.64 16.01
N PHE C 24 28.91 -22.00 15.03
CA PHE C 24 29.33 -22.89 13.97
C PHE C 24 28.32 -22.81 12.85
N TRP C 25 28.68 -23.43 11.72
CA TRP C 25 27.85 -23.48 10.53
C TRP C 25 27.36 -24.92 10.24
N VAL C 26 26.22 -25.01 9.58
CA VAL C 26 25.63 -26.24 9.06
C VAL C 26 25.41 -25.94 7.58
N GLY C 27 26.25 -26.55 6.75
CA GLY C 27 26.30 -26.21 5.34
C GLY C 27 26.68 -24.73 5.20
N PRO C 28 25.89 -23.98 4.42
CA PRO C 28 26.15 -22.51 4.26
C PRO C 28 25.64 -21.68 5.45
N TYR C 29 24.75 -22.26 6.27
CA TYR C 29 24.03 -21.51 7.31
C TYR C 29 24.83 -21.33 8.59
N PHE C 30 24.93 -20.11 9.08
CA PHE C 30 25.40 -19.90 10.45
C PHE C 30 24.30 -20.36 11.41
N VAL C 31 24.67 -20.92 12.55
CA VAL C 31 23.71 -21.32 13.53
C VAL C 31 23.57 -20.26 14.64
N GLY C 32 24.36 -20.35 15.70
CA GLY C 32 24.22 -19.45 16.83
C GLY C 32 23.00 -19.80 17.67
N PHE C 33 22.91 -19.19 18.84
CA PHE C 33 21.79 -19.43 19.75
C PHE C 33 20.49 -19.12 19.07
N PHE C 34 20.48 -18.05 18.29
CA PHE C 34 19.24 -17.61 17.62
C PHE C 34 18.86 -18.41 16.39
N GLY C 35 19.82 -19.13 15.82
CA GLY C 35 19.52 -20.11 14.80
C GLY C 35 18.83 -21.30 15.45
N VAL C 36 19.34 -21.75 16.62
CA VAL C 36 18.66 -22.81 17.37
C VAL C 36 17.25 -22.35 17.75
N SER C 37 17.08 -21.15 18.33
CA SER C 37 15.70 -20.74 18.70
C SER C 37 14.77 -20.59 17.47
N ALA C 38 15.28 -20.01 16.40
CA ALA C 38 14.55 -19.90 15.12
C ALA C 38 14.01 -21.25 14.68
N ILE C 39 14.89 -22.25 14.63
CA ILE C 39 14.48 -23.59 14.21
C ILE C 39 13.40 -24.16 15.13
N PHE C 40 13.55 -23.98 16.44
CA PHE C 40 12.53 -24.40 17.40
C PHE C 40 11.16 -23.76 17.11
N PHE C 41 11.14 -22.44 16.99
CA PHE C 41 9.89 -21.73 16.69
C PHE C 41 9.26 -22.09 15.32
N ILE C 42 10.11 -22.25 14.30
CA ILE C 42 9.64 -22.68 12.99
C ILE C 42 9.02 -24.06 13.04
N PHE C 43 9.71 -24.98 13.70
CA PHE C 43 9.25 -26.36 13.81
C PHE C 43 7.90 -26.43 14.53
N LEU C 44 7.81 -25.78 15.69
CA LEU C 44 6.58 -25.76 16.47
C LEU C 44 5.47 -25.09 15.68
N GLY C 45 5.77 -23.95 15.08
CA GLY C 45 4.72 -23.20 14.37
C GLY C 45 4.18 -23.93 13.17
N VAL C 46 5.08 -24.44 12.36
CA VAL C 46 4.69 -25.21 11.18
C VAL C 46 3.94 -26.50 11.59
N SER C 47 4.39 -27.19 12.65
CA SER C 47 3.69 -28.38 13.14
C SER C 47 2.26 -28.07 13.58
N LEU C 48 2.10 -26.97 14.31
CA LEU C 48 0.79 -26.52 14.75
C LEU C 48 -0.14 -26.15 13.59
N ILE C 49 0.40 -25.53 12.54
CA ILE C 49 -0.36 -25.21 11.32
C ILE C 49 -0.85 -26.52 10.66
N GLY C 50 0.06 -27.49 10.56
CA GLY C 50 -0.27 -28.80 9.99
C GLY C 50 -1.37 -29.46 10.76
N TYR C 51 -1.23 -29.51 12.07
CA TYR C 51 -2.26 -30.08 12.90
C TYR C 51 -3.60 -29.34 12.84
N ALA C 52 -3.55 -28.02 12.93
CA ALA C 52 -4.77 -27.20 12.80
C ALA C 52 -5.47 -27.46 11.46
N ALA C 53 -4.72 -27.46 10.38
CA ALA C 53 -5.31 -27.69 9.06
C ALA C 53 -5.98 -29.07 8.96
N SER C 54 -5.38 -30.07 9.63
CA SER C 54 -5.84 -31.47 9.56
C SER C 54 -7.20 -31.58 10.24
N GLN C 55 -7.55 -30.62 11.11
CA GLN C 55 -8.84 -30.55 11.76
C GLN C 55 -9.88 -29.67 11.06
N GLY C 56 -9.53 -29.11 9.91
CA GLY C 56 -10.41 -28.23 9.16
C GLY C 56 -10.96 -28.93 7.94
N PRO C 57 -11.60 -28.19 7.03
CA PRO C 57 -12.35 -28.86 5.95
C PRO C 57 -11.57 -29.16 4.68
N THR C 58 -10.29 -28.79 4.59
CA THR C 58 -9.63 -28.87 3.28
C THR C 58 -8.13 -28.98 3.43
N TRP C 59 -7.53 -29.65 2.46
CA TRP C 59 -6.12 -29.66 2.31
C TRP C 59 -5.69 -28.78 1.14
N ASP C 60 -6.64 -28.15 0.45
CA ASP C 60 -6.20 -27.25 -0.62
C ASP C 60 -5.33 -26.08 -0.07
N PRO C 61 -4.12 -25.89 -0.63
CA PRO C 61 -3.24 -24.86 -0.05
C PRO C 61 -3.78 -23.44 -0.07
N PHE C 62 -4.59 -23.08 -1.08
CA PHE C 62 -5.13 -21.73 -1.17
C PHE C 62 -6.29 -21.53 -0.18
N ALA C 63 -6.95 -22.61 0.16
CA ALA C 63 -8.20 -22.57 0.93
C ALA C 63 -8.03 -22.79 2.43
N ILE C 64 -6.92 -23.41 2.84
CA ILE C 64 -6.69 -23.64 4.27
C ILE C 64 -6.69 -22.27 5.03
N SER C 65 -7.26 -22.26 6.23
CA SER C 65 -7.41 -21.03 7.03
C SER C 65 -7.43 -21.36 8.52
N ILE C 66 -6.47 -20.78 9.27
CA ILE C 66 -6.35 -20.91 10.69
C ILE C 66 -6.65 -19.53 11.30
N ASN C 67 -7.75 -19.45 12.03
CA ASN C 67 -8.36 -18.20 12.36
C ASN C 67 -8.27 -17.87 13.84
N PRO C 68 -8.24 -16.58 14.17
CA PRO C 68 -8.31 -16.14 15.57
C PRO C 68 -9.67 -16.41 16.19
N PRO C 69 -9.81 -16.16 17.53
CA PRO C 69 -11.06 -16.38 18.19
C PRO C 69 -12.12 -15.37 17.85
N ASP C 70 -13.35 -15.71 18.22
CA ASP C 70 -14.47 -14.78 18.25
C ASP C 70 -14.11 -13.60 19.11
N LEU C 71 -14.68 -12.45 18.82
CA LEU C 71 -14.44 -11.24 19.60
C LEU C 71 -14.74 -11.43 21.08
N LYS C 72 -15.71 -12.27 21.37
CA LYS C 72 -16.17 -12.47 22.77
C LYS C 72 -15.12 -13.06 23.71
N TYR C 73 -14.11 -13.74 23.18
CA TYR C 73 -12.99 -14.23 24.01
C TYR C 73 -12.08 -13.11 24.49
N GLY C 74 -12.25 -11.92 23.96
CA GLY C 74 -11.47 -10.83 24.40
C GLY C 74 -9.99 -11.13 24.22
N LEU C 75 -9.22 -10.81 25.24
CA LEU C 75 -7.77 -11.04 25.26
C LEU C 75 -7.37 -12.33 26.00
N GLY C 76 -8.34 -13.16 26.36
CA GLY C 76 -8.06 -14.48 26.97
C GLY C 76 -7.70 -15.60 26.00
N ALA C 77 -7.32 -16.73 26.56
CA ALA C 77 -6.97 -17.93 25.85
C ALA C 77 -8.26 -18.51 25.28
N ALA C 78 -8.21 -19.00 24.05
CA ALA C 78 -9.36 -19.60 23.42
C ALA C 78 -9.13 -21.09 23.32
N PRO C 79 -10.21 -21.87 23.25
CA PRO C 79 -10.02 -23.30 23.01
C PRO C 79 -9.32 -23.54 21.66
N LEU C 80 -8.53 -24.60 21.59
CA LEU C 80 -7.72 -24.90 20.42
C LEU C 80 -8.46 -24.82 19.08
N LEU C 81 -9.65 -25.40 19.00
CA LEU C 81 -10.35 -25.43 17.70
C LEU C 81 -11.29 -24.20 17.55
N GLU C 82 -11.17 -23.25 18.47
CA GLU C 82 -11.98 -22.02 18.47
CA GLU C 82 -11.96 -22.02 18.38
C GLU C 82 -11.06 -20.81 18.52
N GLY C 83 -9.83 -20.92 18.03
CA GLY C 83 -8.89 -19.78 18.00
C GLY C 83 -7.59 -19.98 18.73
N GLY C 84 -7.49 -21.05 19.52
CA GLY C 84 -6.30 -21.29 20.29
C GLY C 84 -5.10 -21.71 19.45
N PHE C 85 -5.32 -22.47 18.37
CA PHE C 85 -4.22 -22.75 17.46
C PHE C 85 -3.65 -21.43 16.94
N TRP C 86 -4.52 -20.56 16.43
CA TRP C 86 -4.06 -19.25 15.93
C TRP C 86 -3.20 -18.52 16.96
N GLN C 87 -3.61 -18.53 18.23
CA GLN C 87 -2.85 -17.83 19.27
C GLN C 87 -1.42 -18.41 19.44
N ALA C 88 -1.33 -19.74 19.46
CA ALA C 88 -0.05 -20.42 19.64
C ALA C 88 0.87 -20.15 18.45
N ILE C 89 0.28 -20.23 17.26
CA ILE C 89 1.04 -20.01 15.99
C ILE C 89 1.59 -18.58 15.95
N THR C 90 0.78 -17.62 16.41
CA THR C 90 1.23 -16.24 16.44
C THR C 90 2.44 -16.05 17.34
N VAL C 91 2.44 -16.71 18.51
CA VAL C 91 3.57 -16.65 19.42
C VAL C 91 4.81 -17.25 18.74
N CYS C 92 4.65 -18.41 18.11
CA CYS C 92 5.74 -19.04 17.35
C CYS C 92 6.27 -18.13 16.25
N ALA C 93 5.39 -17.49 15.49
CA ALA C 93 5.77 -16.58 14.42
C ALA C 93 6.67 -15.45 14.99
N LEU C 94 6.23 -14.77 16.05
N LEU C 94 6.19 -14.80 16.05
CA LEU C 94 7.06 -13.68 16.56
CA LEU C 94 6.97 -13.73 16.67
C LEU C 94 8.38 -14.17 17.15
C LEU C 94 8.33 -14.21 17.08
N GLY C 95 8.38 -15.36 17.77
CA GLY C 95 9.62 -15.92 18.23
C GLY C 95 10.60 -16.21 17.08
N ALA C 96 10.07 -16.74 16.00
CA ALA C 96 10.85 -17.02 14.78
C ALA C 96 11.40 -15.74 14.16
N PHE C 97 10.56 -14.74 14.00
CA PHE C 97 11.01 -13.51 13.36
C PHE C 97 12.10 -12.78 14.18
N ILE C 98 11.85 -12.61 15.46
CA ILE C 98 12.80 -11.99 16.36
C ILE C 98 14.11 -12.78 16.44
N SER C 99 14.03 -14.11 16.53
CA SER C 99 15.23 -14.92 16.48
C SER C 99 15.99 -14.70 15.17
N TRP C 100 15.25 -14.60 14.07
CA TRP C 100 15.88 -14.36 12.77
C TRP C 100 16.64 -13.04 12.77
N MET C 101 16.03 -12.01 13.32
N MET C 101 16.02 -12.00 13.32
CA MET C 101 16.64 -10.69 13.37
CA MET C 101 16.63 -10.69 13.39
C MET C 101 17.92 -10.70 14.21
C MET C 101 17.93 -10.73 14.21
N LEU C 102 17.90 -11.37 15.37
CA LEU C 102 19.05 -11.34 16.25
C LEU C 102 20.17 -12.20 15.72
N ARG C 103 19.82 -13.24 14.96
CA ARG C 103 20.80 -14.07 14.31
C ARG C 103 21.54 -13.24 13.26
N GLU C 104 20.82 -12.40 12.53
CA GLU C 104 21.45 -11.46 11.57
C GLU C 104 22.42 -10.48 12.23
N VAL C 105 22.11 -10.09 13.47
CA VAL C 105 23.04 -9.26 14.24
C VAL C 105 24.31 -10.01 14.51
N GLU C 106 24.22 -11.25 14.98
CA GLU C 106 25.42 -12.04 15.24
C GLU C 106 26.28 -12.20 13.97
N ILE C 107 25.60 -12.47 12.85
CA ILE C 107 26.29 -12.64 11.54
C ILE C 107 26.98 -11.32 11.13
N SER C 108 26.27 -10.22 11.29
CA SER C 108 26.86 -8.89 10.99
C SER C 108 28.13 -8.63 11.84
N ARG C 109 28.05 -8.93 13.14
CA ARG C 109 29.15 -8.69 14.07
C ARG C 109 30.35 -9.54 13.69
N LYS C 110 30.11 -10.79 13.34
CA LYS C 110 31.17 -11.71 12.94
C LYS C 110 31.93 -11.15 11.71
N LEU C 111 31.17 -10.55 10.78
CA LEU C 111 31.72 -9.99 9.55
C LEU C 111 32.27 -8.58 9.66
N GLY C 112 32.12 -7.97 10.82
CA GLY C 112 32.59 -6.60 10.99
C GLY C 112 31.82 -5.55 10.22
N ILE C 113 30.56 -5.82 9.91
CA ILE C 113 29.77 -4.91 9.09
C ILE C 113 28.71 -4.26 9.94
N GLY C 114 28.09 -3.21 9.42
CA GLY C 114 27.03 -2.54 10.17
C GLY C 114 25.82 -3.45 10.36
N TRP C 115 25.00 -3.13 11.37
CA TRP C 115 23.81 -3.89 11.67
C TRP C 115 22.60 -3.37 10.95
N HIS C 116 22.80 -2.69 9.82
CA HIS C 116 21.66 -2.10 9.13
C HIS C 116 20.58 -3.08 8.66
N VAL C 117 20.95 -4.27 8.18
CA VAL C 117 19.97 -5.23 7.72
C VAL C 117 19.01 -5.67 8.84
N PRO C 118 19.52 -6.18 9.97
CA PRO C 118 18.52 -6.57 11.01
C PRO C 118 17.66 -5.40 11.52
N LEU C 119 18.22 -4.20 11.57
CA LEU C 119 17.48 -2.97 11.90
C LEU C 119 16.37 -2.72 10.90
N ALA C 120 16.67 -2.83 9.62
CA ALA C 120 15.67 -2.71 8.58
C ALA C 120 14.57 -3.81 8.73
N PHE C 121 14.97 -5.04 9.08
CA PHE C 121 14.04 -6.18 9.22
C PHE C 121 13.08 -5.97 10.41
N CYS C 122 13.50 -5.15 11.38
N CYS C 122 13.51 -5.14 11.36
CA CYS C 122 12.63 -4.77 12.51
CA CYS C 122 12.66 -4.80 12.49
C CYS C 122 11.34 -4.12 12.02
C CYS C 122 11.35 -4.12 12.03
N VAL C 123 11.41 -3.46 10.88
CA VAL C 123 10.25 -2.75 10.34
C VAL C 123 9.08 -3.68 9.98
N PRO C 124 9.29 -4.75 9.15
CA PRO C 124 8.15 -5.67 8.92
C PRO C 124 7.73 -6.40 10.15
N ILE C 125 8.66 -6.68 11.07
CA ILE C 125 8.27 -7.33 12.32
C ILE C 125 7.34 -6.41 13.11
N PHE C 126 7.73 -5.13 13.19
CA PHE C 126 6.90 -4.13 13.84
C PHE C 126 5.49 -4.06 13.21
N MET C 127 5.42 -4.05 11.88
CA MET C 127 4.10 -4.03 11.22
C MET C 127 3.25 -5.25 11.51
N PHE C 128 3.87 -6.43 11.50
CA PHE C 128 3.18 -7.62 11.96
C PHE C 128 2.60 -7.41 13.37
N CYS C 129 3.42 -6.90 14.29
CA CYS C 129 2.92 -6.58 15.64
C CYS C 129 1.77 -5.56 15.69
N VAL C 130 1.80 -4.56 14.83
CA VAL C 130 0.73 -3.58 14.75
C VAL C 130 -0.59 -4.31 14.42
N LEU C 131 -0.54 -5.18 13.42
CA LEU C 131 -1.75 -5.83 12.90
C LEU C 131 -2.28 -6.86 13.87
N GLN C 132 -1.38 -7.65 14.47
CA GLN C 132 -1.77 -8.84 15.22
C GLN C 132 -1.80 -8.65 16.72
N VAL C 133 -1.09 -7.64 17.22
CA VAL C 133 -0.92 -7.43 18.68
C VAL C 133 -1.41 -6.07 19.13
N PHE C 134 -0.82 -4.99 18.62
CA PHE C 134 -1.14 -3.66 19.14
C PHE C 134 -2.58 -3.23 18.84
N ARG C 135 -3.01 -3.34 17.57
CA ARG C 135 -4.35 -2.96 17.25
C ARG C 135 -5.39 -3.84 17.98
N PRO C 136 -5.21 -5.17 17.98
CA PRO C 136 -6.15 -5.98 18.77
C PRO C 136 -6.16 -5.67 20.27
N LEU C 137 -5.00 -5.39 20.85
CA LEU C 137 -4.95 -4.91 22.25
C LEU C 137 -5.75 -3.62 22.45
N LEU C 138 -5.61 -2.64 21.56
CA LEU C 138 -6.39 -1.39 21.66
C LEU C 138 -7.90 -1.58 21.54
N LEU C 139 -8.33 -2.55 20.73
CA LEU C 139 -9.77 -2.82 20.55
C LEU C 139 -10.32 -3.83 21.55
N GLY C 140 -9.43 -4.50 22.28
CA GLY C 140 -9.86 -5.40 23.38
C GLY C 140 -10.01 -6.87 23.04
N SER C 141 -9.63 -7.30 21.83
CA SER C 141 -9.78 -8.72 21.46
C SER C 141 -8.79 -9.19 20.44
N TRP C 142 -8.28 -10.41 20.64
CA TRP C 142 -7.42 -11.07 19.64
C TRP C 142 -8.16 -11.28 18.38
N GLY C 143 -9.49 -11.38 18.44
CA GLY C 143 -10.25 -11.65 17.26
C GLY C 143 -10.24 -10.58 16.18
N HIS C 144 -9.69 -9.40 16.47
CA HIS C 144 -9.53 -8.41 15.41
C HIS C 144 -8.31 -8.64 14.50
N ALA C 145 -7.46 -9.61 14.85
CA ALA C 145 -6.25 -9.93 14.10
C ALA C 145 -6.59 -10.72 12.80
N PHE C 146 -5.60 -10.80 11.91
CA PHE C 146 -5.76 -11.48 10.64
C PHE C 146 -5.54 -13.01 10.75
N PRO C 147 -6.25 -13.79 9.88
CA PRO C 147 -6.13 -15.25 9.92
C PRO C 147 -4.97 -15.73 9.05
N TYR C 148 -4.47 -16.93 9.34
CA TYR C 148 -3.37 -17.49 8.57
C TYR C 148 -3.94 -18.41 7.49
N GLY C 149 -3.97 -17.87 6.29
CA GLY C 149 -4.51 -18.51 5.10
C GLY C 149 -4.09 -17.72 3.91
N ILE C 150 -3.65 -18.41 2.86
CA ILE C 150 -3.12 -17.70 1.67
C ILE C 150 -4.10 -16.75 1.06
N LEU C 151 -5.35 -17.21 0.89
CA LEU C 151 -6.41 -16.34 0.42
C LEU C 151 -7.25 -15.75 1.54
N SER C 152 -7.44 -16.50 2.62
CA SER C 152 -8.25 -15.97 3.73
C SER C 152 -7.75 -14.66 4.34
N HIS C 153 -6.43 -14.47 4.43
CA HIS C 153 -5.89 -13.23 4.98
C HIS C 153 -6.28 -12.05 4.10
N LEU C 154 -6.50 -12.32 2.79
CA LEU C 154 -6.97 -11.29 1.89
C LEU C 154 -8.44 -10.95 2.11
N ASP C 155 -9.26 -11.95 2.48
CA ASP C 155 -10.66 -11.70 2.85
C ASP C 155 -10.72 -10.78 4.10
N TRP C 156 -9.82 -11.01 5.07
CA TRP C 156 -9.69 -10.13 6.22
C TRP C 156 -9.32 -8.69 5.81
N VAL C 157 -8.27 -8.53 5.01
CA VAL C 157 -7.85 -7.20 4.56
C VAL C 157 -9.00 -6.46 3.88
N ASN C 158 -9.71 -7.22 3.05
CA ASN C 158 -10.84 -6.72 2.24
C ASN C 158 -11.93 -6.21 3.17
N ASN C 159 -12.40 -7.06 4.06
CA ASN C 159 -13.45 -6.61 5.00
C ASN C 159 -13.01 -5.46 5.89
N PHE C 160 -11.80 -5.52 6.42
CA PHE C 160 -11.27 -4.46 7.28
C PHE C 160 -11.32 -3.15 6.51
N GLY C 161 -10.85 -3.13 5.24
CA GLY C 161 -10.94 -1.91 4.49
C GLY C 161 -12.38 -1.37 4.40
N TYR C 162 -13.29 -2.25 4.01
CA TYR C 162 -14.67 -1.84 3.80
C TYR C 162 -15.48 -1.52 5.08
N GLN C 163 -14.95 -1.93 6.21
CA GLN C 163 -15.48 -1.48 7.48
C GLN C 163 -15.40 0.05 7.64
N TYR C 164 -14.49 0.70 6.89
CA TYR C 164 -14.27 2.11 6.89
C TYR C 164 -14.70 2.72 5.54
N LEU C 165 -15.58 1.98 4.90
CA LEU C 165 -16.32 2.36 3.64
C LEU C 165 -15.48 2.44 2.38
N ASN C 166 -14.49 3.31 2.40
CA ASN C 166 -13.46 3.34 1.37
C ASN C 166 -12.09 3.63 1.97
N TRP C 167 -11.35 2.54 2.19
CA TRP C 167 -10.05 2.59 2.84
C TRP C 167 -9.01 3.38 2.04
N HIS C 168 -9.23 3.51 0.74
CA HIS C 168 -8.36 4.34 -0.11
C HIS C 168 -8.20 5.79 0.39
N TYR C 169 -9.24 6.29 1.12
CA TYR C 169 -9.23 7.66 1.58
C TYR C 169 -8.55 7.78 2.95
N ASN C 170 -8.02 6.69 3.45
CA ASN C 170 -7.25 6.71 4.74
C ASN C 170 -5.90 7.39 4.49
N PRO C 171 -5.62 8.49 5.19
CA PRO C 171 -4.40 9.30 4.87
C PRO C 171 -3.10 8.54 5.16
N GLY C 172 -3.10 7.68 6.18
CA GLY C 172 -1.95 6.81 6.47
C GLY C 172 -1.78 5.76 5.35
N HIS C 173 -2.88 5.35 4.74
CA HIS C 173 -2.85 4.44 3.57
C HIS C 173 -2.32 5.14 2.37
N MET C 174 -2.74 6.37 2.16
CA MET C 174 -2.27 7.15 1.02
C MET C 174 -0.73 7.33 1.02
N SER C 175 -0.18 7.64 2.17
CA SER C 175 1.26 7.68 2.41
C SER C 175 1.92 6.33 2.14
N SER C 176 1.40 5.25 2.73
CA SER C 176 1.97 3.91 2.57
C SER C 176 2.03 3.47 1.11
N VAL C 177 0.93 3.70 0.41
CA VAL C 177 0.87 3.37 -1.02
C VAL C 177 1.90 4.16 -1.82
N SER C 178 1.96 5.47 -1.59
CA SER C 178 2.89 6.33 -2.32
C SER C 178 4.33 5.84 -2.12
N PHE C 179 4.69 5.47 -0.88
CA PHE C 179 5.97 4.86 -0.61
C PHE C 179 6.20 3.50 -1.34
N LEU C 180 5.16 2.66 -1.38
CA LEU C 180 5.21 1.39 -2.13
C LEU C 180 5.53 1.62 -3.58
N PHE C 181 4.85 2.57 -4.18
CA PHE C 181 5.01 2.83 -5.62
C PHE C 181 6.38 3.50 -5.93
N VAL C 182 6.72 4.52 -5.15
CA VAL C 182 7.98 5.22 -5.41
C VAL C 182 9.14 4.28 -5.15
N ASN C 183 9.04 3.45 -4.12
CA ASN C 183 10.09 2.44 -3.86
C ASN C 183 10.30 1.44 -5.01
N ALA C 184 9.21 0.91 -5.56
CA ALA C 184 9.30 -0.03 -6.71
C ALA C 184 9.90 0.65 -7.91
N MET C 185 9.50 1.89 -8.16
N MET C 185 9.50 1.87 -8.18
CA MET C 185 10.03 2.69 -9.26
CA MET C 185 10.07 2.65 -9.26
C MET C 185 11.52 2.99 -9.08
C MET C 185 11.56 2.89 -9.04
N ALA C 186 11.90 3.39 -7.86
CA ALA C 186 13.30 3.68 -7.53
C ALA C 186 14.23 2.45 -7.63
N LEU C 187 13.73 1.30 -7.23
CA LEU C 187 14.50 0.07 -7.32
C LEU C 187 14.80 -0.27 -8.80
N GLY C 188 13.78 -0.16 -9.62
CA GLY C 188 13.94 -0.21 -11.06
C GLY C 188 14.95 0.74 -11.67
N LEU C 189 14.86 1.99 -11.29
CA LEU C 189 15.79 3.02 -11.71
C LEU C 189 17.22 2.74 -11.23
N HIS C 190 17.40 2.35 -9.96
CA HIS C 190 18.73 2.09 -9.44
C HIS C 190 19.35 0.82 -10.09
N GLY C 191 18.58 -0.28 -10.15
CA GLY C 191 19.06 -1.50 -10.81
C GLY C 191 19.41 -1.26 -12.26
N GLY C 192 18.51 -0.63 -13.00
CA GLY C 192 18.78 -0.35 -14.38
C GLY C 192 19.97 0.59 -14.57
N LEU C 193 20.14 1.58 -13.70
CA LEU C 193 21.25 2.49 -13.86
C LEU C 193 22.57 1.74 -13.72
N ILE C 194 22.70 0.96 -12.64
CA ILE C 194 23.95 0.23 -12.39
C ILE C 194 24.23 -0.77 -13.53
N LEU C 195 23.19 -1.44 -14.00
CA LEU C 195 23.40 -2.42 -15.08
C LEU C 195 23.77 -1.72 -16.37
N SER C 196 23.23 -0.51 -16.56
CA SER C 196 23.49 0.26 -17.80
C SER C 196 24.95 0.76 -17.90
N VAL C 197 25.58 0.93 -16.74
CA VAL C 197 26.95 1.40 -16.67
C VAL C 197 27.90 0.21 -16.87
N ALA C 198 27.60 -0.92 -16.22
CA ALA C 198 28.41 -2.14 -16.29
C ALA C 198 28.20 -2.89 -17.60
N ASN C 199 27.08 -2.63 -18.28
CA ASN C 199 26.73 -3.39 -19.49
C ASN C 199 26.29 -2.49 -20.62
N PRO C 200 27.22 -1.72 -21.19
CA PRO C 200 26.86 -0.77 -22.24
C PRO C 200 26.53 -1.46 -23.55
N GLY C 201 26.94 -2.72 -23.72
CA GLY C 201 26.58 -3.52 -24.90
C GLY C 201 27.72 -3.47 -25.92
N ASP C 202 27.77 -4.45 -26.83
CA ASP C 202 28.58 -4.36 -28.10
C ASP C 202 30.11 -4.23 -27.97
N GLY C 203 30.72 -4.84 -26.97
CA GLY C 203 32.14 -4.60 -26.69
C GLY C 203 32.51 -3.15 -26.35
N ASP C 204 31.54 -2.32 -26.00
CA ASP C 204 31.83 -1.00 -25.45
C ASP C 204 32.41 -1.05 -24.04
N LYS C 205 33.05 0.03 -23.66
CA LYS C 205 33.66 0.15 -22.37
C LYS C 205 32.64 0.34 -21.23
N VAL C 206 32.84 -0.39 -20.14
CA VAL C 206 32.20 -0.10 -18.87
C VAL C 206 32.42 1.39 -18.56
N LYS C 207 31.37 2.06 -18.08
CA LYS C 207 31.46 3.45 -17.77
C LYS C 207 31.77 3.70 -16.30
N THR C 208 31.45 4.89 -15.80
CA THR C 208 32.09 5.43 -14.59
C THR C 208 31.06 6.05 -13.66
N ALA C 209 31.48 6.30 -12.42
CA ALA C 209 30.70 7.07 -11.48
C ALA C 209 30.24 8.40 -12.07
N GLU C 210 31.09 9.08 -12.82
CA GLU C 210 30.72 10.35 -13.46
C GLU C 210 29.56 10.16 -14.48
N HIS C 211 29.63 9.13 -15.32
CA HIS C 211 28.49 8.77 -16.21
C HIS C 211 27.18 8.47 -15.48
N GLU C 212 27.27 7.76 -14.35
CA GLU C 212 26.06 7.45 -13.57
C GLU C 212 25.36 8.72 -13.16
N ASN C 213 26.13 9.65 -12.54
CA ASN C 213 25.61 10.94 -12.11
C ASN C 213 25.16 11.78 -13.25
N GLN C 214 25.89 11.76 -14.36
CA GLN C 214 25.47 12.57 -15.50
C GLN C 214 24.09 12.19 -16.06
N TYR C 215 23.79 10.88 -16.09
CA TYR C 215 22.53 10.38 -16.64
C TYR C 215 21.30 11.03 -15.97
N PHE C 216 21.18 10.96 -14.65
CA PHE C 216 20.02 11.51 -13.95
C PHE C 216 20.06 13.04 -13.88
N ARG C 217 21.25 13.61 -13.81
CA ARG C 217 21.36 15.05 -13.88
C ARG C 217 20.80 15.53 -15.22
N ASP C 218 21.07 14.80 -16.29
CA ASP C 218 20.49 15.14 -17.61
C ASP C 218 18.97 14.90 -17.65
N VAL C 219 18.51 13.72 -17.19
CA VAL C 219 17.10 13.35 -17.37
C VAL C 219 16.19 14.14 -16.43
N VAL C 220 16.57 14.29 -15.15
CA VAL C 220 15.69 15.00 -14.24
C VAL C 220 16.27 16.23 -13.56
N GLY C 221 17.51 16.59 -13.85
CA GLY C 221 18.10 17.73 -13.22
C GLY C 221 18.79 17.51 -11.89
N TYR C 222 18.88 16.26 -11.42
CA TYR C 222 19.50 15.99 -10.14
C TYR C 222 19.96 14.51 -10.08
N SER C 223 21.14 14.28 -9.51
CA SER C 223 21.59 12.96 -9.12
C SER C 223 21.90 12.85 -7.61
N ILE C 224 21.25 11.92 -6.93
CA ILE C 224 21.40 11.83 -5.46
C ILE C 224 22.78 11.27 -5.06
N GLY C 225 23.38 10.47 -5.92
CA GLY C 225 24.67 9.88 -5.66
C GLY C 225 24.60 8.41 -5.23
N ALA C 226 25.76 7.76 -5.33
CA ALA C 226 25.91 6.35 -5.25
C ALA C 226 25.66 5.80 -3.85
N LEU C 227 26.19 6.46 -2.81
CA LEU C 227 25.88 6.02 -1.46
C LEU C 227 24.42 6.33 -1.08
N SER C 228 24.03 7.54 -1.45
CA SER C 228 22.78 8.11 -1.00
C SER C 228 21.55 7.43 -1.57
N ILE C 229 21.67 6.86 -2.77
CA ILE C 229 20.56 6.10 -3.35
C ILE C 229 20.24 4.87 -2.48
N HIS C 230 21.25 4.30 -1.84
CA HIS C 230 21.05 3.17 -0.91
C HIS C 230 20.37 3.63 0.40
N ARG C 231 20.79 4.77 0.94
CA ARG C 231 20.08 5.38 2.08
C ARG C 231 18.61 5.70 1.72
N LEU C 232 18.42 6.27 0.53
CA LEU C 232 17.09 6.59 0.04
C LEU C 232 16.20 5.36 -0.13
N GLY C 233 16.72 4.30 -0.76
CA GLY C 233 15.96 3.11 -0.91
C GLY C 233 15.54 2.54 0.45
N LEU C 234 16.45 2.49 1.42
CA LEU C 234 16.10 1.98 2.75
C LEU C 234 14.98 2.84 3.37
N PHE C 235 15.13 4.15 3.21
CA PHE C 235 14.13 5.12 3.74
C PHE C 235 12.73 4.90 3.10
N LEU C 236 12.67 4.86 1.78
CA LEU C 236 11.40 4.70 1.05
C LEU C 236 10.72 3.38 1.40
N ALA C 237 11.47 2.28 1.36
CA ALA C 237 10.88 0.99 1.72
C ALA C 237 10.40 0.97 3.17
N SER C 238 11.22 1.40 4.10
CA SER C 238 10.85 1.37 5.49
C SER C 238 9.57 2.17 5.74
N ASN C 239 9.46 3.32 5.08
CA ASN C 239 8.30 4.16 5.29
C ASN C 239 7.01 3.64 4.70
N ILE C 240 7.07 2.58 3.88
CA ILE C 240 5.80 1.88 3.48
C ILE C 240 5.06 1.49 4.76
N PHE C 241 5.78 0.93 5.71
CA PHE C 241 5.17 0.45 6.97
C PHE C 241 5.22 1.47 8.10
N LEU C 242 6.29 2.28 8.18
CA LEU C 242 6.38 3.25 9.28
C LEU C 242 5.27 4.30 9.20
N THR C 243 4.83 4.61 7.99
CA THR C 243 3.69 5.51 7.81
C THR C 243 2.37 4.75 7.78
N GLY C 244 2.33 3.58 7.12
CA GLY C 244 1.10 2.78 7.10
C GLY C 244 0.61 2.37 8.48
N ALA C 245 1.53 2.05 9.37
CA ALA C 245 1.16 1.70 10.71
C ALA C 245 0.21 2.71 11.38
N PHE C 246 0.42 3.99 11.12
CA PHE C 246 -0.48 5.03 11.66
C PHE C 246 -1.90 4.92 11.10
N GLY C 247 -2.02 4.65 9.80
CA GLY C 247 -3.30 4.40 9.19
C GLY C 247 -4.03 3.17 9.72
N THR C 248 -3.27 2.13 10.05
CA THR C 248 -3.83 0.89 10.57
C THR C 248 -4.31 1.08 12.00
N ILE C 249 -3.44 1.62 12.85
CA ILE C 249 -3.74 1.87 14.26
C ILE C 249 -4.90 2.84 14.44
N ALA C 250 -5.03 3.80 13.55
CA ALA C 250 -6.08 4.84 13.67
C ALA C 250 -7.46 4.27 13.45
N SER C 251 -7.52 3.21 12.64
CA SER C 251 -8.80 2.69 12.16
C SER C 251 -9.43 1.79 13.21
N GLY C 252 -10.40 2.36 13.92
CA GLY C 252 -11.08 1.69 15.05
C GLY C 252 -10.78 2.48 16.33
N PRO C 253 -9.55 2.35 16.84
CA PRO C 253 -9.22 3.03 18.09
C PRO C 253 -9.31 4.56 18.05
N PHE C 254 -9.02 5.20 16.91
CA PHE C 254 -9.01 6.68 16.81
C PHE C 254 -9.94 7.27 15.78
N TRP C 255 -10.60 6.42 15.03
CA TRP C 255 -11.55 6.83 14.01
C TRP C 255 -12.52 5.66 13.77
N THR C 256 -13.82 5.91 13.88
CA THR C 256 -14.82 4.88 13.72
C THR C 256 -15.70 5.08 12.51
N ARG C 257 -15.60 6.21 11.86
CA ARG C 257 -16.41 6.48 10.67
C ARG C 257 -15.69 6.04 9.40
N GLY C 258 -16.32 6.31 8.27
CA GLY C 258 -15.71 6.00 6.98
C GLY C 258 -14.54 6.93 6.83
N TRP C 259 -13.56 6.50 6.05
CA TRP C 259 -12.41 7.38 5.79
C TRP C 259 -12.67 8.60 4.95
N PRO C 260 -13.50 8.51 3.89
CA PRO C 260 -13.74 9.75 3.16
C PRO C 260 -14.22 10.89 4.07
N GLU C 261 -15.12 10.59 5.02
CA GLU C 261 -15.66 11.61 5.91
C GLU C 261 -14.59 12.28 6.77
N TRP C 262 -13.48 11.58 7.03
CA TRP C 262 -12.39 12.21 7.78
C TRP C 262 -11.96 13.54 7.14
N TRP C 263 -12.02 13.58 5.81
CA TRP C 263 -11.59 14.75 5.05
C TRP C 263 -12.50 15.98 5.19
N GLY C 264 -13.60 15.81 5.90
CA GLY C 264 -14.38 16.93 6.36
C GLY C 264 -13.58 17.99 7.12
N TRP C 265 -12.46 17.65 7.73
CA TRP C 265 -11.64 18.64 8.45
C TRP C 265 -11.30 19.75 7.47
N TRP C 266 -11.14 19.38 6.20
CA TRP C 266 -10.77 20.30 5.14
C TRP C 266 -12.01 20.83 4.42
N LEU C 267 -12.85 19.92 3.93
CA LEU C 267 -14.02 20.26 3.15
C LEU C 267 -14.99 21.17 3.89
N ASP C 268 -15.14 20.97 5.20
CA ASP C 268 -16.23 21.62 5.99
C ASP C 268 -15.76 22.85 6.75
N ILE C 269 -14.56 23.36 6.47
CA ILE C 269 -14.14 24.65 7.05
C ILE C 269 -15.21 25.73 6.74
N PRO C 270 -15.70 26.49 7.76
CA PRO C 270 -16.78 27.45 7.43
C PRO C 270 -16.48 28.46 6.33
N PHE C 271 -15.25 28.97 6.26
CA PHE C 271 -14.92 30.00 5.29
C PHE C 271 -15.41 29.65 3.89
N TRP C 272 -15.26 28.39 3.45
CA TRP C 272 -15.62 28.07 2.07
C TRP C 272 -16.78 27.11 1.93
N SER C 273 -17.50 26.84 3.03
CA SER C 273 -18.67 25.93 3.00
C SER C 273 -19.95 26.56 2.52
N ALA D 1 28.75 3.43 15.73
CA ALA D 1 28.02 3.41 14.43
C ALA D 1 28.78 4.16 13.35
N ASP D 2 28.52 3.77 12.12
CA ASP D 2 29.04 4.47 10.96
C ASP D 2 28.17 5.68 10.69
N TYR D 3 28.60 6.85 11.16
CA TYR D 3 27.78 8.07 11.00
C TYR D 3 27.54 8.50 9.57
N GLN D 4 28.52 8.20 8.72
CA GLN D 4 28.36 8.40 7.25
C GLN D 4 27.14 7.74 6.62
N THR D 5 26.66 6.62 7.21
CA THR D 5 25.48 5.93 6.68
C THR D 5 24.21 6.69 7.03
N ILE D 6 24.27 7.62 7.98
CA ILE D 6 23.11 8.45 8.37
C ILE D 6 23.14 9.78 7.60
N TYR D 7 24.31 10.45 7.63
CA TYR D 7 24.48 11.72 6.93
C TYR D 7 25.97 11.95 6.65
N THR D 8 26.26 12.86 5.74
CA THR D 8 27.64 13.23 5.45
C THR D 8 28.20 14.27 6.46
N GLN D 9 29.13 13.83 7.31
CA GLN D 9 29.63 14.65 8.43
C GLN D 9 30.37 15.90 7.91
N ILE D 10 31.25 15.69 6.93
CA ILE D 10 32.06 16.74 6.31
C ILE D 10 31.83 16.72 4.78
N GLN D 11 31.11 17.71 4.25
CA GLN D 11 30.89 17.83 2.80
C GLN D 11 32.07 18.44 2.05
N ALA D 12 32.27 17.91 0.84
CA ALA D 12 33.33 18.33 -0.10
C ALA D 12 32.66 19.21 -1.15
N ARG D 13 33.39 20.19 -1.65
CA ARG D 13 32.98 21.02 -2.80
C ARG D 13 34.13 21.01 -3.80
N GLY D 14 33.81 20.96 -5.09
CA GLY D 14 34.84 20.99 -6.12
C GLY D 14 34.23 21.44 -7.41
N PRO D 15 35.02 21.54 -8.48
CA PRO D 15 34.49 22.01 -9.76
C PRO D 15 33.50 21.03 -10.34
N HIS D 16 32.45 21.56 -10.97
CA HIS D 16 31.38 20.71 -11.48
C HIS D 16 31.91 19.84 -12.62
N ILE D 17 31.47 18.58 -12.63
CA ILE D 17 31.83 17.63 -13.68
C ILE D 17 30.78 17.66 -14.80
N THR D 18 31.25 17.57 -16.05
CA THR D 18 30.38 17.36 -17.22
C THR D 18 30.93 16.21 -18.07
N VAL D 19 30.13 15.15 -18.21
CA VAL D 19 30.47 14.06 -19.12
C VAL D 19 29.82 14.31 -20.49
N SER D 20 30.65 14.37 -21.51
CA SER D 20 30.17 14.60 -22.87
C SER D 20 29.37 13.43 -23.47
N GLY D 21 28.21 13.74 -24.04
CA GLY D 21 27.46 12.77 -24.78
C GLY D 21 27.68 12.89 -26.26
N GLU D 22 27.26 11.90 -27.01
CA GLU D 22 27.46 11.90 -28.47
C GLU D 22 26.79 13.08 -29.14
N TRP D 23 25.66 13.50 -28.59
CA TRP D 23 24.97 14.68 -29.05
C TRP D 23 24.32 15.34 -27.82
N GLY D 24 23.90 16.58 -28.02
CA GLY D 24 23.13 17.30 -27.03
C GLY D 24 23.90 18.08 -26.00
N ASP D 25 25.24 18.02 -26.04
CA ASP D 25 26.03 18.79 -25.07
C ASP D 25 25.64 20.29 -25.02
N ASN D 26 25.21 20.85 -26.13
CA ASN D 26 24.76 22.25 -26.16
C ASN D 26 23.32 22.48 -25.72
N ASP D 27 22.61 21.43 -25.31
CA ASP D 27 21.23 21.58 -24.84
C ASP D 27 21.09 21.47 -23.33
N ARG D 28 22.21 21.44 -22.62
CA ARG D 28 22.16 21.54 -21.18
C ARG D 28 22.01 23.01 -20.79
N VAL D 29 21.04 23.30 -19.92
CA VAL D 29 20.75 24.65 -19.47
C VAL D 29 20.63 24.70 -17.95
N GLY D 30 20.83 25.91 -17.41
CA GLY D 30 20.84 26.15 -15.97
C GLY D 30 22.29 26.38 -15.61
N LYS D 31 22.52 26.92 -14.42
CA LYS D 31 23.85 26.93 -13.83
C LYS D 31 23.67 26.11 -12.57
N PRO D 32 24.55 25.12 -12.34
CA PRO D 32 24.34 24.33 -11.13
C PRO D 32 24.34 25.20 -9.87
N PHE D 33 23.49 24.90 -8.88
CA PHE D 33 23.66 25.52 -7.57
C PHE D 33 23.68 24.43 -6.52
N TYR D 34 24.09 24.78 -5.30
CA TYR D 34 24.40 23.82 -4.26
C TYR D 34 23.56 24.09 -3.06
N SER D 35 22.94 23.06 -2.48
CA SER D 35 22.25 23.18 -1.18
C SER D 35 23.03 22.42 -0.11
N TYR D 36 23.42 23.16 0.92
CA TYR D 36 24.15 22.61 2.05
C TYR D 36 23.31 21.54 2.79
N TRP D 37 22.05 21.84 3.03
CA TRP D 37 21.16 20.90 3.72
C TRP D 37 20.90 19.62 2.89
N LEU D 38 20.66 19.75 1.59
CA LEU D 38 20.52 18.58 0.71
C LEU D 38 21.83 17.73 0.77
N GLY D 39 22.95 18.42 0.78
CA GLY D 39 24.25 17.78 0.84
C GLY D 39 24.51 16.89 2.04
N LYS D 40 23.72 17.03 3.10
CA LYS D 40 23.83 16.10 4.23
C LYS D 40 23.40 14.67 3.89
N ILE D 41 22.40 14.57 3.01
CA ILE D 41 21.77 13.30 2.71
C ILE D 41 21.87 12.90 1.22
N GLY D 42 22.31 13.80 0.36
CA GLY D 42 22.52 13.51 -1.05
C GLY D 42 23.60 14.38 -1.63
N ASP D 43 23.79 14.30 -2.95
CA ASP D 43 24.67 15.23 -3.65
C ASP D 43 24.07 16.64 -3.42
N ALA D 44 24.92 17.58 -3.07
CA ALA D 44 24.54 19.01 -2.91
C ALA D 44 24.17 19.72 -4.23
N GLN D 45 24.63 19.22 -5.36
CA GLN D 45 24.44 19.92 -6.65
C GLN D 45 23.09 19.71 -7.29
N ILE D 46 22.46 20.81 -7.68
CA ILE D 46 21.20 20.80 -8.39
C ILE D 46 21.40 21.45 -9.73
N GLY D 47 20.89 20.78 -10.77
CA GLY D 47 21.09 21.20 -12.13
C GLY D 47 22.52 20.92 -12.59
N PRO D 48 22.84 21.28 -13.83
CA PRO D 48 21.94 21.80 -14.85
C PRO D 48 21.03 20.66 -15.38
N ILE D 49 20.12 20.99 -16.28
CA ILE D 49 19.23 19.98 -16.83
C ILE D 49 19.36 19.98 -18.33
N TYR D 50 19.19 18.80 -18.92
CA TYR D 50 19.19 18.65 -20.34
C TYR D 50 17.80 18.99 -20.88
N LEU D 51 17.78 19.74 -21.97
CA LEU D 51 16.57 20.08 -22.67
C LEU D 51 16.29 19.04 -23.75
N GLY D 52 16.57 19.39 -25.00
CA GLY D 52 16.41 18.49 -26.13
C GLY D 52 14.98 18.40 -26.61
N ALA D 53 14.80 17.85 -27.82
CA ALA D 53 13.49 17.85 -28.47
C ALA D 53 12.46 16.95 -27.76
N SER D 54 12.90 15.78 -27.34
CA SER D 54 11.96 14.80 -26.77
C SER D 54 11.39 15.29 -25.42
N GLY D 55 12.23 15.86 -24.58
CA GLY D 55 11.77 16.45 -23.32
C GLY D 55 10.88 17.67 -23.52
N ILE D 56 11.26 18.55 -24.46
CA ILE D 56 10.40 19.69 -24.79
C ILE D 56 9.02 19.19 -25.27
N ALA D 57 9.04 18.21 -26.17
CA ALA D 57 7.78 17.63 -26.68
C ALA D 57 6.96 17.02 -25.53
N ALA D 58 7.62 16.29 -24.61
CA ALA D 58 6.92 15.71 -23.49
C ALA D 58 6.20 16.78 -22.65
N PHE D 59 6.87 17.90 -22.41
CA PHE D 59 6.25 18.99 -21.66
C PHE D 59 5.11 19.61 -22.43
N ALA D 60 5.22 19.72 -23.75
CA ALA D 60 4.13 20.37 -24.50
C ALA D 60 2.87 19.49 -24.49
N PHE D 61 3.04 18.20 -24.82
CA PHE D 61 1.96 17.23 -24.80
C PHE D 61 1.39 17.08 -23.41
N GLY D 62 2.26 16.99 -22.41
CA GLY D 62 1.78 16.81 -21.03
C GLY D 62 1.01 18.03 -20.50
N SER D 63 1.52 19.23 -20.78
CA SER D 63 0.82 20.46 -20.37
C SER D 63 -0.54 20.55 -21.04
N THR D 64 -0.64 20.12 -22.30
CA THR D 64 -1.93 20.13 -22.99
C THR D 64 -2.93 19.18 -22.29
N ALA D 65 -2.48 17.98 -21.93
CA ALA D 65 -3.36 17.07 -21.19
C ALA D 65 -3.81 17.70 -19.85
N ILE D 66 -2.85 18.28 -19.14
CA ILE D 66 -3.09 18.88 -17.85
C ILE D 66 -4.05 20.02 -17.97
N LEU D 67 -3.90 20.85 -19.00
CA LEU D 67 -4.86 21.93 -19.18
C LEU D 67 -6.28 21.44 -19.50
N ILE D 68 -6.41 20.37 -20.30
CA ILE D 68 -7.73 19.83 -20.63
C ILE D 68 -8.42 19.34 -19.35
N ILE D 69 -7.65 18.69 -18.49
CA ILE D 69 -8.19 18.13 -17.24
C ILE D 69 -8.63 19.27 -16.32
N LEU D 70 -7.72 20.24 -16.09
CA LEU D 70 -7.98 21.38 -15.20
C LEU D 70 -9.17 22.22 -15.64
N PHE D 71 -9.29 22.43 -16.95
N PHE D 71 -9.31 22.42 -16.94
CA PHE D 71 -10.40 23.22 -17.47
CA PHE D 71 -10.44 23.19 -17.46
C PHE D 71 -11.76 22.51 -17.26
C PHE D 71 -11.74 22.49 -17.15
N ASN D 72 -11.80 21.17 -17.40
CA ASN D 72 -12.99 20.37 -17.09
C ASN D 72 -13.29 20.32 -15.59
N MET D 73 -12.25 20.18 -14.77
CA MET D 73 -12.42 20.27 -13.29
C MET D 73 -13.02 21.63 -12.92
N ALA D 74 -12.46 22.72 -13.47
CA ALA D 74 -12.98 24.07 -13.22
C ALA D 74 -14.47 24.21 -13.66
N ALA D 75 -14.86 23.64 -14.79
CA ALA D 75 -16.28 23.64 -15.24
C ALA D 75 -17.17 22.97 -14.19
N GLU D 76 -16.63 21.95 -13.51
CA GLU D 76 -17.40 21.19 -12.52
C GLU D 76 -17.77 22.01 -11.29
N VAL D 77 -17.02 23.09 -10.99
CA VAL D 77 -17.36 24.04 -9.91
C VAL D 77 -17.80 25.38 -10.49
N HIS D 78 -18.33 25.34 -11.71
CA HIS D 78 -18.84 26.53 -12.38
C HIS D 78 -17.83 27.68 -12.38
N PHE D 79 -16.55 27.34 -12.54
CA PHE D 79 -15.43 28.29 -12.61
C PHE D 79 -15.21 29.17 -11.37
N ASP D 80 -15.69 28.73 -10.21
CA ASP D 80 -15.52 29.47 -8.97
C ASP D 80 -14.17 29.12 -8.34
N PRO D 81 -13.27 30.11 -8.21
CA PRO D 81 -11.92 29.78 -7.76
C PRO D 81 -11.83 29.23 -6.32
N LEU D 82 -12.60 29.77 -5.38
CA LEU D 82 -12.52 29.32 -4.00
C LEU D 82 -13.03 27.87 -3.95
N GLN D 83 -14.10 27.58 -4.68
CA GLN D 83 -14.67 26.21 -4.66
C GLN D 83 -13.75 25.24 -5.41
N PHE D 84 -13.06 25.72 -6.42
CA PHE D 84 -12.08 24.90 -7.09
C PHE D 84 -11.00 24.47 -6.13
N PHE D 85 -10.48 25.40 -5.36
CA PHE D 85 -9.42 25.10 -4.38
C PHE D 85 -9.94 24.15 -3.30
N ARG D 86 -11.12 24.44 -2.77
CA ARG D 86 -11.72 23.60 -1.75
C ARG D 86 -11.95 22.14 -2.20
N GLN D 87 -12.59 22.00 -3.36
CA GLN D 87 -13.14 20.75 -3.84
C GLN D 87 -12.20 19.94 -4.73
N PHE D 88 -10.99 20.48 -4.97
CA PHE D 88 -10.02 19.95 -5.94
C PHE D 88 -9.91 18.43 -5.96
N PHE D 89 -9.67 17.79 -4.82
CA PHE D 89 -9.51 16.33 -4.80
C PHE D 89 -10.72 15.55 -5.35
N TRP D 90 -11.90 16.13 -5.23
CA TRP D 90 -13.19 15.47 -5.58
C TRP D 90 -13.51 15.69 -7.06
N LEU D 91 -12.76 16.57 -7.72
CA LEU D 91 -13.04 16.95 -9.08
C LEU D 91 -12.39 15.95 -10.05
N GLY D 92 -13.01 15.77 -11.21
CA GLY D 92 -12.37 14.94 -12.23
C GLY D 92 -12.88 15.12 -13.62
N LEU D 93 -12.16 14.46 -14.53
CA LEU D 93 -12.51 14.40 -15.94
C LEU D 93 -12.78 12.93 -16.21
N TYR D 94 -14.01 12.60 -16.58
CA TYR D 94 -14.48 11.25 -16.61
C TYR D 94 -14.62 10.72 -18.01
N PRO D 95 -14.40 9.42 -18.16
CA PRO D 95 -14.75 8.74 -19.39
C PRO D 95 -16.29 8.69 -19.56
N PRO D 96 -16.78 8.22 -20.72
CA PRO D 96 -18.23 8.21 -20.95
C PRO D 96 -18.99 7.46 -19.88
N LYS D 97 -20.07 8.06 -19.36
CA LYS D 97 -20.97 7.33 -18.47
C LYS D 97 -21.99 6.42 -19.21
N ALA D 98 -22.45 6.89 -20.36
CA ALA D 98 -23.31 6.12 -21.23
C ALA D 98 -22.45 5.12 -22.03
N GLN D 99 -23.11 4.09 -22.56
CA GLN D 99 -22.44 3.06 -23.31
C GLN D 99 -22.51 3.39 -24.79
N TYR D 100 -21.39 3.77 -25.38
CA TYR D 100 -21.32 4.05 -26.82
C TYR D 100 -20.48 2.96 -27.43
N GLY D 101 -20.08 1.97 -26.62
CA GLY D 101 -19.16 0.95 -27.10
C GLY D 101 -17.84 1.62 -27.41
N MET D 102 -17.33 1.38 -28.63
CA MET D 102 -16.09 2.02 -29.09
C MET D 102 -16.28 3.37 -29.84
N GLY D 103 -17.52 3.80 -30.01
CA GLY D 103 -17.78 5.11 -30.61
C GLY D 103 -17.15 6.25 -29.85
N ILE D 104 -16.59 7.22 -30.59
CA ILE D 104 -16.00 8.43 -30.00
C ILE D 104 -17.09 9.11 -29.22
N PRO D 105 -16.90 9.27 -27.90
CA PRO D 105 -17.97 9.84 -27.12
C PRO D 105 -18.10 11.33 -27.44
N PRO D 106 -19.27 11.91 -27.20
CA PRO D 106 -19.37 13.37 -27.27
C PRO D 106 -18.54 14.04 -26.17
N LEU D 107 -18.13 15.27 -26.43
CA LEU D 107 -17.28 16.08 -25.54
C LEU D 107 -17.84 16.22 -24.14
N HIS D 108 -19.16 16.30 -24.01
CA HIS D 108 -19.82 16.42 -22.72
C HIS D 108 -19.99 15.08 -21.98
N ASP D 109 -19.65 13.96 -22.62
CA ASP D 109 -19.74 12.66 -21.96
C ASP D 109 -18.63 11.76 -22.46
N GLY D 110 -17.39 12.21 -22.23
CA GLY D 110 -16.19 11.40 -22.32
C GLY D 110 -15.17 11.86 -23.36
N GLY D 111 -15.59 12.75 -24.26
CA GLY D 111 -14.72 13.13 -25.39
C GLY D 111 -13.45 13.87 -24.94
N TRP D 112 -13.59 14.74 -23.93
CA TRP D 112 -12.42 15.46 -23.39
C TRP D 112 -11.50 14.51 -22.64
N TRP D 113 -12.08 13.51 -21.96
CA TRP D 113 -11.29 12.48 -21.28
C TRP D 113 -10.39 11.79 -22.32
N LEU D 114 -10.99 11.40 -23.44
CA LEU D 114 -10.27 10.71 -24.49
C LEU D 114 -9.10 11.57 -25.04
N MET D 115 -9.38 12.86 -25.26
N MET D 115 -9.37 12.86 -25.27
CA MET D 115 -8.37 13.80 -25.71
CA MET D 115 -8.36 13.79 -25.72
C MET D 115 -7.23 13.95 -24.72
C MET D 115 -7.23 13.96 -24.72
N ALA D 116 -7.57 14.07 -23.44
CA ALA D 116 -6.55 14.18 -22.39
C ALA D 116 -5.68 12.91 -22.41
N GLY D 117 -6.32 11.75 -22.60
CA GLY D 117 -5.60 10.48 -22.70
C GLY D 117 -4.59 10.39 -23.83
N LEU D 118 -5.00 10.80 -25.01
CA LEU D 118 -4.11 10.90 -26.17
C LEU D 118 -2.89 11.78 -25.88
N PHE D 119 -3.10 12.99 -25.37
CA PHE D 119 -1.98 13.89 -25.06
C PHE D 119 -1.10 13.36 -23.97
N MET D 120 -1.70 12.75 -22.95
CA MET D 120 -0.89 12.08 -21.94
C MET D 120 0.00 10.94 -22.56
N THR D 121 -0.60 10.10 -23.41
CA THR D 121 0.12 9.00 -24.05
C THR D 121 1.30 9.55 -24.89
N LEU D 122 1.07 10.64 -25.60
CA LEU D 122 2.13 11.29 -26.35
C LEU D 122 3.25 11.82 -25.46
N SER D 123 2.88 12.36 -24.31
N SER D 123 2.89 12.34 -24.28
CA SER D 123 3.85 12.85 -23.35
CA SER D 123 3.88 12.86 -23.31
C SER D 123 4.74 11.70 -22.88
C SER D 123 4.74 11.74 -22.72
N LEU D 124 4.11 10.60 -22.45
CA LEU D 124 4.80 9.41 -21.99
C LEU D 124 5.76 8.87 -23.01
N GLY D 125 5.30 8.72 -24.24
CA GLY D 125 6.17 8.25 -25.29
C GLY D 125 7.37 9.15 -25.57
N SER D 126 7.14 10.45 -25.55
CA SER D 126 8.16 11.47 -25.70
C SER D 126 9.18 11.41 -24.59
N TRP D 127 8.73 11.26 -23.35
CA TRP D 127 9.66 11.12 -22.24
C TRP D 127 10.46 9.82 -22.35
N TRP D 128 9.84 8.79 -22.90
CA TRP D 128 10.49 7.49 -23.08
C TRP D 128 11.68 7.65 -24.04
N ILE D 129 11.47 8.37 -25.12
CA ILE D 129 12.57 8.67 -26.06
C ILE D 129 13.76 9.37 -25.38
N ARG D 130 13.47 10.36 -24.54
CA ARG D 130 14.49 11.00 -23.72
C ARG D 130 15.26 10.01 -22.86
N VAL D 131 14.54 9.12 -22.18
CA VAL D 131 15.15 8.18 -21.19
C VAL D 131 16.02 7.18 -21.93
N TYR D 132 15.53 6.75 -23.07
CA TYR D 132 16.25 5.84 -23.93
C TYR D 132 17.47 6.55 -24.58
N SER D 133 17.25 7.72 -25.17
CA SER D 133 18.26 8.43 -25.97
C SER D 133 19.40 8.86 -25.12
N ARG D 134 19.08 9.35 -23.92
CA ARG D 134 20.13 9.86 -23.06
C ARG D 134 21.10 8.75 -22.67
N ALA D 135 20.59 7.54 -22.45
CA ALA D 135 21.43 6.39 -22.17
C ALA D 135 22.37 6.14 -23.34
N ARG D 136 21.81 6.12 -24.55
CA ARG D 136 22.62 5.90 -25.74
C ARG D 136 23.69 7.02 -25.94
N ALA D 137 23.30 8.26 -25.74
CA ALA D 137 24.24 9.38 -25.85
C ALA D 137 25.43 9.23 -24.91
N LEU D 138 25.20 8.69 -23.72
CA LEU D 138 26.27 8.59 -22.74
C LEU D 138 26.98 7.25 -22.78
N GLY D 139 26.73 6.44 -23.81
CA GLY D 139 27.37 5.12 -23.94
C GLY D 139 26.95 4.14 -22.84
N LEU D 140 25.69 4.25 -22.41
CA LEU D 140 25.13 3.33 -21.39
C LEU D 140 24.12 2.35 -22.04
N GLY D 141 23.88 1.21 -21.39
CA GLY D 141 22.83 0.30 -21.83
C GLY D 141 21.45 0.93 -21.61
N THR D 142 20.42 0.26 -22.12
CA THR D 142 19.11 0.84 -22.15
C THR D 142 18.19 0.17 -21.13
N HIS D 143 18.78 -0.34 -20.05
CA HIS D 143 18.03 -1.08 -19.03
C HIS D 143 16.88 -0.22 -18.44
N ILE D 144 17.14 1.08 -18.20
CA ILE D 144 16.12 1.91 -17.54
C ILE D 144 14.91 2.07 -18.50
N ALA D 145 15.18 2.32 -19.77
CA ALA D 145 14.10 2.49 -20.76
C ALA D 145 13.20 1.24 -20.86
N TRP D 146 13.77 0.04 -20.80
CA TRP D 146 12.93 -1.16 -20.85
C TRP D 146 12.05 -1.32 -19.62
N ASN D 147 12.55 -0.90 -18.46
CA ASN D 147 11.75 -0.92 -17.25
C ASN D 147 10.62 0.11 -17.36
N PHE D 148 10.93 1.30 -17.88
CA PHE D 148 9.94 2.37 -18.05
C PHE D 148 8.87 2.00 -19.05
N ALA D 149 9.29 1.34 -20.12
CA ALA D 149 8.38 0.80 -21.16
C ALA D 149 7.28 -0.13 -20.52
N ALA D 150 7.66 -0.97 -19.56
CA ALA D 150 6.68 -1.83 -18.88
C ALA D 150 5.66 -1.00 -18.05
N ALA D 151 6.13 0.07 -17.38
CA ALA D 151 5.25 1.01 -16.66
C ALA D 151 4.26 1.71 -17.59
N ILE D 152 4.78 2.22 -18.70
CA ILE D 152 3.95 2.81 -19.70
C ILE D 152 2.91 1.83 -20.27
N PHE D 153 3.33 0.59 -20.57
CA PHE D 153 2.43 -0.40 -21.13
C PHE D 153 1.26 -0.63 -20.13
N PHE D 154 1.58 -0.71 -18.84
CA PHE D 154 0.52 -0.92 -17.83
C PHE D 154 -0.51 0.20 -17.87
N VAL D 155 -0.02 1.44 -17.97
CA VAL D 155 -0.91 2.58 -18.05
C VAL D 155 -1.77 2.49 -19.34
N LEU D 156 -1.18 2.11 -20.44
CA LEU D 156 -1.93 1.88 -21.66
C LEU D 156 -2.97 0.74 -21.48
N CYS D 157 -2.68 -0.28 -20.67
CA CYS D 157 -3.64 -1.35 -20.45
C CYS D 157 -4.88 -0.82 -19.76
N ILE D 158 -4.69 -0.04 -18.73
CA ILE D 158 -5.86 0.45 -17.95
C ILE D 158 -6.59 1.63 -18.61
N GLY D 159 -5.85 2.37 -19.41
CA GLY D 159 -6.38 3.57 -20.05
C GLY D 159 -7.07 3.27 -21.39
N CSO D 160 -6.51 2.37 -22.17
CA CSO D 160 -7.11 2.14 -23.47
CB CSO D 160 -6.59 3.16 -24.46
SG CSO D 160 -4.97 2.74 -24.89
C CSO D 160 -7.08 0.74 -24.06
O CSO D 160 -8.01 0.42 -24.79
OD CSO D 160 -5.15 1.97 -26.54
N ILE D 161 -6.12 -0.11 -23.72
CA ILE D 161 -6.17 -1.51 -24.24
C ILE D 161 -7.34 -2.36 -23.64
N HIS D 162 -7.50 -2.39 -22.32
N HIS D 162 -7.53 -2.38 -22.33
CA HIS D 162 -8.64 -3.12 -21.76
CA HIS D 162 -8.65 -3.14 -21.78
C HIS D 162 -9.93 -2.55 -22.39
C HIS D 162 -10.02 -2.55 -22.25
N PRO D 163 -10.14 -1.23 -22.31
CA PRO D 163 -11.38 -0.67 -22.93
C PRO D 163 -11.62 -1.13 -24.39
N THR D 164 -10.56 -1.17 -25.21
CA THR D 164 -10.66 -1.64 -26.57
C THR D 164 -11.00 -3.12 -26.61
N LEU D 165 -10.38 -3.92 -25.76
CA LEU D 165 -10.62 -5.37 -25.81
C LEU D 165 -12.05 -5.76 -25.43
N VAL D 166 -12.67 -5.08 -24.48
CA VAL D 166 -14.08 -5.35 -24.14
C VAL D 166 -15.05 -4.49 -24.96
N GLY D 167 -14.52 -3.48 -25.62
CA GLY D 167 -15.24 -2.62 -26.53
C GLY D 167 -16.01 -1.51 -25.85
N SER D 168 -15.51 -0.94 -24.76
CA SER D 168 -16.17 0.24 -24.17
C SER D 168 -15.22 1.22 -23.52
N TRP D 169 -15.27 2.47 -23.96
CA TRP D 169 -14.50 3.54 -23.34
C TRP D 169 -14.97 3.84 -21.92
N SER D 170 -16.16 3.40 -21.55
CA SER D 170 -16.67 3.62 -20.18
C SER D 170 -15.80 3.03 -19.07
N GLU D 171 -14.92 2.10 -19.45
CA GLU D 171 -14.10 1.37 -18.55
C GLU D 171 -12.75 2.05 -18.17
N GLY D 172 -12.39 3.17 -18.81
CA GLY D 172 -11.09 3.82 -18.61
C GLY D 172 -10.95 4.51 -17.26
N VAL D 173 -9.73 4.82 -16.87
CA VAL D 173 -9.49 5.42 -15.57
C VAL D 173 -9.77 6.91 -15.68
N PRO D 174 -10.60 7.46 -14.81
CA PRO D 174 -10.81 8.92 -14.78
C PRO D 174 -9.57 9.68 -14.33
N PHE D 175 -9.44 10.93 -14.76
CA PHE D 175 -8.40 11.84 -14.22
C PHE D 175 -8.96 12.58 -13.01
N GLY D 176 -8.27 12.53 -11.87
CA GLY D 176 -8.61 13.28 -10.68
C GLY D 176 -8.09 12.50 -9.50
N ILE D 177 -7.87 13.20 -8.38
CA ILE D 177 -7.26 12.56 -7.18
C ILE D 177 -8.19 11.49 -6.62
N TRP D 178 -9.35 11.90 -6.08
CA TRP D 178 -10.29 10.91 -5.64
C TRP D 178 -10.92 10.10 -6.78
N PRO D 179 -11.29 10.74 -7.93
CA PRO D 179 -11.94 9.95 -8.98
C PRO D 179 -11.11 8.78 -9.53
N HIS D 180 -9.80 8.95 -9.68
CA HIS D 180 -8.98 7.81 -10.17
C HIS D 180 -8.95 6.68 -9.10
N ILE D 181 -9.05 7.03 -7.82
CA ILE D 181 -9.13 6.09 -6.73
C ILE D 181 -10.48 5.33 -6.77
N ASP D 182 -11.54 6.07 -6.98
CA ASP D 182 -12.89 5.48 -7.02
C ASP D 182 -12.98 4.37 -8.10
N TRP D 183 -12.34 4.59 -9.24
CA TRP D 183 -12.23 3.62 -10.32
C TRP D 183 -11.74 2.27 -9.85
N LEU D 184 -10.75 2.26 -8.95
CA LEU D 184 -10.22 1.01 -8.42
C LEU D 184 -11.28 0.09 -7.85
N THR D 185 -12.13 0.68 -7.03
CA THR D 185 -13.25 -0.05 -6.45
C THR D 185 -14.33 -0.44 -7.47
N ALA D 186 -14.74 0.48 -8.35
CA ALA D 186 -15.70 0.14 -9.40
C ALA D 186 -15.22 -1.07 -10.26
N PHE D 187 -13.93 -1.06 -10.63
CA PHE D 187 -13.31 -2.09 -11.45
C PHE D 187 -13.24 -3.45 -10.71
N SER D 188 -12.77 -3.42 -9.46
CA SER D 188 -12.72 -4.61 -8.64
C SER D 188 -14.12 -5.23 -8.43
N ILE D 189 -15.09 -4.41 -8.10
CA ILE D 189 -16.47 -4.86 -7.98
C ILE D 189 -16.99 -5.51 -9.28
N ARG D 190 -16.89 -4.79 -10.41
CA ARG D 190 -17.39 -5.27 -11.68
C ARG D 190 -16.80 -6.66 -12.03
N TYR D 191 -15.54 -6.88 -11.69
CA TYR D 191 -14.82 -8.09 -12.06
C TYR D 191 -14.63 -9.08 -10.90
N GLY D 192 -15.50 -8.98 -9.88
CA GLY D 192 -15.71 -10.09 -8.96
C GLY D 192 -14.60 -10.23 -7.93
N ASN D 193 -13.98 -9.09 -7.57
CA ASN D 193 -13.05 -8.94 -6.45
C ASN D 193 -11.62 -9.18 -6.92
N PHE D 194 -10.85 -8.11 -7.05
CA PHE D 194 -9.46 -8.24 -7.52
C PHE D 194 -8.51 -9.00 -6.61
N TYR D 195 -8.85 -9.18 -5.33
CA TYR D 195 -8.05 -10.08 -4.49
C TYR D 195 -7.92 -11.51 -5.06
N TYR D 196 -8.93 -11.96 -5.84
CA TYR D 196 -8.99 -13.30 -6.42
C TYR D 196 -8.38 -13.37 -7.81
N CYS D 197 -7.86 -12.26 -8.32
CA CYS D 197 -7.12 -12.26 -9.59
C CYS D 197 -5.65 -12.66 -9.35
N PRO D 198 -5.22 -13.83 -9.89
CA PRO D 198 -3.86 -14.27 -9.59
C PRO D 198 -2.76 -13.24 -9.94
N TRP D 199 -2.96 -12.51 -11.04
CA TRP D 199 -2.04 -11.49 -11.51
C TRP D 199 -1.98 -10.27 -10.58
N HIS D 200 -3.08 -9.98 -9.88
CA HIS D 200 -3.07 -8.97 -8.81
C HIS D 200 -2.14 -9.49 -7.71
N GLY D 201 -2.27 -10.77 -7.36
CA GLY D 201 -1.41 -11.37 -6.40
C GLY D 201 0.06 -11.37 -6.85
N PHE D 202 0.33 -11.76 -8.10
CA PHE D 202 1.71 -11.71 -8.61
C PHE D 202 2.28 -10.27 -8.52
N SER D 203 1.51 -9.29 -9.02
CA SER D 203 1.95 -7.91 -9.02
C SER D 203 2.28 -7.43 -7.57
N ILE D 204 1.43 -7.80 -6.63
CA ILE D 204 1.68 -7.49 -5.20
C ILE D 204 2.89 -8.15 -4.63
N GLY D 205 3.03 -9.46 -4.89
CA GLY D 205 4.22 -10.21 -4.51
C GLY D 205 5.52 -9.53 -4.98
N PHE D 206 5.52 -9.09 -6.23
CA PHE D 206 6.64 -8.33 -6.75
C PHE D 206 6.83 -6.91 -6.12
N ALA D 207 5.72 -6.22 -5.82
CA ALA D 207 5.75 -4.85 -5.30
C ALA D 207 6.24 -4.91 -3.82
N TYR D 208 5.69 -5.84 -3.05
CA TYR D 208 6.16 -6.07 -1.71
C TYR D 208 7.61 -6.52 -1.73
N GLY D 209 7.91 -7.34 -2.70
CA GLY D 209 9.25 -7.86 -2.99
C GLY D 209 10.27 -6.77 -3.33
N CYS D 210 9.87 -5.73 -4.06
CA CYS D 210 10.69 -4.54 -4.22
C CYS D 210 10.96 -3.83 -2.87
N GLY D 211 9.95 -3.77 -1.98
CA GLY D 211 10.11 -3.26 -0.61
C GLY D 211 11.19 -4.06 0.09
N LEU D 212 11.04 -5.38 0.09
CA LEU D 212 12.00 -6.26 0.77
C LEU D 212 13.38 -6.05 0.22
N LEU D 213 13.50 -6.11 -1.11
CA LEU D 213 14.81 -6.03 -1.75
C LEU D 213 15.53 -4.68 -1.66
N PHE D 214 14.81 -3.57 -1.77
CA PHE D 214 15.43 -2.28 -1.59
C PHE D 214 15.78 -2.01 -0.14
N ALA D 215 14.95 -2.45 0.80
CA ALA D 215 15.32 -2.37 2.23
C ALA D 215 16.59 -3.22 2.44
N ALA D 216 16.60 -4.45 1.91
CA ALA D 216 17.73 -5.38 2.13
C ALA D 216 19.00 -4.88 1.47
N HIS D 217 18.89 -4.48 0.21
CA HIS D 217 20.02 -4.01 -0.57
C HIS D 217 20.52 -2.65 -0.04
N GLY D 218 19.62 -1.69 0.20
CA GLY D 218 20.03 -0.40 0.74
C GLY D 218 20.77 -0.60 2.04
N ALA D 219 20.20 -1.42 2.92
CA ALA D 219 20.80 -1.69 4.23
C ALA D 219 22.15 -2.41 4.07
N THR D 220 22.22 -3.35 3.13
CA THR D 220 23.46 -4.11 2.89
C THR D 220 24.63 -3.19 2.52
N ILE D 221 24.37 -2.32 1.56
CA ILE D 221 25.34 -1.35 1.10
C ILE D 221 25.79 -0.38 2.19
N LEU D 222 24.86 0.09 3.02
CA LEU D 222 25.20 0.94 4.13
C LEU D 222 26.04 0.15 5.14
N ALA D 223 25.71 -1.12 5.36
CA ALA D 223 26.45 -1.94 6.27
C ALA D 223 27.91 -2.14 5.81
N VAL D 224 28.15 -2.04 4.50
CA VAL D 224 29.52 -2.19 3.98
C VAL D 224 30.08 -0.89 3.39
N ALA D 225 29.49 0.24 3.74
CA ALA D 225 29.98 1.54 3.32
C ALA D 225 31.39 1.80 3.86
N ARG D 226 31.73 1.28 5.05
CA ARG D 226 33.10 1.35 5.60
C ARG D 226 34.21 0.77 4.70
N PHE D 227 33.82 -0.11 3.78
CA PHE D 227 34.69 -0.79 2.85
C PHE D 227 34.48 -0.30 1.42
N GLY D 228 33.78 0.81 1.27
CA GLY D 228 33.51 1.35 -0.08
C GLY D 228 32.51 0.56 -0.93
N GLY D 229 31.60 -0.17 -0.30
CA GLY D 229 30.61 -0.92 -1.05
C GLY D 229 29.72 -0.10 -1.97
N ASP D 230 29.57 1.19 -1.68
CA ASP D 230 28.77 2.10 -2.52
C ASP D 230 29.36 2.36 -3.89
N ARG D 231 30.65 2.07 -4.07
CA ARG D 231 31.33 2.23 -5.39
C ARG D 231 31.09 0.96 -6.19
N GLU D 232 29.84 0.76 -6.54
CA GLU D 232 29.38 -0.52 -7.05
C GLU D 232 29.97 -0.95 -8.37
N ILE D 233 30.26 0.00 -9.24
CA ILE D 233 30.79 -0.34 -10.56
C ILE D 233 32.14 -1.03 -10.48
N GLU D 234 33.06 -0.51 -9.67
CA GLU D 234 34.38 -1.11 -9.56
C GLU D 234 34.37 -2.33 -8.63
N GLN D 235 33.37 -2.43 -7.77
CA GLN D 235 33.14 -3.69 -7.04
C GLN D 235 32.70 -4.82 -8.02
N ILE D 236 31.95 -4.46 -9.07
CA ILE D 236 31.56 -5.41 -10.11
C ILE D 236 32.79 -5.83 -10.91
N THR D 237 33.57 -4.87 -11.39
CA THR D 237 34.76 -5.22 -12.22
C THR D 237 35.94 -5.67 -11.39
N ASP D 238 35.95 -5.38 -10.10
CA ASP D 238 37.08 -5.84 -9.23
C ASP D 238 36.63 -6.09 -7.76
N ARG D 239 36.06 -7.27 -7.54
CA ARG D 239 35.50 -7.64 -6.26
C ARG D 239 36.34 -7.24 -5.05
N GLY D 240 35.75 -6.48 -4.15
CA GLY D 240 36.39 -6.07 -2.88
C GLY D 240 35.79 -6.70 -1.64
N THR D 241 36.45 -6.47 -0.48
CA THR D 241 35.99 -7.08 0.76
C THR D 241 34.56 -6.60 1.04
N ALA D 242 34.17 -5.39 0.61
CA ALA D 242 32.77 -4.96 0.80
C ALA D 242 31.75 -5.99 0.30
N VAL D 243 31.90 -6.45 -0.93
CA VAL D 243 30.92 -7.33 -1.54
C VAL D 243 31.15 -8.81 -1.20
N GLU D 244 32.35 -9.16 -0.76
CA GLU D 244 32.62 -10.46 -0.18
C GLU D 244 31.85 -10.55 1.12
N ARG D 245 31.95 -9.53 1.98
CA ARG D 245 31.19 -9.54 3.24
C ARG D 245 29.67 -9.46 3.01
N ALA D 246 29.21 -8.63 2.08
CA ALA D 246 27.78 -8.58 1.75
C ALA D 246 27.25 -9.96 1.35
N ALA D 247 27.95 -10.64 0.43
CA ALA D 247 27.55 -11.95 -0.06
C ALA D 247 27.53 -12.97 1.12
N LEU D 248 28.52 -12.93 2.00
CA LEU D 248 28.59 -13.88 3.09
C LEU D 248 27.52 -13.64 4.15
N PHE D 249 27.13 -12.38 4.34
CA PHE D 249 26.06 -12.06 5.26
C PHE D 249 24.82 -12.82 4.80
N TRP D 250 24.48 -12.70 3.53
CA TRP D 250 23.33 -13.37 2.97
C TRP D 250 23.47 -14.91 2.93
N ARG D 251 24.63 -15.40 2.55
CA ARG D 251 24.85 -16.82 2.41
C ARG D 251 24.62 -17.44 3.77
N TRP D 252 25.18 -16.79 4.81
CA TRP D 252 25.11 -17.33 6.15
C TRP D 252 23.73 -17.22 6.74
N THR D 253 23.00 -16.20 6.33
CA THR D 253 21.62 -15.97 6.83
C THR D 253 20.61 -16.87 6.12
N ILE D 254 20.53 -16.73 4.79
CA ILE D 254 19.50 -17.44 4.00
C ILE D 254 19.98 -18.66 3.17
N GLY D 255 21.27 -18.93 3.19
CA GLY D 255 21.80 -20.14 2.61
C GLY D 255 22.26 -19.98 1.16
N PHE D 256 22.14 -18.78 0.59
CA PHE D 256 22.54 -18.51 -0.77
C PHE D 256 22.73 -16.99 -0.86
N ASN D 257 23.30 -16.52 -1.97
CA ASN D 257 23.65 -15.13 -2.10
C ASN D 257 23.75 -14.72 -3.59
N ALA D 258 23.77 -13.42 -3.80
CA ALA D 258 23.95 -12.81 -5.11
C ALA D 258 25.39 -12.33 -5.27
N THR D 259 25.63 -11.60 -6.34
CA THR D 259 26.83 -10.83 -6.49
C THR D 259 26.40 -9.37 -6.52
N ILE D 260 27.35 -8.47 -6.40
CA ILE D 260 27.01 -7.02 -6.45
C ILE D 260 26.39 -6.66 -7.78
N GLU D 261 26.79 -7.31 -8.89
CA GLU D 261 26.06 -6.97 -10.15
C GLU D 261 24.64 -7.58 -10.13
N SER D 262 24.55 -8.86 -9.75
CA SER D 262 23.32 -9.65 -9.97
C SER D 262 22.20 -9.20 -9.05
N VAL D 263 22.53 -8.63 -7.89
CA VAL D 263 21.47 -8.11 -7.03
C VAL D 263 20.70 -6.98 -7.71
N HIS D 264 21.39 -6.22 -8.58
CA HIS D 264 20.73 -5.20 -9.38
C HIS D 264 19.85 -5.79 -10.47
N ARG D 265 20.21 -6.99 -10.96
CA ARG D 265 19.31 -7.74 -11.87
C ARG D 265 18.06 -8.23 -11.17
N TRP D 266 18.20 -8.74 -9.95
CA TRP D 266 17.04 -9.13 -9.16
C TRP D 266 16.09 -7.95 -8.95
N GLY D 267 16.65 -6.79 -8.59
CA GLY D 267 15.82 -5.59 -8.32
C GLY D 267 15.17 -5.10 -9.59
N TRP D 268 15.92 -5.10 -10.68
CA TRP D 268 15.30 -4.67 -11.96
C TRP D 268 14.17 -5.60 -12.39
N PHE D 269 14.38 -6.92 -12.27
CA PHE D 269 13.39 -7.91 -12.56
C PHE D 269 12.16 -7.75 -11.68
N PHE D 270 12.34 -7.62 -10.37
CA PHE D 270 11.17 -7.47 -9.49
C PHE D 270 10.34 -6.25 -9.86
N SER D 271 11.00 -5.15 -10.13
CA SER D 271 10.32 -3.90 -10.50
C SER D 271 9.60 -4.11 -11.83
N LEU D 272 10.28 -4.64 -12.82
CA LEU D 272 9.61 -4.92 -14.10
C LEU D 272 8.35 -5.82 -13.95
N MET D 273 8.44 -6.84 -13.08
CA MET D 273 7.36 -7.81 -12.93
C MET D 273 6.14 -7.26 -12.21
N VAL D 274 6.29 -6.19 -11.41
CA VAL D 274 5.09 -5.49 -10.87
C VAL D 274 4.19 -5.11 -12.06
N MET D 275 4.78 -4.47 -13.04
CA MET D 275 4.05 -3.92 -14.22
C MET D 275 3.65 -4.99 -15.23
N VAL D 276 4.53 -5.95 -15.50
CA VAL D 276 4.19 -7.04 -16.40
C VAL D 276 3.04 -7.85 -15.83
N SER D 277 3.11 -8.23 -14.55
CA SER D 277 2.04 -8.96 -13.92
C SER D 277 0.71 -8.21 -13.95
N ALA D 278 0.75 -6.95 -13.53
CA ALA D 278 -0.44 -6.14 -13.51
C ALA D 278 -1.04 -6.10 -14.93
N SER D 279 -0.19 -5.92 -15.92
CA SER D 279 -0.70 -5.82 -17.29
C SER D 279 -1.38 -7.13 -17.74
N VAL D 280 -0.77 -8.28 -17.49
CA VAL D 280 -1.38 -9.54 -17.85
C VAL D 280 -2.77 -9.65 -17.19
N GLY D 281 -2.84 -9.30 -15.91
CA GLY D 281 -4.09 -9.37 -15.14
C GLY D 281 -5.17 -8.54 -15.83
N ILE D 282 -4.81 -7.32 -16.16
CA ILE D 282 -5.77 -6.43 -16.80
C ILE D 282 -6.18 -6.94 -18.18
N LEU D 283 -5.22 -7.43 -18.97
CA LEU D 283 -5.55 -7.95 -20.30
C LEU D 283 -6.52 -9.16 -20.24
N LEU D 284 -6.41 -10.01 -19.22
CA LEU D 284 -7.31 -11.13 -19.01
C LEU D 284 -8.69 -10.74 -18.46
N THR D 285 -8.77 -9.62 -17.72
CA THR D 285 -10.00 -9.19 -17.08
C THR D 285 -10.99 -8.65 -18.08
N GLY D 286 -12.21 -9.21 -18.05
CA GLY D 286 -13.26 -8.79 -18.96
C GLY D 286 -13.22 -9.50 -20.32
N THR D 287 -12.01 -9.66 -20.80
CA THR D 287 -11.74 -10.42 -22.00
C THR D 287 -12.06 -11.90 -21.82
N PHE D 288 -11.42 -12.53 -20.82
CA PHE D 288 -11.48 -13.94 -20.60
C PHE D 288 -11.96 -14.38 -19.22
N VAL D 289 -12.09 -13.43 -18.29
CA VAL D 289 -12.63 -13.74 -16.98
C VAL D 289 -13.58 -12.58 -16.60
N ASP D 290 -14.77 -12.93 -16.11
CA ASP D 290 -15.77 -11.96 -15.72
C ASP D 290 -15.87 -11.75 -14.22
N ASN D 291 -15.56 -12.78 -13.45
CA ASN D 291 -15.67 -12.73 -11.99
C ASN D 291 -14.54 -13.60 -11.40
N TRP D 292 -13.51 -12.90 -10.91
CA TRP D 292 -12.33 -13.56 -10.42
C TRP D 292 -12.60 -14.50 -9.24
N TYR D 293 -13.44 -14.09 -8.32
CA TYR D 293 -13.81 -14.95 -7.16
C TYR D 293 -14.43 -16.28 -7.68
N LEU D 294 -15.36 -16.19 -8.63
CA LEU D 294 -16.03 -17.37 -9.16
C LEU D 294 -15.07 -18.22 -9.99
N TRP D 295 -14.09 -17.58 -10.63
CA TRP D 295 -13.08 -18.33 -11.36
C TRP D 295 -12.23 -19.14 -10.35
N CYS D 296 -11.87 -18.53 -9.22
CA CYS D 296 -11.18 -19.26 -8.13
C CYS D 296 -12.03 -20.38 -7.50
N VAL D 297 -13.33 -20.17 -7.29
CA VAL D 297 -14.21 -21.22 -6.85
C VAL D 297 -14.20 -22.36 -7.87
N LYS D 298 -14.35 -22.03 -9.14
CA LYS D 298 -14.39 -23.03 -10.21
C LYS D 298 -13.12 -23.90 -10.19
N HIS D 299 -11.97 -23.30 -9.92
CA HIS D 299 -10.71 -24.02 -9.94
C HIS D 299 -10.32 -24.57 -8.57
N GLY D 300 -11.24 -24.52 -7.59
CA GLY D 300 -11.06 -25.21 -6.31
C GLY D 300 -10.22 -24.49 -5.26
N ALA D 301 -9.93 -23.19 -5.43
CA ALA D 301 -8.98 -22.48 -4.59
C ALA D 301 -9.60 -21.64 -3.44
N ALA D 302 -10.81 -21.15 -3.60
CA ALA D 302 -11.37 -20.15 -2.67
C ALA D 302 -11.70 -20.75 -1.29
N PRO D 303 -11.33 -20.04 -0.21
CA PRO D 303 -11.71 -20.49 1.10
C PRO D 303 -13.20 -20.33 1.31
N ASP D 304 -13.73 -21.16 2.20
CA ASP D 304 -15.14 -21.07 2.59
C ASP D 304 -15.19 -21.08 4.11
N TYR D 305 -16.25 -20.48 4.65
CA TYR D 305 -16.38 -20.27 6.08
C TYR D 305 -17.80 -20.60 6.51
N PRO D 306 -17.96 -21.07 7.75
CA PRO D 306 -19.28 -21.14 8.32
C PRO D 306 -19.96 -19.79 8.43
N ALA D 307 -21.28 -19.84 8.45
CA ALA D 307 -22.11 -18.69 8.78
C ALA D 307 -21.92 -18.37 10.27
N TYR D 308 -21.96 -17.10 10.63
CA TYR D 308 -21.88 -16.69 12.00
C TYR D 308 -23.29 -16.30 12.38
N LEU D 309 -23.82 -15.27 11.76
CA LEU D 309 -25.28 -15.05 11.80
C LEU D 309 -25.90 -16.02 10.76
N PRO D 310 -27.21 -16.31 10.87
CA PRO D 310 -27.83 -17.28 9.98
C PRO D 310 -27.57 -17.00 8.47
N ALA D 311 -27.27 -18.07 7.74
CA ALA D 311 -27.19 -18.05 6.29
C ALA D 311 -28.50 -17.43 5.75
N THR D 312 -28.37 -16.65 4.69
CA THR D 312 -29.43 -15.78 4.22
C THR D 312 -29.68 -16.02 2.74
N PRO D 313 -30.78 -16.72 2.43
CA PRO D 313 -31.17 -16.89 1.01
C PRO D 313 -31.48 -15.58 0.31
N ASP D 314 -31.12 -15.55 -0.95
CA ASP D 314 -31.45 -14.42 -1.82
C ASP D 314 -32.97 -14.23 -1.84
N PRO D 315 -33.46 -13.11 -1.32
CA PRO D 315 -34.91 -12.94 -1.29
C PRO D 315 -35.55 -12.90 -2.67
N ALA D 316 -34.82 -12.48 -3.69
CA ALA D 316 -35.32 -12.41 -5.04
C ALA D 316 -35.70 -13.79 -5.57
N SER D 317 -35.14 -14.82 -4.97
CA SER D 317 -35.38 -16.20 -5.37
C SER D 317 -36.51 -16.83 -4.57
N LEU D 318 -37.16 -16.11 -3.64
CA LEU D 318 -38.16 -16.73 -2.74
C LEU D 318 -39.53 -16.76 -3.42
N PRO D 319 -40.39 -17.74 -3.04
CA PRO D 319 -41.72 -17.82 -3.66
C PRO D 319 -42.55 -16.56 -3.46
N GLY D 320 -43.06 -16.01 -4.56
CA GLY D 320 -43.85 -14.80 -4.48
C GLY D 320 -43.07 -13.50 -4.32
N ALA D 321 -41.72 -13.51 -4.37
CA ALA D 321 -40.94 -12.27 -4.18
C ALA D 321 -41.21 -11.31 -5.33
N PRO D 322 -41.29 -10.02 -5.03
CA PRO D 322 -41.35 -9.09 -6.15
C PRO D 322 -40.02 -9.02 -6.94
N LYS D 323 -40.02 -8.29 -8.06
CA LYS D 323 -38.78 -8.05 -8.78
C LYS D 323 -37.88 -7.00 -8.05
FE HEC E . -58.00 15.52 12.89
CHA HEC E . -60.54 14.00 11.21
CHB HEC E . -60.13 16.14 15.52
CHC HEC E . -55.48 16.86 14.60
CHD HEC E . -55.93 15.10 10.17
NA HEC E . -59.97 15.13 13.31
C1A HEC E . -60.91 14.56 12.45
C2A HEC E . -62.21 14.61 12.97
C3A HEC E . -62.08 15.20 14.23
C4A HEC E . -60.70 15.48 14.40
CMA HEC E . -63.22 15.46 15.22
CAA HEC E . -63.49 14.12 12.36
CBA HEC E . -64.11 15.27 11.58
CGA HEC E . -65.37 14.96 10.92
O1A HEC E . -65.33 14.23 9.93
O2A HEC E . -66.46 15.41 11.36
NB HEC E . -57.82 16.36 14.74
C1B HEC E . -58.77 16.49 15.71
C2B HEC E . -58.25 17.06 16.90
C3B HEC E . -56.89 17.26 16.66
C4B HEC E . -56.69 16.83 15.32
CMB HEC E . -59.12 17.33 18.16
CAB HEC E . -55.81 17.80 17.56
CBB HEC E . -55.80 16.93 18.87
NC HEC E . -56.07 15.91 12.46
C1C HEC E . -55.20 16.58 13.26
C2C HEC E . -53.99 16.84 12.61
C3C HEC E . -54.10 16.34 11.32
C4C HEC E . -55.38 15.79 11.27
CMC HEC E . -52.84 17.60 13.20
CAC HEC E . -53.14 16.46 10.18
CBC HEC E . -51.74 15.88 10.42
ND HEC E . -58.19 14.72 11.03
C1D HEC E . -57.21 14.51 10.09
C2D HEC E . -57.65 13.67 9.06
C3D HEC E . -58.99 13.35 9.37
C4D HEC E . -59.29 14.00 10.58
CMD HEC E . -56.86 13.20 7.88
CAD HEC E . -59.88 12.44 8.57
CBD HEC E . -59.53 10.99 8.93
CGD HEC E . -60.13 9.97 8.04
O1D HEC E . -60.23 8.78 8.46
O2D HEC E . -60.56 10.30 6.91
FE HEC F . -46.03 12.29 6.31
CHA HEC F . -45.80 14.99 4.31
CHB HEC F . -48.83 13.60 7.77
CHC HEC F . -46.47 9.43 8.09
CHD HEC F . -43.12 11.15 5.05
NA HEC F . -47.10 13.96 6.07
C1A HEC F . -46.83 15.01 5.23
C2A HEC F . -47.70 16.10 5.46
C3A HEC F . -48.57 15.69 6.46
C4A HEC F . -48.19 14.39 6.80
CMA HEC F . -49.69 16.55 7.05
CAA HEC F . -47.73 17.43 4.85
CBA HEC F . -46.63 18.32 5.40
CGA HEC F . -46.58 19.65 4.73
O1A HEC F . -46.99 20.69 5.30
O2A HEC F . -46.11 19.71 3.58
NB HEC F . -47.40 11.63 7.66
C1B HEC F . -48.50 12.30 8.17
C2B HEC F . -49.24 11.52 9.09
C3B HEC F . -48.54 10.31 9.21
C4B HEC F . -47.44 10.41 8.31
CMB HEC F . -50.52 12.00 9.84
CAB HEC F . -48.88 9.10 10.05
CBB HEC F . -50.35 8.57 9.78
NC HEC F . -44.97 10.58 6.54
C1C HEC F . -45.28 9.50 7.33
C2C HEC F . -44.29 8.53 7.29
C3C HEC F . -43.29 9.01 6.39
C4C HEC F . -43.77 10.26 5.94
CMC HEC F . -44.33 7.22 8.02
CAC HEC F . -41.95 8.40 6.05
CBC HEC F . -42.03 7.05 5.27
ND HEC F . -44.68 12.95 4.95
C1D HEC F . -43.56 12.32 4.47
C2D HEC F . -42.98 12.97 3.37
C3D HEC F . -43.78 14.09 3.15
C4D HEC F . -44.79 14.05 4.14
CMD HEC F . -41.74 12.55 2.59
CAD HEC F . -43.61 15.11 2.06
CBD HEC F . -42.93 16.38 2.53
CGD HEC F . -43.84 17.43 3.02
O1D HEC F . -44.87 17.83 2.38
O2D HEC F . -43.56 17.92 4.12
FE HEC G . -24.36 -3.74 -0.65
CHA HEC G . -25.76 -5.12 -3.42
CHB HEC G . -21.38 -3.49 -2.25
CHC HEC G . -23.17 -1.94 1.91
CHD HEC G . -27.16 -4.38 1.15
NA HEC G . -23.70 -4.18 -2.52
C1A HEC G . -24.38 -4.79 -3.52
C2A HEC G . -23.57 -5.00 -4.67
C3A HEC G . -22.30 -4.54 -4.32
C4A HEC G . -22.43 -4.06 -3.01
CMA HEC G . -21.02 -4.51 -5.16
CAA HEC G . -23.99 -5.62 -5.95
CBA HEC G . -24.02 -7.13 -5.85
CGA HEC G . -24.43 -7.82 -7.10
O1A HEC G . -24.05 -7.38 -8.19
O2A HEC G . -25.08 -8.89 -7.04
NB HEC G . -22.57 -2.84 -0.22
C1B HEC G . -21.44 -2.79 -1.00
C2B HEC G . -20.41 -2.03 -0.42
C3B HEC G . -20.93 -1.55 0.81
C4B HEC G . -22.24 -2.12 0.89
CMB HEC G . -19.02 -1.79 -1.03
CAB HEC G . -20.32 -0.66 1.81
CBB HEC G . -19.90 0.72 1.16
NC HEC G . -25.01 -3.28 1.24
C1C HEC G . -24.36 -2.58 2.18
C2C HEC G . -25.06 -2.53 3.41
C3C HEC G . -26.20 -3.32 3.21
C4C HEC G . -26.15 -3.71 1.85
CMC HEC G . -24.63 -1.90 4.75
CAC HEC G . -27.29 -3.73 4.20
CBC HEC G . -28.05 -2.64 4.97
ND HEC G . -26.15 -4.62 -1.05
C1D HEC G . -27.22 -4.74 -0.23
C2D HEC G . -28.34 -5.29 -0.91
C3D HEC G . -27.94 -5.47 -2.22
C4D HEC G . -26.59 -5.06 -2.27
CMD HEC G . -29.73 -5.54 -0.37
CAD HEC G . -28.75 -6.01 -3.35
CBD HEC G . -29.80 -4.97 -3.81
CGD HEC G . -30.70 -5.42 -4.92
O1D HEC G . -31.72 -4.77 -5.28
O2D HEC G . -30.45 -6.50 -5.52
FE HEC H . -35.24 -0.09 7.23
CHA HEC H . -35.07 -2.41 9.70
CHB HEC H . -32.36 -1.27 5.92
CHC HEC H . -35.59 2.00 4.62
CHD HEC H . -37.98 1.23 8.64
CHD HEC H . -37.98 1.25 8.66
NA HEC H . -33.94 -1.56 7.75
C1A HEC H . -34.00 -2.41 8.80
C2A HEC H . -32.85 -3.28 8.86
C3A HEC H . -32.07 -2.93 7.77
C4A HEC H . -32.79 -1.91 7.10
CMA HEC H . -30.71 -3.52 7.28
CAA HEC H . -32.63 -4.34 9.91
CBA HEC H . -31.75 -3.89 11.04
CGA HEC H . -31.43 -5.00 12.02
O1A HEC H . -32.07 -6.03 12.01
O2A HEC H . -30.51 -4.86 12.83
NB HEC H . -34.16 0.30 5.56
C1B HEC H . -33.00 -0.31 5.15
C2B HEC H . -32.54 0.20 3.93
C3B HEC H . -33.47 1.15 3.53
C4B HEC H . -34.45 1.16 4.56
CMB HEC H . -31.29 -0.29 3.23
CAB HEC H . -33.49 2.05 2.28
CBB HEC H . -33.58 1.32 0.92
NC HEC H . -36.54 1.35 6.70
C1C HEC H . -36.53 2.15 5.62
C2C HEC H . -37.54 3.13 5.64
C3C HEC H . -38.27 2.93 6.84
C4C HEC H . -37.61 1.82 7.43
CMC HEC H . -37.78 4.20 4.57
CAC HEC H . -39.44 3.70 7.37
CBC HEC H . -40.73 3.67 6.47
ND HEC H . -36.32 -0.49 8.89
ND HEC H . -36.34 -0.52 8.88
C1D HEC H . -37.49 0.11 9.28
C1D HEC H . -37.43 0.17 9.36
C2D HEC H . -38.09 -0.51 10.38
C2D HEC H . -37.87 -0.32 10.60
C3D HEC H . -37.22 -1.57 10.68
C3D HEC H . -37.02 -1.39 10.91
C4D HEC H . -36.17 -1.52 9.76
C4D HEC H . -36.11 -1.47 9.83
CMD HEC H . -39.39 -0.17 11.13
CMD HEC H . -39.04 0.21 11.45
CAD HEC H . -37.40 -2.61 11.74
CAD HEC H . -37.05 -2.27 12.13
CBD HEC H . -36.62 -2.34 12.99
CBD HEC H . -37.25 -3.78 11.83
CGD HEC H . -36.83 -3.44 13.95
CGD HEC H . -36.22 -4.65 12.46
O1D HEC H . -36.81 -3.13 15.16
O1D HEC H . -35.55 -5.51 11.77
O2D HEC H . -37.06 -4.64 13.58
O2D HEC H . -36.01 -4.42 13.72
N1 LDA I . -8.65 2.51 25.65
O1 LDA I . -9.71 2.96 25.23
CM1 LDA I . -7.79 3.65 26.08
CM2 LDA I . -8.99 1.69 26.82
C1 LDA I . -7.94 1.71 24.60
C2 LDA I . -7.52 0.35 25.16
C3 LDA I . -6.09 0.31 25.74
C4 LDA I . -5.88 -0.96 26.57
C5 LDA I . -4.49 -1.57 26.36
C6 LDA I . -3.61 -0.65 25.53
C7 LDA I . -2.26 -1.26 25.21
C8 LDA I . -2.03 -1.38 23.70
C9 LDA I . -0.79 -0.66 23.22
C10 LDA I . -0.83 -0.45 21.72
C11 LDA I . 0.39 0.31 21.24
C12 LDA I . 0.09 1.25 20.08
N1 LDA J . -4.30 11.02 17.37
O1 LDA J . -5.16 11.45 18.17
CM1 LDA J . -4.30 11.81 16.13
CM2 LDA J . -2.98 11.13 18.01
C1 LDA J . -4.56 9.62 17.01
C2 LDA J . -4.27 9.30 15.54
C3 LDA J . -2.88 8.74 15.33
C4 LDA J . -2.83 7.23 15.12
C5 LDA J . -1.60 6.65 15.83
C6 LDA J . -1.56 6.91 17.34
C7 LDA J . -0.64 5.91 18.06
C8 LDA J . -1.09 5.63 19.52
C9 LDA J . -0.92 4.16 19.89
C10 LDA J . -0.82 3.95 21.41
C11 LDA J . -1.87 4.77 22.13
C12 LDA J . -2.23 4.18 23.49
CA1 DGA K . -3.30 15.13 12.13
CA2 DGA K . -2.77 13.80 11.57
CA3 DGA K . -2.05 13.87 10.21
CA4 DGA K . -2.18 12.52 9.48
CA5 DGA K . -0.95 12.10 8.65
CA6 DGA K . -1.01 10.60 8.23
CA7 DGA K . 0.20 10.15 7.40
CA8 DGA K . 0.92 9.09 8.19
CA9 DGA K . 2.29 9.60 8.62
CAA DGA K . 2.49 9.49 10.13
CBA DGA K . 3.03 10.80 10.74
CCA DGA K . 2.10 11.38 11.82
OA1 DGA K . -2.76 15.61 13.11
CB1 DGA K . -4.74 17.58 9.48
CB2 DGA K . -3.93 16.63 8.61
CB3 DGA K . -3.10 17.42 7.60
CB4 DGA K . -2.09 16.48 6.92
CB5 DGA K . -2.80 15.49 6.00
CB6 DGA K . -1.99 14.19 5.84
CB7 DGA K . -1.94 13.72 4.36
CB8 DGA K . -1.06 12.49 4.25
CB9 DGA K . -1.33 11.84 2.94
CAB DGA K . -0.08 11.50 2.13
CBB DGA K . -0.22 12.06 0.73
CCB DGA K . 0.23 11.10 -0.37
CDB DGA K . 0.21 11.85 -1.73
CEB DGA K . -1.08 12.67 -1.96
CFB DGA K . -1.13 13.19 -3.41
CGB DGA K . -2.08 14.36 -3.55
CHB DGA K . -1.59 15.29 -4.69
CIB DGA K . -2.18 16.71 -4.60
OB1 DGA K . -4.34 18.72 9.65
OG1 DGA K . -4.42 15.71 11.59
CG1 DGA K . -5.02 16.88 12.31
CG2 DGA K . -6.00 17.71 11.43
OG2 DGA K . -5.90 17.19 10.10
CG3 DGA K . -7.47 17.59 11.83
S SO4 L . -33.27 16.87 17.56
O1 SO4 L . -33.46 18.33 17.44
O2 SO4 L . -32.29 16.59 18.64
O3 SO4 L . -34.56 16.26 17.90
O4 SO4 L . -32.81 16.31 16.28
S SO4 M . -32.88 18.73 14.90
O1 SO4 M . -34.03 19.10 15.74
O2 SO4 M . -32.51 19.90 14.06
O3 SO4 M . -31.71 18.41 15.74
O4 SO4 M . -33.23 17.55 14.07
S SO4 N . -35.63 8.18 -14.47
O1 SO4 N . -36.90 7.87 -15.16
O2 SO4 N . -35.68 9.56 -14.01
O3 SO4 N . -35.39 7.28 -13.31
O4 SO4 N . -34.51 8.04 -15.43
S SO4 O . -34.59 28.94 3.54
O1 SO4 O . -34.89 27.49 3.66
O2 SO4 O . -33.15 29.12 3.83
O3 SO4 O . -34.94 29.40 2.18
O4 SO4 O . -35.34 29.75 4.51
S SO4 P . -22.84 31.55 4.21
O1 SO4 P . -22.77 33.00 4.52
O2 SO4 P . -23.23 30.81 5.44
O3 SO4 P . -23.79 31.35 3.13
O4 SO4 P . -21.50 31.10 3.81
S SO4 Q . -19.35 -20.63 -13.12
O1 SO4 Q . -20.76 -20.66 -12.80
O2 SO4 Q . -18.64 -19.75 -12.26
O3 SO4 Q . -18.80 -21.94 -12.94
O4 SO4 Q . -19.14 -20.20 -14.47
S SO4 R . -8.17 15.62 17.66
O1 SO4 R . -7.93 17.00 17.17
O2 SO4 R . -8.15 15.65 19.13
O3 SO4 R . -9.50 15.15 17.22
O4 SO4 R . -7.07 14.79 17.13
S SO4 S . -48.72 -1.37 -1.06
O1 SO4 S . -48.12 -0.06 -1.09
O2 SO4 S . -49.01 -1.71 0.27
O3 SO4 S . -49.97 -1.32 -1.86
O4 SO4 S . -47.84 -2.40 -1.67
S SO4 T . -64.51 22.08 20.21
O1 SO4 T . -63.41 21.86 21.22
O2 SO4 T . -63.99 21.72 18.87
O3 SO4 T . -65.72 21.29 20.54
O4 SO4 T . -64.96 23.50 20.20
S SO4 U . -61.81 -0.73 16.76
O1 SO4 U . -60.76 -0.36 17.73
O2 SO4 U . -63.11 -0.18 17.22
O3 SO4 U . -61.46 -0.20 15.41
O4 SO4 U . -61.89 -2.20 16.63
S SO4 V . -24.70 32.48 -16.02
O1 SO4 V . -23.25 32.34 -15.74
O2 SO4 V . -25.36 33.31 -14.99
O3 SO4 V . -24.89 33.13 -17.34
O4 SO4 V . -25.34 31.14 -16.06
C1 HTO W . -21.50 14.26 14.87
O1 HTO W . -20.73 15.43 14.66
C2 HTO W . -22.54 14.09 13.80
O2 HTO W . -21.94 13.96 12.53
C3 HTO W . -23.24 12.82 14.20
O3 HTO W . -22.99 12.75 15.59
C4 HTO W . -22.69 11.60 13.48
C5 HTO W . -23.74 10.61 13.02
C6 HTO W . -24.18 10.83 11.56
C7 HTO W . -25.53 10.18 11.30
C1 HTO X . -59.54 -1.31 10.66
O1 HTO X . -59.85 -0.55 9.51
C2 HTO X . -58.58 -0.52 11.59
O2 HTO X . -58.98 0.87 11.70
C3 HTO X . -58.41 -1.21 12.96
O3 HTO X . -58.21 -0.21 13.94
C4 HTO X . -57.23 -2.16 13.11
C5 HTO X . -57.59 -3.54 13.67
C6 HTO X . -57.04 -4.65 12.77
C7 HTO X . -57.65 -4.54 11.40
C1 GOL Y . -20.09 3.52 9.87
O1 GOL Y . -19.25 2.92 10.87
C2 GOL Y . -19.87 4.96 9.45
O2 GOL Y . -19.87 5.80 10.62
C3 GOL Y . -21.01 5.37 8.48
O3 GOL Y . -20.84 6.66 7.75
C1 GOL Z . -25.76 0.63 15.52
O1 GOL Z . -26.29 -0.57 14.99
C2 GOL Z . -26.55 1.88 15.17
O2 GOL Z . -26.47 2.28 13.80
C3 GOL Z . -25.96 2.96 16.14
O3 GOL Z . -25.65 4.21 15.47
C1 GOL AA . -18.98 -20.18 -17.27
O1 GOL AA . -18.12 -19.59 -16.33
C2 GOL AA . -18.64 -21.64 -17.50
O2 GOL AA . -18.62 -22.30 -16.24
C3 GOL AA . -17.30 -21.72 -18.19
O3 GOL AA . -17.19 -22.84 -19.08
C1 GOL BA . -23.97 -18.97 -2.30
C1 GOL BA . -27.24 -19.30 -2.84
O1 GOL BA . -23.25 -18.29 -1.30
O1 GOL BA . -27.27 -19.76 -1.46
C2 GOL BA . -25.47 -18.80 -2.04
C2 GOL BA . -27.04 -17.78 -2.95
O2 GOL BA . -25.94 -20.00 -1.38
O2 GOL BA . -27.88 -17.22 -3.98
C3 GOL BA . -26.15 -18.54 -3.41
C3 GOL BA . -25.60 -17.45 -3.31
O3 GOL BA . -26.09 -17.16 -3.80
O3 GOL BA . -25.57 -16.22 -4.03
C1 GOL CA . -20.63 -1.79 -32.22
O1 GOL CA . -21.49 -0.75 -32.73
C2 GOL CA . -20.58 -1.79 -30.69
O2 GOL CA . -21.07 -3.03 -30.09
C3 GOL CA . -19.15 -1.45 -30.20
O3 GOL CA . -18.69 -0.21 -30.77
C1 GOL DA . -44.56 -7.07 -1.76
O1 GOL DA . -44.15 -8.29 -1.14
C2 GOL DA . -45.95 -6.76 -1.22
O2 GOL DA . -46.05 -7.22 0.14
C3 GOL DA . -46.20 -5.27 -1.24
O3 GOL DA . -47.61 -4.97 -1.23
C1 GOL EA . -21.05 30.70 -8.36
O1 GOL EA . -20.44 30.04 -7.24
C2 GOL EA . -22.37 30.00 -8.51
O2 GOL EA . -22.05 28.80 -9.12
C3 GOL EA . -23.46 30.56 -9.36
O3 GOL EA . -24.46 29.52 -9.43
C1 GOL FA . -28.21 33.12 1.41
O1 GOL FA . -27.27 32.21 2.00
C2 GOL FA . -27.82 33.43 -0.02
O2 GOL FA . -27.62 32.21 -0.68
C3 GOL FA . -28.92 34.14 -0.79
O3 GOL FA . -29.36 33.29 -1.87
C1 GOL GA . -41.28 22.88 9.08
O1 GOL GA . -41.73 21.54 9.28
C2 GOL GA . -42.34 23.80 8.47
O2 GOL GA . -43.16 22.97 7.69
C3 GOL GA . -41.76 24.91 7.58
O3 GOL GA . -40.89 24.33 6.58
C1 GOL HA . -26.68 12.69 12.18
O1 GOL HA . -26.90 13.62 13.24
C2 GOL HA . -28.00 12.07 11.72
O2 GOL HA . -28.22 10.90 12.49
C3 GOL HA . -27.92 11.73 10.23
O3 GOL HA . -28.99 10.86 9.83
C1 GOL IA . -53.39 -0.24 23.31
O1 GOL IA . -53.15 -0.14 24.72
C2 GOL IA . -54.85 -0.07 23.00
O2 GOL IA . -55.40 0.99 23.78
C3 GOL IA . -55.00 0.29 21.54
O3 GOL IA . -56.29 -0.16 21.09
C1 GOL JA . -26.47 24.96 10.97
O1 GOL JA . -26.68 25.89 9.91
C2 GOL JA . -27.38 25.35 12.14
O2 GOL JA . -28.60 25.88 11.63
C3 GOL JA . -27.69 24.13 13.00
O3 GOL JA . -29.10 24.15 13.28
C1 GOL KA . -69.84 8.28 5.57
O1 GOL KA . -69.63 7.22 6.52
C2 GOL KA . -68.97 9.47 5.98
O2 GOL KA . -67.60 9.26 5.63
C3 GOL KA . -69.04 9.61 7.50
O3 GOL KA . -67.72 9.61 8.01
C1 GOL LA . -62.14 8.76 27.56
O1 GOL LA . -61.25 9.41 26.65
C2 GOL LA . -61.78 7.27 27.60
O2 GOL LA . -62.88 6.48 27.13
C3 GOL LA . -61.36 6.80 28.99
O3 GOL LA . -61.38 5.36 28.94
C1 GOL MA . -15.97 12.08 23.43
O1 GOL MA . -15.77 10.68 23.60
C2 GOL MA . -16.41 12.17 22.02
O2 GOL MA . -15.30 12.25 21.18
C3 GOL MA . -17.13 13.39 21.60
O3 GOL MA . -16.96 13.07 20.21
C1 GOL NA . -23.72 -24.66 1.73
O1 GOL NA . -23.54 -23.43 1.05
C2 GOL NA . -23.34 -24.51 3.20
O2 GOL NA . -24.41 -24.85 4.08
C3 GOL NA . -22.16 -25.40 3.54
O3 GOL NA . -21.68 -24.99 4.82
N1 LDA OA . 17.13 -20.91 -4.63
O1 LDA OA . 17.32 -20.74 -5.90
CM1 LDA OA . 16.31 -22.12 -4.32
CM2 LDA OA . 18.44 -21.05 -3.92
C1 LDA OA . 16.47 -19.76 -3.99
C2 LDA OA . 15.18 -19.31 -4.67
C3 LDA OA . 14.85 -17.87 -4.28
C4 LDA OA . 13.49 -17.47 -4.80
C5 LDA OA . 13.00 -16.03 -4.48
C6 LDA OA . 12.09 -15.68 -5.65
C7 LDA OA . 10.75 -15.20 -5.27
C8 LDA OA . 9.84 -15.17 -6.50
C9 LDA OA . 8.79 -14.09 -6.28
C10 LDA OA . 7.42 -14.39 -6.85
C11 LDA OA . 6.43 -13.25 -6.52
C12 LDA OA . 5.02 -13.78 -6.24
N1 LDA PA . 18.98 -11.00 -21.15
O1 LDA PA . 19.97 -10.62 -20.48
CM1 LDA PA . 18.48 -9.91 -22.00
CM2 LDA PA . 19.39 -12.15 -21.99
C1 LDA PA . 17.93 -11.42 -20.24
C2 LDA PA . 17.37 -12.78 -20.70
C3 LDA PA . 16.89 -13.62 -19.54
C4 LDA PA . 15.70 -13.00 -18.82
C5 LDA PA . 15.98 -11.61 -18.28
C6 LDA PA . 14.86 -10.64 -18.67
C7 LDA PA . 13.61 -10.85 -17.83
C8 LDA PA . 12.36 -10.45 -18.61
C9 LDA PA . 11.18 -11.35 -18.26
C10 LDA PA . 9.89 -10.62 -18.57
C11 LDA PA . 8.73 -11.60 -18.61
C12 LDA PA . 7.66 -11.06 -19.52
N1 LDA QA . -6.98 -21.34 -28.78
O1 LDA QA . -6.29 -21.40 -29.82
CM1 LDA QA . -6.85 -20.01 -28.17
CM2 LDA QA . -8.38 -21.61 -29.14
C1 LDA QA . -6.47 -22.37 -27.86
C2 LDA QA . -5.08 -21.98 -27.38
C3 LDA QA . -5.02 -20.52 -26.96
C4 LDA QA . -4.85 -20.44 -25.46
C5 LDA QA . -3.89 -19.36 -24.98
C6 LDA QA . -3.03 -19.93 -23.86
C7 LDA QA . -2.19 -18.87 -23.16
C8 LDA QA . -0.88 -19.44 -22.59
C9 LDA QA . -0.36 -20.57 -23.46
N1 LDA RA . -6.11 -29.80 -13.23
O1 LDA RA . -5.96 -28.77 -12.54
CM1 LDA RA . -5.04 -30.78 -12.94
CM2 LDA RA . -7.41 -30.39 -12.91
C1 LDA RA . -6.06 -29.46 -14.65
C2 LDA RA . -4.72 -28.80 -14.94
C3 LDA RA . -4.36 -28.90 -16.42
C4 LDA RA . -3.96 -27.55 -16.97
C5 LDA RA . -2.47 -27.52 -17.24
C6 LDA RA . -2.18 -26.78 -18.54
C7 LDA RA . -0.73 -26.38 -18.57
C8 LDA RA . -0.52 -25.13 -19.39
C9 LDA RA . 0.94 -24.93 -19.76
C10 LDA RA . 1.10 -23.77 -20.74
C11 LDA RA . 2.39 -23.07 -20.36
C12 LDA RA . 2.85 -22.09 -21.42
N1 LDA SA . 25.83 -23.30 -18.82
O1 LDA SA . 25.02 -22.33 -18.70
CM1 LDA SA . 25.64 -24.21 -17.68
CM2 LDA SA . 25.68 -24.01 -20.09
C1 LDA SA . 27.19 -22.77 -18.88
C2 LDA SA . 28.18 -23.88 -18.62
C3 LDA SA . 29.54 -23.44 -19.05
C4 LDA SA . 30.13 -22.58 -17.99
C5 LDA SA . 31.41 -23.15 -17.43
C6 LDA SA . 32.60 -22.38 -17.93
C7 LDA SA . 33.05 -21.35 -16.89
C8 LDA SA . 34.54 -21.08 -17.06
C9 LDA SA . 35.17 -20.51 -15.81
C10 LDA SA . 35.54 -21.62 -14.83
C11 LDA SA . 35.41 -21.15 -13.39
C12 LDA SA . 36.34 -22.00 -12.58
CA1 DGA TA . -12.21 -12.83 -27.78
CA2 DGA TA . -10.98 -13.08 -28.61
CA3 DGA TA . -10.48 -11.71 -29.06
CA4 DGA TA . -10.49 -10.77 -27.86
CA5 DGA TA . -9.04 -10.61 -27.43
CA6 DGA TA . -8.14 -11.27 -28.45
CA7 DGA TA . -6.69 -11.06 -28.05
CA8 DGA TA . -6.58 -10.81 -26.55
CA9 DGA TA . -5.14 -10.62 -26.14
CAA DGA TA . -5.07 -10.44 -24.65
OA1 DGA TA . -12.30 -11.80 -27.12
CB1 DGA TA . -11.02 -16.04 -29.86
CB2 DGA TA . -9.51 -15.90 -30.14
CB3 DGA TA . -8.70 -15.97 -28.85
CB4 DGA TA . -7.32 -16.53 -29.15
CB5 DGA TA . -6.25 -15.59 -28.59
CB6 DGA TA . -5.81 -16.06 -27.20
CB7 DGA TA . -5.10 -14.94 -26.46
CB8 DGA TA . -3.83 -15.42 -25.77
CB9 DGA TA . -3.84 -15.30 -24.26
CAB DGA TA . -3.69 -13.85 -23.79
CBB DGA TA . -2.51 -13.71 -22.80
CCB DGA TA . -2.71 -12.55 -21.80
CDB DGA TA . -1.48 -11.67 -21.82
OB1 DGA TA . -11.81 -16.01 -30.80
OG1 DGA TA . -13.16 -13.77 -27.75
CG1 DGA TA . -13.19 -14.42 -28.98
CG2 DGA TA . -12.89 -15.79 -28.50
OG2 DGA TA . -11.48 -16.17 -28.57
CG3 DGA TA . -13.20 -15.61 -27.03
OXT DGA TA . -12.73 -16.79 -26.40
S SO4 UA . 49.32 -8.66 -0.59
O1 SO4 UA . 49.08 -7.43 -1.38
O2 SO4 UA . 50.04 -8.31 0.65
O3 SO4 UA . 48.04 -9.34 -0.29
O4 SO4 UA . 50.18 -9.59 -1.34
S SO4 VA . 46.56 15.86 -10.30
O1 SO4 VA . 45.72 16.75 -9.49
O2 SO4 VA . 47.84 15.60 -9.57
O3 SO4 VA . 45.88 14.60 -10.61
O4 SO4 VA . 46.89 16.51 -11.59
S SO4 WA . 21.26 -23.71 -3.97
O1 SO4 WA . 21.47 -22.31 -3.67
O2 SO4 WA . 21.73 -24.40 -2.76
O3 SO4 WA . 19.85 -24.25 -4.26
O4 SO4 WA . 22.19 -23.98 -5.08
S SO4 XA . 25.62 -23.83 -4.45
S SO4 XA . 24.81 -22.54 -3.92
O1 SO4 XA . 25.48 -22.55 -5.14
O1 SO4 XA . 24.38 -22.65 -5.32
O2 SO4 XA . 26.21 -23.58 -3.10
O2 SO4 XA . 24.47 -23.84 -3.28
O3 SO4 XA . 24.22 -24.33 -4.28
O3 SO4 XA . 26.28 -22.39 -3.84
O4 SO4 XA . 26.45 -24.85 -5.25
O4 SO4 XA . 24.20 -21.37 -3.18
S SO4 YA . 19.85 -24.72 -19.16
O1 SO4 YA . 19.92 -23.28 -18.98
O2 SO4 YA . 20.91 -25.26 -20.06
O3 SO4 YA . 20.03 -25.38 -17.83
O4 SO4 YA . 18.54 -25.12 -19.68
S SO4 ZA . 28.58 13.52 15.78
O1 SO4 ZA . 29.17 14.86 16.06
O2 SO4 ZA . 28.95 12.66 16.92
O3 SO4 ZA . 27.10 13.61 15.66
O4 SO4 ZA . 29.11 12.96 14.51
S SO4 AB . -18.58 -26.19 -16.71
O1 SO4 AB . -18.30 -26.34 -15.25
O2 SO4 AB . -17.96 -27.31 -17.46
O3 SO4 AB . -20.04 -26.20 -16.94
O4 SO4 AB . -18.00 -24.91 -17.17
C1 HTO BB . 41.48 1.83 -13.29
O1 HTO BB . 42.39 2.80 -12.81
C2 HTO BB . 40.32 1.60 -12.32
O2 HTO BB . 39.66 2.85 -12.13
C3 HTO BB . 39.45 0.47 -12.91
O3 HTO BB . 38.34 0.98 -13.62
C4 HTO BB . 39.00 -0.57 -11.88
C5 HTO BB . 39.12 -2.02 -12.34
C6 HTO BB . 40.42 -2.62 -11.79
C7 HTO BB . 40.56 -4.06 -12.18
C1 HTO CB . 53.57 10.12 -5.96
O1 HTO CB . 52.23 9.85 -6.39
C2 HTO CB . 53.54 10.47 -4.47
O2 HTO CB . 52.50 9.70 -3.92
C3 HTO CB . 54.84 10.28 -3.69
O3 HTO CB . 55.79 11.19 -4.21
C4 HTO CB . 55.44 8.89 -3.77
C5 HTO CB . 56.16 8.47 -2.50
C6 HTO CB . 57.05 7.24 -2.77
C7 HTO CB . 56.43 6.17 -3.66
C1 HTO DB . 34.26 -2.52 23.82
O1 HTO DB . 33.56 -1.31 23.97
C2 HTO DB . 35.44 -2.46 24.77
O2 HTO DB . 36.47 -3.34 24.36
C3 HTO DB . 35.90 -1.00 24.88
O3 HTO DB . 35.59 -0.29 23.69
C4 HTO DB . 37.37 -0.79 25.17
C5 HTO DB . 37.48 0.39 26.13
C6 HTO DB . 38.90 0.51 26.65
C7 HTO DB . 39.82 0.03 25.57
C1 GOL EB . 49.69 -7.26 -8.04
O1 GOL EB . 50.66 -6.36 -7.47
C2 GOL EB . 50.15 -8.66 -7.70
O2 GOL EB . 49.06 -9.43 -7.17
C3 GOL EB . 51.27 -8.55 -6.68
O3 GOL EB . 50.75 -8.94 -5.41
C1 GOL FB . 43.34 -12.53 -11.88
O1 GOL FB . 42.76 -13.82 -12.14
C2 GOL FB . 42.90 -12.08 -10.50
O2 GOL FB . 42.49 -10.70 -10.48
C3 GOL FB . 43.99 -12.32 -9.47
O3 GOL FB . 43.66 -13.55 -8.81
C1 GOL GB . -4.11 -29.00 -9.83
O1 GOL GB . -5.42 -28.43 -9.63
C2 GOL GB . -3.04 -28.10 -9.25
O2 GOL GB . -2.44 -27.29 -10.23
C3 GOL GB . -1.85 -28.85 -8.77
O3 GOL GB . -0.78 -28.10 -9.34
C1 GOL HB . 48.49 6.15 -11.81
O1 GOL HB . 49.37 6.99 -11.05
C2 GOL HB . 47.07 6.72 -11.68
O2 GOL HB . 47.06 8.11 -11.93
C3 GOL HB . 46.13 6.09 -12.68
O3 GOL HB . 44.96 6.88 -12.61
C1 GOL IB . 30.22 17.55 19.77
O1 GOL IB . 31.55 17.97 20.10
C2 GOL IB . 30.14 17.67 18.26
O2 GOL IB . 30.57 18.98 17.97
C3 GOL IB . 28.73 17.43 17.76
O3 GOL IB . 28.42 18.43 16.78
C1 GOL JB . 52.76 -2.00 6.59
O1 GOL JB . 51.65 -2.32 5.75
C2 GOL JB . 52.42 -2.06 8.07
O2 GOL JB . 51.77 -3.30 8.32
C3 GOL JB . 53.70 -2.05 8.89
O3 GOL JB . 53.68 -1.00 9.87
C1 GOL KB . 35.11 -23.35 8.74
O1 GOL KB . 33.78 -23.84 8.89
C2 GOL KB . 35.80 -24.00 7.54
O2 GOL KB . 35.58 -25.40 7.54
C3 GOL KB . 37.30 -23.75 7.59
O3 GOL KB . 38.06 -24.93 7.89
C1 GOL LB . 43.27 6.02 -20.12
O1 GOL LB . 43.71 7.05 -19.23
C2 GOL LB . 42.41 6.70 -21.17
O2 GOL LB . 41.44 7.52 -20.49
C3 GOL LB . 41.71 5.66 -22.03
O3 GOL LB . 40.29 5.85 -21.89
C1 GOL MB . 27.51 -29.82 5.02
O1 GOL MB . 26.18 -30.25 5.28
C2 GOL MB . 27.76 -29.53 3.55
O2 GOL MB . 28.91 -28.68 3.46
C3 GOL MB . 26.57 -28.86 2.86
O3 GOL MB . 26.94 -27.61 2.24
C1 GOL NB . 33.45 24.82 11.88
O1 GOL NB . 33.94 23.92 12.88
C2 GOL NB . 31.93 24.67 11.82
O2 GOL NB . 31.30 25.88 11.37
C3 GOL NB . 31.47 24.32 13.22
O3 GOL NB . 31.05 22.97 13.22
C1 GOL OB . 46.23 -22.55 0.72
O1 GOL OB . 47.48 -21.86 0.64
C2 GOL OB . 45.57 -22.44 -0.64
O2 GOL OB . 44.35 -23.20 -0.68
C3 GOL OB . 46.54 -22.93 -1.71
O3 GOL OB . 46.38 -22.13 -2.88
MG BCB PB . -4.16 -1.52 1.18
CHA BCB PB . -2.35 -1.80 4.15
CHB BCB PB . -1.25 -1.05 -0.52
CHC BCB PB . -5.92 -1.09 -1.71
CHD BCB PB . -6.98 -2.57 2.76
NA BCB PB . -2.11 -1.43 1.73
C1A BCB PB . -1.57 -1.53 3.01
C2A BCB PB . -0.04 -1.22 2.97
C3A BCB PB . 0.28 -1.44 1.52
C4A BCB PB . -1.08 -1.31 0.84
CMA BCB PB . 1.36 -0.45 1.00
CAA BCB PB . 0.84 -2.02 3.93
CBA BCB PB . 0.67 -3.54 3.75
CGA BCB PB . 1.01 -4.35 4.99
O1A BCB PB . 0.62 -4.07 6.13
O2A BCB PB . 1.79 -5.48 4.80
NB BCB PB . -3.71 -1.11 -0.73
C1B BCB PB . -2.44 -1.02 -1.30
C2B BCB PB . -2.47 -0.65 -2.66
C3B BCB PB . -3.82 -0.66 -3.01
C4B BCB PB . -4.54 -1.01 -1.85
CMB BCB PB . -1.22 -0.33 -3.52
CAB BCB PB . -4.44 -0.39 -4.39
OBB BCB PB . -5.65 -0.15 -4.45
CBB BCB PB . -3.59 -0.37 -5.65
NC BCB PB . -6.13 -1.69 0.65
C1C BCB PB . -6.68 -1.52 -0.61
C2C BCB PB . -8.22 -1.59 -0.55
C3C BCB PB . -8.42 -2.34 0.73
C4C BCB PB . -7.17 -2.23 1.40
CMC BCB PB . -8.87 -0.17 -0.62
CAC BCB PB . -9.60 -2.89 1.15
CBC BCB PB . -10.82 -3.15 0.21
ND BCB PB . -4.59 -2.04 3.05
C1D BCB PB . -5.82 -2.44 3.50
C2D BCB PB . -5.71 -2.55 4.91
C3D BCB PB . -4.38 -2.31 5.22
C4D BCB PB . -3.68 -2.06 4.01
CMD BCB PB . -6.77 -2.92 5.95
CAD BCB PB . -3.34 -2.15 6.23
OBD BCB PB . -3.54 -2.26 7.44
CBD BCB PB . -2.03 -1.75 5.60
CGD BCB PB . -1.76 -0.29 5.91
O1D BCB PB . -0.65 0.14 6.16
O2D BCB PB . -2.84 0.58 5.97
CED BCB PB . -2.60 1.97 6.30
C1 BCB PB . 2.13 -6.20 6.05
C2 BCB PB . 3.21 -7.20 5.77
C3 BCB PB . 3.80 -7.79 6.79
C4 BCB PB . 3.39 -7.56 8.23
C5 BCB PB . 4.93 -8.77 6.46
C6 BCB PB . 5.61 -9.37 7.65
C7 BCB PB . 6.85 -10.20 7.19
C8 BCB PB . 7.40 -11.00 8.33
C9 BCB PB . 8.14 -10.02 9.31
C10 BCB PB . 8.27 -12.14 7.81
C11 BCB PB . 7.45 -13.30 7.24
C12 BCB PB . 8.31 -14.53 6.95
C13 BCB PB . 7.53 -15.65 6.26
C14 BCB PB . 6.49 -16.34 7.18
C15 BCB PB . 8.66 -16.60 5.83
C16 BCB PB . 8.26 -17.65 4.87
C17 BCB PB . 9.48 -18.59 4.73
C18 BCB PB . 10.11 -18.69 3.35
C19 BCB PB . 11.45 -19.46 3.38
C20 BCB PB . 10.04 -17.47 2.45
MG BCB QB . 0.16 -11.04 2.49
CHA BCB QB . 0.01 -11.62 -0.95
CHB BCB QB . 2.36 -13.62 2.83
CHC BCB QB . 0.60 -10.22 5.74
CHD BCB QB . -1.83 -8.21 2.10
NA BCB QB . 0.95 -12.50 1.20
C1A BCB QB . 0.88 -12.48 -0.21
C2A BCB QB . 1.69 -13.61 -0.81
C3A BCB QB . 2.02 -14.47 0.39
C4A BCB QB . 1.78 -13.52 1.58
CMA BCB QB . 1.09 -15.74 0.53
CAA BCB QB . 2.92 -13.07 -1.57
CBA BCB QB . 3.76 -12.17 -0.65
CGA BCB QB . 5.09 -11.71 -1.20
O1A BCB QB . 5.61 -12.15 -2.22
O2A BCB QB . 5.69 -10.74 -0.46
NB BCB QB . 1.17 -11.87 4.00
C1B BCB QB . 2.17 -12.82 3.95
C2B BCB QB . 2.82 -13.04 5.19
C3B BCB QB . 2.29 -12.05 6.01
C4B BCB QB . 1.36 -11.31 5.26
CMB BCB QB . 3.87 -14.16 5.50
CAB BCB QB . 2.63 -11.82 7.48
OBB BCB QB . 2.21 -10.80 8.06
CBB BCB QB . 3.61 -12.76 8.13
NC BCB QB . -0.54 -9.52 3.72
C1C BCB QB . -0.24 -9.35 5.06
C2C BCB QB . -1.16 -8.32 5.69
C3C BCB QB . -1.54 -7.51 4.47
C4C BCB QB . -1.28 -8.40 3.38
CMC BCB QB . -2.36 -8.90 6.46
CAC BCB QB . -2.21 -6.35 4.44
CBC BCB QB . -2.46 -5.46 5.69
ND BCB QB . -0.76 -10.10 0.93
C1D BCB QB . -1.59 -8.96 0.95
C2D BCB QB . -2.16 -8.86 -0.31
C3D BCB QB . -1.59 -9.90 -1.12
C4D BCB QB . -0.62 -10.58 -0.32
CMD BCB QB . -3.26 -7.93 -0.87
CAD BCB QB . -1.52 -10.61 -2.38
OBD BCB QB . -2.27 -10.39 -3.36
CBD BCB QB . -0.45 -11.68 -2.37
CGD BCB QB . -1.00 -12.99 -2.79
O1D BCB QB . -0.79 -13.48 -3.88
O2D BCB QB . -1.80 -13.57 -1.85
CED BCB QB . -2.34 -14.85 -2.23
C1 BCB QB . 7.07 -10.29 -0.81
C2 BCB QB . 8.05 -11.34 -0.41
C3 BCB QB . 8.81 -12.09 -1.23
C4 BCB QB . 8.71 -11.98 -2.76
C5 BCB QB . 9.68 -13.11 -0.52
C6 BCB QB . 8.98 -14.50 -0.59
C7 BCB QB . 7.80 -14.62 0.38
C8 BCB QB . 6.97 -15.89 0.20
C9 BCB QB . 6.17 -15.97 -1.10
C10 BCB QB . 6.07 -16.03 1.44
C11 BCB QB . 5.27 -17.32 1.41
C12 BCB QB . 4.52 -17.43 2.73
C13 BCB QB . 3.90 -18.79 3.05
C14 BCB QB . 2.83 -19.19 2.08
C15 BCB QB . 3.31 -18.62 4.45
C16 BCB QB . 3.48 -19.81 5.32
C17 BCB QB . 4.92 -19.97 5.80
C18 BCB QB . 5.10 -21.27 6.57
C19 BCB QB . 6.28 -22.03 5.98
C20 BCB QB . 3.80 -22.09 6.64
C1 BPB RB . 12.32 -16.97 10.08
C2 BPB RB . 10.91 -17.60 9.94
C3 BPB RB . 10.62 -18.58 9.08
C4 BPB RB . 11.68 -19.13 8.12
C5 BPB RB . 9.27 -19.26 9.00
C6 BPB RB . 8.35 -18.89 10.19
C7 BPB RB . 7.10 -19.74 10.15
C8 BPB RB . 6.12 -19.41 11.27
C9 BPB RB . 6.56 -19.98 12.61
NA BPB RB . 11.14 -11.12 4.74
NB BPB RB . 8.67 -9.83 3.90
NC BPB RB . 10.09 -7.02 4.19
ND BPB RB . 12.38 -8.32 4.98
C10 BPB RB . 4.69 -19.91 10.99
C11 BPB RB . 3.94 -19.14 9.91
C12 BPB RB . 3.22 -18.00 10.57
C13 BPB RB . 2.75 -16.91 9.61
C14 BPB RB . 2.34 -15.71 10.49
C15 BPB RB . 1.69 -17.42 8.65
C16 BPB RB . 1.34 -16.37 7.62
C17 BPB RB . 0.43 -16.98 6.54
C18 BPB RB . 0.21 -16.01 5.38
C19 BPB RB . -0.47 -14.68 5.76
C1A BPB RB . 12.38 -11.54 5.23
O1A BPB RB . 11.57 -14.56 9.41
C1B BPB RB . 8.31 -11.11 3.74
C1C BPB RB . 8.82 -6.67 3.91
C1D BPB RB . 12.96 -7.04 4.99
O1D BPB RB . 16.16 -12.86 5.47
C20 BPB RB . -0.56 -16.69 4.26
C2A BPB RB . 12.46 -13.02 5.42
O2A BPB RB . 12.66 -16.41 8.82
C2B BPB RB . 6.91 -11.06 3.33
C2C BPB RB . 8.62 -5.19 3.83
C2D BPB RB . 14.33 -7.17 5.40
O2D BPB RB . 15.35 -11.56 3.81
C3A BPB RB . 11.31 -13.49 4.49
C3B BPB RB . 6.57 -9.75 3.19
C3C BPB RB . 9.98 -4.70 4.31
C3D BPB RB . 14.53 -8.55 5.60
C4A BPB RB . 10.45 -12.23 4.48
C4B BPB RB . 7.70 -8.94 3.55
C4C BPB RB . 10.81 -5.87 4.42
C4D BPB RB . 13.30 -9.24 5.34
CAA BPB RB . 12.23 -13.34 6.89
CAB BPB RB . 5.24 -9.16 2.82
CAC BPB RB . 10.35 -3.44 4.58
CAD BPB RB . 15.48 -9.51 6.02
CBA BPB RB . 12.56 -14.79 7.17
CBB BPB RB . 4.01 -10.04 2.93
OBB BPB RB . 5.13 -8.03 2.45
CBC BPB RB . 9.31 -2.29 4.72
CBD BPB RB . 14.79 -10.91 6.03
OBD BPB RB . 16.67 -9.39 6.35
CED BPB RB . 15.90 -12.42 2.76
CGA BPB RB . 12.17 -15.21 8.52
CGD BPB RB . 15.53 -11.87 5.10
CHA BPB RB . 13.35 -10.63 5.51
CHB BPB RB . 9.13 -12.21 3.95
CHC BPB RB . 7.78 -7.54 3.61
CHD BPB RB . 12.18 -5.90 4.69
CMA BPB RB . 11.72 -13.91 3.05
CMB BPB RB . 6.09 -12.34 3.07
CMC BPB RB . 8.21 -4.70 2.42
CMD BPB RB . 15.31 -6.01 5.53
C51 UQ9 SB . 6.80 11.27 5.13
C49 UQ9 SB . 7.44 10.96 6.47
C50 UQ9 SB . 6.85 11.51 7.78
C48 UQ9 SB . 8.58 10.18 6.52
C47 UQ9 SB . 9.27 9.85 7.68
C46 UQ9 SB . 8.31 9.61 8.84
C44 UQ9 SB . 8.52 8.25 9.50
C45 UQ9 SB . 7.30 7.58 10.16
C43 UQ9 SB . 9.78 7.65 9.52
C42 UQ9 SB . 10.96 8.20 8.97
C41 UQ9 SB . 11.87 7.18 8.32
C39 UQ9 SB . 12.84 6.55 9.30
C40 UQ9 SB . 12.69 6.88 10.77
C38 UQ9 SB . 13.86 5.68 8.89
C37 UQ9 SB . 14.16 5.25 7.60
C36 UQ9 SB . 15.56 4.62 7.48
C34 UQ9 SB . 16.69 5.58 7.03
C35 UQ9 SB . 17.49 5.33 5.74
C33 UQ9 SB . 17.08 6.63 7.85
C32 UQ9 SB . 18.08 7.58 7.62
C31 UQ9 SB . 18.07 8.04 6.17
C29 UQ9 SB . 17.95 9.57 5.99
C30 UQ9 SB . 18.23 10.52 7.16
C28 UQ9 SB . 17.54 10.08 4.76
C27 UQ9 SB . 17.25 9.33 3.63
C26 UQ9 SB . 16.90 10.18 2.41
C24 UQ9 SB . 15.93 11.29 2.83
C25 UQ9 SB . 16.02 11.86 4.25
C23 UQ9 SB . 14.98 11.79 1.94
C22 UQ9 SB . 14.06 12.80 2.22
C21 UQ9 SB . 14.22 13.97 1.26
C19 UQ9 SB . 14.32 13.50 -0.21
C20 UQ9 SB . 13.10 12.82 -0.85
C18 UQ9 SB . 15.50 13.73 -0.90
C17 UQ9 SB . 15.87 13.43 -2.22
C16 UQ9 SB . 14.66 13.24 -3.13
C14 UQ9 SB . 15.09 13.12 -4.61
C15 UQ9 SB . 14.76 14.25 -5.58
C13 UQ9 SB . 15.77 11.99 -5.08
C12 UQ9 SB . 16.20 11.75 -6.38
C11 UQ9 SB . 16.87 10.37 -6.53
C9 UQ9 SB . 17.59 10.22 -7.88
C10 UQ9 SB . 17.67 11.39 -8.85
C8 UQ9 SB . 18.18 9.00 -8.19
C7 UQ9 SB . 18.88 8.64 -9.34
C6 UQ9 SB . 20.15 7.80 -9.03
C1 UQ9 SB . 20.17 6.41 -8.99
C1M UQ9 SB . 18.85 5.65 -9.25
C2 UQ9 SB . 21.38 5.74 -8.71
O2 UQ9 SB . 21.45 4.53 -8.68
C3 UQ9 SB . 22.55 6.43 -8.47
O3 UQ9 SB . 23.77 5.84 -8.19
C3M UQ9 SB . 24.05 4.42 -8.18
C4 UQ9 SB . 22.51 7.79 -8.51
O4 UQ9 SB . 23.65 8.52 -8.32
C4M UQ9 SB . 24.78 7.73 -8.73
C5 UQ9 SB . 21.35 8.45 -8.79
O5 UQ9 SB . 21.38 9.68 -8.82
C12 UQ9 TB . -2.99 25.49 1.67
C11 UQ9 TB . -1.77 24.56 1.63
C9 UQ9 TB . -1.76 23.65 0.39
C10 UQ9 TB . -0.47 23.38 -0.38
C8 UQ9 TB . -2.94 23.03 -0.02
C7 UQ9 TB . -3.09 22.18 -1.11
C6 UQ9 TB . -4.26 21.20 -0.87
C1 UQ9 TB . -5.33 21.15 -1.78
C1M UQ9 TB . -5.34 22.05 -3.04
C2 UQ9 TB . -6.39 20.26 -1.56
O2 UQ9 TB . -7.30 20.27 -2.38
C3 UQ9 TB . -6.44 19.42 -0.44
O3 UQ9 TB . -7.47 18.55 -0.20
C3M UQ9 TB . -7.22 17.83 0.99
C4 UQ9 TB . -5.39 19.48 0.48
O4 UQ9 TB . -5.42 18.66 1.56
C4M UQ9 TB . -4.25 18.93 2.36
C5 UQ9 TB . -4.32 20.35 0.26
O5 UQ9 TB . -3.40 20.38 1.10
N1 LDA UB . 16.74 -26.57 4.03
O1 LDA UB . 17.82 -25.99 3.75
CM1 LDA UB . 15.78 -26.33 2.95
CM2 LDA UB . 16.97 -28.01 4.20
C1 LDA UB . 16.19 -25.99 5.25
C2 LDA UB . 15.46 -24.72 4.89
C3 LDA UB . 13.99 -24.99 4.59
C4 LDA UB . 13.19 -23.69 4.63
C5 LDA UB . 12.26 -23.70 5.83
C6 LDA UB . 11.22 -22.60 5.75
C7 LDA UB . 9.94 -23.04 6.45
C8 LDA UB . 9.88 -24.57 6.57
C9 LDA UB . 8.69 -25.18 5.82
C10 LDA UB . 8.52 -26.66 6.15
C11 LDA UB . 7.37 -27.29 5.37
C12 LDA UB . 7.05 -28.68 5.87
N1 LDA VB . -5.64 -25.97 -6.51
O1 LDA VB . -6.02 -25.07 -5.68
CM1 LDA VB . -4.58 -26.85 -5.91
CM2 LDA VB . -6.80 -26.83 -6.88
C1 LDA VB . -5.00 -25.39 -7.73
C2 LDA VB . -5.68 -24.14 -8.28
C3 LDA VB . -4.82 -23.47 -9.35
C4 LDA VB . -5.58 -22.40 -10.15
C5 LDA VB . -6.17 -21.30 -9.27
C6 LDA VB . -5.18 -20.30 -8.71
C7 LDA VB . -5.88 -19.32 -7.77
C8 LDA VB . -4.87 -18.35 -7.18
C9 LDA VB . -5.53 -17.15 -6.54
C10 LDA VB . -4.49 -16.08 -6.24
C11 LDA VB . -5.13 -14.77 -5.99
C12 LDA VB . -4.12 -13.66 -5.76
N1 LDA WB . -1.51 -34.03 2.39
O1 LDA WB . -2.00 -34.83 3.21
CM1 LDA WB . -0.24 -34.56 1.88
CM2 LDA WB . -2.48 -33.88 1.29
C1 LDA WB . -1.27 -32.72 3.08
C2 LDA WB . -0.93 -31.56 2.13
C3 LDA WB . -1.24 -30.19 2.76
C4 LDA WB . -0.22 -29.11 2.40
C5 LDA WB . -0.79 -27.70 2.33
C6 LDA WB . 0.01 -26.67 3.12
C7 LDA WB . -0.67 -25.31 3.11
C8 LDA WB . 0.28 -24.15 3.41
C9 LDA WB . -0.39 -22.80 3.65
C10 LDA WB . -0.70 -22.52 5.11
C11 LDA WB . -1.02 -21.07 5.38
C12 LDA WB . -1.04 -20.82 6.86
N1 LDA XB . -11.96 -20.75 27.54
O1 LDA XB . -12.92 -21.46 27.15
CM1 LDA XB . -11.38 -20.00 26.44
CM2 LDA XB . -12.49 -19.73 28.48
C1 LDA XB . -10.85 -21.59 28.07
C2 LDA XB . -9.87 -21.98 26.93
C3 LDA XB . -8.66 -22.81 27.36
C4 LDA XB . -7.70 -23.08 26.20
C5 LDA XB . -6.27 -23.39 26.67
C6 LDA XB . -5.40 -24.04 25.60
C7 LDA XB . -5.28 -23.27 24.29
C8 LDA XB . -4.81 -21.84 24.49
C9 LDA XB . -3.72 -21.44 23.52
C10 LDA XB . -2.87 -20.29 24.07
C11 LDA XB . -1.67 -20.07 23.16
C12 LDA XB . -0.73 -18.96 23.64
CA1 DGA YB . -7.33 -15.64 30.15
CA2 DGA YB . -5.91 -15.12 30.30
CA3 DGA YB . -4.90 -16.25 30.12
CA4 DGA YB . -3.65 -15.71 29.48
CA5 DGA YB . -3.98 -15.13 28.10
CA6 DGA YB . -3.05 -15.71 27.06
CA7 DGA YB . -3.47 -15.36 25.65
CA8 DGA YB . -2.25 -15.01 24.83
CA9 DGA YB . -2.64 -14.91 23.38
CAA DGA YB . -1.43 -14.69 22.49
CBA DGA YB . -1.85 -14.32 21.07
CCA DGA YB . -0.79 -13.43 20.41
OA1 DGA YB . -7.52 -16.74 29.67
CB1 DGA YB . -6.96 -11.32 30.01
CB2 DGA YB . -6.02 -10.17 29.65
CB3 DGA YB . -4.72 -10.74 29.09
CB4 DGA YB . -3.78 -9.65 28.57
CB5 DGA YB . -2.75 -10.24 27.61
CB6 DGA YB . -1.81 -9.15 27.11
CB7 DGA YB . -0.61 -9.74 26.34
CB8 DGA YB . 0.54 -8.75 26.27
CB9 DGA YB . 1.33 -8.93 24.96
CAB DGA YB . 1.19 -10.37 24.46
CBB DGA YB . 2.06 -10.62 23.21
CCB DGA YB . 1.35 -11.55 22.21
CDB DGA YB . 2.31 -12.17 21.21
OB1 DGA YB . -6.49 -12.25 30.67
OG1 DGA YB . -8.39 -14.87 30.53
CG1 DGA YB . -7.94 -13.50 30.67
CG2 DGA YB . -9.00 -12.48 30.22
OG2 DGA YB . -8.28 -11.34 29.59
CG3 DGA YB . -10.04 -13.31 29.42
OXT DGA YB . -11.16 -12.55 28.96
C1 HTO ZB . 26.28 -1.46 16.23
O1 HTO ZB . 26.77 -0.94 17.47
C2 HTO ZB . 25.86 -0.27 15.40
O2 HTO ZB . 27.06 0.45 15.24
C3 HTO ZB . 25.21 -0.53 14.04
O3 HTO ZB . 26.17 -1.00 13.12
C4 HTO ZB . 24.63 0.81 13.55
C5 HTO ZB . 23.46 0.74 12.54
C6 HTO ZB . 22.82 2.12 12.43
C7 HTO ZB . 23.76 3.21 11.91
C1 HTO AC . 31.11 4.26 -25.83
O1 HTO AC . 30.15 3.24 -25.71
C2 HTO AC . 32.50 3.85 -26.29
O2 HTO AC . 33.34 3.84 -25.18
C3 HTO AC . 32.83 2.46 -26.72
O3 HTO AC . 33.51 2.04 -25.55
C4 HTO AC . 33.81 2.33 -27.88
C5 HTO AC . 34.37 0.91 -28.04
C6 HTO AC . 35.65 0.67 -27.22
C7 HTO AC . 35.71 -0.76 -26.72
C1 GOL BC . -8.63 -25.54 12.83
O1 GOL BC . -9.37 -24.59 13.63
C2 GOL BC . -8.57 -25.05 11.39
O2 GOL BC . -8.38 -23.62 11.41
C3 GOL BC . -9.90 -25.35 10.76
O3 GOL BC . -10.05 -24.73 9.48
C1 GOL CC . 28.18 9.99 -2.86
O1 GOL CC . 28.19 8.62 -3.24
C2 GOL CC . 27.04 10.38 -1.99
O2 GOL CC . 25.77 9.96 -2.45
C3 GOL CC . 27.04 11.89 -1.94
O3 GOL CC . 26.15 12.21 -0.88
C1 GOL DC . -16.97 -22.16 15.22
O1 GOL DC . -15.93 -21.22 15.51
C2 GOL DC . -16.25 -23.29 14.62
O2 GOL DC . -14.96 -22.79 14.79
C3 GOL DC . -16.60 -23.50 13.14
O3 GOL DC . -15.45 -24.01 12.46
C1 GOL EC . -11.58 -21.49 7.77
O1 GOL EC . -12.41 -22.07 6.75
C2 GOL EC . -11.97 -21.85 9.20
O2 GOL EC . -10.94 -21.51 10.20
C3 GOL EC . -12.32 -23.32 9.17
O3 GOL EC . -13.72 -23.46 9.30
C1 GOL FC . -14.84 -6.33 24.49
O1 GOL FC . -13.82 -5.33 24.58
C2 GOL FC . -14.24 -7.71 24.73
O2 GOL FC . -15.10 -8.68 24.14
C3 GOL FC . -14.15 -7.98 26.23
O3 GOL FC . -14.19 -9.40 26.48
C1 GOL GC . -15.21 -14.50 27.51
O1 GOL GC . -14.58 -14.19 28.77
C2 GOL GC . -15.85 -15.88 27.52
O2 GOL GC . -15.03 -16.77 28.27
C3 GOL GC . -15.89 -16.44 26.11
O3 GOL GC . -17.25 -16.59 25.68
C1 GOL HC . -9.19 -28.24 23.53
O1 GOL HC . -8.17 -29.23 23.70
C2 GOL HC . -9.05 -27.21 24.63
O2 GOL HC . -8.34 -26.10 24.09
C3 GOL HC . -10.40 -26.74 25.15
O3 GOL HC . -10.22 -25.59 26.00
C5 MQ9 IC . 21.85 -8.37 -1.30
C5M MQ9 IC . 20.46 -7.80 -0.84
C4 MQ9 IC . 22.90 -7.48 -1.62
O4 MQ9 IC . 22.71 -6.24 -1.54
C3 MQ9 IC . 24.15 -8.02 -2.02
C2 MQ9 IC . 24.34 -9.43 -2.09
C1 MQ9 IC . 23.31 -10.33 -1.75
O1 MQ9 IC . 23.50 -11.57 -1.78
C6 MQ9 IC . 22.04 -9.80 -1.39
C3A MQ9 IC . 25.22 -7.15 -2.36
C3B MQ9 IC . 26.46 -7.69 -2.76
C3C MQ9 IC . 26.64 -9.08 -2.81
C3D MQ9 IC . 25.59 -9.94 -2.47
C7 MQ9 IC . 20.90 -10.76 -1.08
C8 MQ9 IC . 20.01 -10.91 -2.22
C9 MQ9 IC . 19.71 -12.05 -2.94
C10 MQ9 IC . 20.31 -13.45 -2.63
C11 MQ9 IC . 18.66 -11.96 -4.09
C12 MQ9 IC . 17.43 -12.86 -3.80
C13 MQ9 IC . 16.70 -12.47 -2.63
C14 MQ9 IC . 15.36 -12.21 -2.53
C15 MQ9 IC . 14.40 -12.32 -3.73
C16 MQ9 IC . 14.76 -11.83 -1.19
C17 MQ9 IC . 13.82 -12.91 -0.69
C18 MQ9 IC . 14.53 -14.05 -0.17
C19 MQ9 IC . 14.01 -15.32 -0.02
C20 MQ9 IC . 12.58 -15.68 -0.47
C21 MQ9 IC . 14.82 -16.45 0.60
C22 MQ9 IC . 14.25 -16.87 1.94
C23 MQ9 IC . 15.05 -17.82 2.60
C24 MQ9 IC . 15.03 -18.06 3.96
C25 MQ9 IC . 14.06 -17.25 4.88
C26 MQ9 IC . 15.96 -19.12 4.53
C27 MQ9 IC . 15.25 -20.36 5.11
C28 MQ9 IC . 16.15 -21.24 5.77
C29 MQ9 IC . 16.10 -21.67 7.10
C30 MQ9 IC . 14.92 -21.29 8.01
C31 MQ9 IC . 17.21 -22.58 7.62
C32 MQ9 IC . 18.20 -21.82 8.52
C33 MQ9 IC . 19.15 -22.73 9.05
C34 MQ9 IC . 19.80 -22.70 10.30
C35 MQ9 IC . 19.47 -21.59 11.26
C36 MQ9 IC . 20.79 -23.79 10.65
C37 MQ9 IC . 20.10 -25.17 10.79
C38 MQ9 IC . 19.89 -25.81 9.57
C39 MQ9 IC . 18.84 -26.59 9.07
C40 MQ9 IC . 19.06 -27.11 7.65
C41 MQ9 IC . 17.54 -26.99 9.83
C42 MQ9 IC . 16.26 -26.64 9.02
C43 MQ9 IC . 15.03 -27.02 9.63
C44 MQ9 IC . 13.79 -26.35 9.68
C45 MQ9 IC . 13.62 -24.97 9.03
C46 MQ9 IC . 12.56 -27.00 10.42
C47 MQ9 IC . 11.37 -27.23 9.47
C48 MQ9 IC . 10.16 -27.64 10.05
C49 MQ9 IC . 9.51 -28.86 9.88
C50 MQ9 IC . 10.20 -29.96 9.03
C51 MQ9 IC . 8.16 -29.17 10.54
MG BCB JC . -2.40 6.78 -8.46
CHA BCB JC . -2.08 7.70 -5.13
CHB BCB JC . -0.89 9.74 -9.42
CHC BCB JC . -2.42 5.73 -11.72
CHD BCB JC . -3.55 3.68 -7.49
NA BCB JC . -1.75 8.49 -7.46
C1A BCB JC . -1.57 8.62 -6.05
C2A BCB JC . -0.84 9.92 -5.72
C3A BCB JC . -0.91 10.69 -7.01
C4A BCB JC . -1.19 9.60 -8.04
CMA BCB JC . -2.04 11.74 -7.05
CAA BCB JC . 0.62 9.67 -5.25
CBA BCB JC . 1.34 8.78 -6.23
CGA BCB JC . 2.78 8.44 -5.91
O1A BCB JC . 3.32 8.88 -4.93
O2A BCB JC . 3.49 7.68 -6.79
NB BCB JC . -1.88 7.63 -10.21
C1B BCB JC . -1.15 8.80 -10.45
C2B BCB JC . -0.86 9.00 -11.81
C3B BCB JC . -1.28 7.85 -12.44
C4B BCB JC . -1.87 7.00 -11.45
CMB BCB JC . -0.17 10.23 -12.45
CAB BCB JC . -1.16 7.51 -13.92
OBB BCB JC . -1.33 6.36 -14.35
CBB BCB JC . -0.80 8.57 -14.88
NC BCB JC . -2.99 5.03 -9.46
C1C BCB JC . -2.87 4.76 -10.81
C2C BCB JC . -3.57 3.49 -11.16
C3C BCB JC . -3.54 2.77 -9.84
C4C BCB JC . -3.31 3.81 -8.90
CMC BCB JC . -5.04 3.65 -11.65
CAC BCB JC . -3.88 1.50 -9.60
CBC BCB JC . -3.95 0.43 -10.70
ND BCB JC . -2.86 5.88 -6.72
C1D BCB JC . -3.25 4.58 -6.49
C2D BCB JC . -3.54 4.47 -5.12
C3D BCB JC . -3.07 5.66 -4.49
C4D BCB JC . -2.56 6.50 -5.56
CMD BCB JC . -4.14 3.31 -4.31
CAD BCB JC . -2.85 6.49 -3.30
OBD BCB JC . -3.11 6.17 -2.15
CBD BCB JC . -2.17 7.78 -3.65
CGD BCB JC . -3.06 8.93 -3.21
O1D BCB JC . -2.77 9.60 -2.24
O2D BCB JC . -4.26 9.03 -3.87
CED BCB JC . -5.26 9.94 -3.44
C1 BCB JC . 4.90 7.47 -6.52
C2 BCB JC . 5.68 8.59 -7.12
C3 BCB JC . 6.63 8.40 -8.06
C4 BCB JC . 6.97 7.01 -8.56
C5 BCB JC . 7.39 9.60 -8.65
C6 BCB JC . 7.91 10.51 -7.55
C7 BCB JC . 8.89 11.58 -8.08
C8 BCB JC . 10.33 11.05 -8.26
C9 BCB JC . 11.12 11.09 -6.92
C10 BCB JC . 11.05 11.75 -9.46
C11 BCB JC . 12.29 12.61 -9.15
C12 BCB JC . 12.19 14.01 -9.77
C13 BCB JC . 13.47 14.87 -9.61
C14 BCB JC . 14.39 14.38 -8.50
C15 BCB JC . 13.14 16.34 -9.36
C16 BCB JC . 14.27 17.28 -9.81
C17 BCB JC . 14.64 18.39 -8.80
C18 BCB JC . 14.80 19.78 -9.45
C19 BCB JC . 13.45 20.40 -9.81
C20 BCB JC . 15.72 19.78 -10.69
MG BCB KC . -4.70 -3.46 -6.11
CHA BCB KC . -3.49 -3.15 -9.35
CHB BCB KC . -1.50 -3.60 -4.90
CHC BCB KC . -5.89 -4.05 -2.99
CHD BCB KC . -7.86 -2.59 -7.14
NA BCB KC . -2.80 -3.44 -7.01
C1A BCB KC . -2.51 -3.37 -8.37
C2A BCB KC . -1.01 -3.44 -8.55
C3A BCB KC . -0.43 -3.07 -7.18
C4A BCB KC . -1.63 -3.34 -6.27
CMA BCB KC . 0.89 -3.84 -6.93
CAA BCB KC . -0.38 -2.68 -9.71
CBA BCB KC . -0.71 -1.18 -9.67
CGA BCB KC . 0.48 -0.22 -9.63
O1A BCB KC . 1.63 -0.49 -9.33
O2A BCB KC . 0.16 1.08 -9.92
NB BCB KC . -3.86 -3.79 -4.30
C1B BCB KC . -2.52 -3.75 -3.96
C2B BCB KC . -2.29 -4.08 -2.62
C3B BCB KC . -3.57 -4.23 -2.06
C4B BCB KC . -4.50 -3.99 -3.10
CMB BCB KC . -0.89 -4.22 -2.03
CAB BCB KC . -3.92 -4.51 -0.61
OBB BCB KC . -5.05 -4.73 -0.31
CBB BCB KC . -2.85 -4.47 0.45
NC BCB KC . -6.57 -3.38 -5.23
C1C BCB KC . -6.88 -3.70 -3.92
C2C BCB KC . -8.37 -3.95 -3.83
C3C BCB KC . -8.85 -2.95 -4.86
C4C BCB KC . -7.75 -2.91 -5.77
CMC BCB KC . -8.76 -5.43 -4.11
CAC BCB KC . -10.12 -2.53 -5.06
CBC BCB KC . -11.22 -2.53 -3.96
ND BCB KC . -5.55 -3.00 -7.89
C1D BCB KC . -6.83 -2.61 -8.11
C2D BCB KC . -6.97 -2.54 -9.48
C3D BCB KC . -5.70 -2.74 -10.05
C4D BCB KC . -4.80 -2.94 -8.97
CMD BCB KC . -8.18 -2.23 -10.39
CAD BCB KC . -4.83 -2.80 -11.23
OBD BCB KC . -5.10 -2.52 -12.41
CBD BCB KC . -3.44 -3.18 -10.80
CGD BCB KC . -3.33 -4.69 -11.17
O1D BCB KC . -2.37 -5.42 -10.91
O2D BCB KC . -4.34 -5.38 -11.80
CED BCB KC . -4.24 -6.78 -12.10
C1 BCB KC . 1.12 2.13 -9.77
C2 BCB KC . 1.84 2.36 -11.07
C3 BCB KC . 1.33 2.96 -12.14
C4 BCB KC . -0.09 3.44 -12.29
C5 BCB KC . 2.28 3.09 -13.35
C6 BCB KC . 2.45 4.57 -13.74
C7 BCB KC . 3.58 4.66 -14.78
C8 BCB KC . 3.60 5.96 -15.58
C9 BCB KC . 4.63 5.88 -16.73
C10 BCB KC . 3.76 7.20 -14.68
C11 BCB KC . 3.49 8.49 -15.52
C12 BCB KC . 3.42 9.74 -14.68
C13 BCB KC . 3.28 11.00 -15.53
C14 BCB KC . 4.15 12.09 -14.94
C15 BCB KC . 1.81 11.38 -15.52
C16 BCB KC . 1.44 12.53 -16.44
C17 BCB KC . 0.10 13.13 -16.07
C18 BCB KC . -0.62 13.76 -17.27
C19 BCB KC . 0.30 14.50 -18.24
C20 BCB KC . -1.79 14.59 -16.75
C1 BPB LC . 5.61 13.11 -19.04
C2 BPB LC . 4.84 14.42 -18.73
C3 BPB LC . 5.48 15.60 -18.61
C4 BPB LC . 6.99 15.66 -18.79
C5 BPB LC . 4.82 16.95 -18.32
C6 BPB LC . 4.11 17.01 -16.96
C7 BPB LC . 5.07 17.19 -15.79
C8 BPB LC . 4.76 16.22 -14.63
C9 BPB LC . 3.63 16.76 -13.75
NA BPB LC . 7.81 7.91 -13.43
NB BPB LC . 5.77 6.57 -11.78
NC BPB LC . 7.07 3.84 -12.27
ND BPB LC . 9.02 5.14 -13.84
C10 BPB LC . 6.02 15.90 -13.80
C11 BPB LC . 7.12 15.11 -14.53
C12 BPB LC . 8.42 15.10 -13.73
C13 BPB LC . 9.66 14.82 -14.59
C14 BPB LC . 10.64 13.92 -13.84
C15 BPB LC . 10.34 16.10 -15.03
C16 BPB LC . 11.56 16.48 -14.19
C17 BPB LC . 12.30 17.68 -14.79
C18 BPB LC . 11.88 19.02 -14.17
C19 BPB LC . 12.31 20.18 -15.06
C1A BPB LC . 8.70 8.27 -14.41
O1A BPB LC . 6.52 10.58 -18.50
C1B BPB LC . 5.38 7.90 -11.64
C1C BPB LC . 6.01 3.46 -11.52
C1D BPB LC . 9.64 3.88 -13.86
O1D BPB LC . 12.26 9.68 -15.89
C20 BPB LC . 12.47 19.19 -12.77
C2A BPB LC . 8.58 9.71 -14.73
O2A BPB LC . 6.49 12.76 -17.93
C2B BPB LC . 4.17 7.94 -10.81
C2C BPB LC . 6.01 1.98 -11.20
C2D BPB LC . 10.82 3.98 -14.63
O2D BPB LC . 12.28 8.52 -13.98
C3A BPB LC . 7.78 10.29 -13.54
C3B BPB LC . 3.89 6.61 -10.54
C3C BPB LC . 7.35 1.56 -11.81
C3D BPB LC . 10.87 5.36 -15.04
C4A BPB LC . 7.09 9.00 -13.12
C4B BPB LC . 4.91 5.72 -11.14
C4C BPB LC . 7.88 2.74 -12.44
C4D BPB LC . 9.74 6.04 -14.56
CAA BPB LC . 7.82 9.83 -16.04
CAB BPB LC . 2.79 5.98 -9.76
CAC BPB LC . 7.96 0.35 -11.82
CAD BPB LC . 11.59 6.31 -15.83
CBA BPB LC . 7.75 11.29 -16.57
CBB BPB LC . 1.41 6.57 -9.87
OBB BPB LC . 2.98 4.95 -9.08
CBC BPB LC . 7.35 -0.83 -11.04
CBD BPB LC . 10.87 7.70 -15.75
OBD BPB LC . 12.64 6.12 -16.46
CED BPB LC . 13.25 9.45 -13.47
CGA BPB LC . 6.88 11.46 -17.74
CGD BPB LC . 11.85 8.73 -15.23
CHA BPB LC . 9.65 7.38 -14.86
CHB BPB LC . 6.07 8.97 -12.14
CHC BPB LC . 4.98 4.34 -11.10
CHD BPB LC . 9.05 2.78 -13.19
CMA BPB LC . 8.64 10.93 -12.44
CMB BPB LC . 3.43 9.26 -10.44
CMC BPB LC . 5.83 1.73 -9.69
CMD BPB LC . 11.77 2.82 -14.88
FE FE2 MC . 23.11 -0.77 -5.44
C1 NS5 NC . 2.13 13.12 -9.76
CM1 NS5 NC . 3.53 13.10 -10.47
CM2 NS5 NC . 2.34 13.00 -8.21
C2 NS5 NC . 1.33 14.41 -10.15
C3 NS5 NC . 0.07 14.26 -11.08
C4 NS5 NC . 0.16 15.07 -12.40
C5 NS5 NC . -0.66 16.41 -12.45
C6 NS5 NC . 0.08 17.76 -12.22
C7 NS5 NC . -2.01 16.42 -12.73
C8 NS5 NC . -2.92 17.69 -12.81
C9 NS5 NC . -4.47 17.46 -12.72
C10 NS5 NC . -4.78 16.28 -11.77
C11 NS5 NC . -4.86 16.45 -10.26
C12 NS5 NC . -4.82 15.02 -12.34
C13 NS5 NC . -4.95 13.72 -11.55
C14 NS5 NC . -4.72 12.64 -12.39
C15 NS5 NC . -4.67 11.20 -12.01
C16 NS5 NC . -4.30 10.84 -10.58
C17 NS5 NC . -4.82 10.33 -13.09
C18 NS5 NC . -4.74 8.88 -13.02
C19 NS5 NC . -4.88 7.99 -14.06
C20 NS5 NC . -5.44 8.20 -15.43
C21 NS5 NC . -5.13 7.27 -16.42
C22 NS5 NC . -4.18 6.06 -16.16
C23 NS5 NC . -5.79 7.41 -17.76
C24 NS5 NC . -5.19 6.85 -18.84
C25 NS5 NC . -5.90 7.04 -20.16
C26 NS5 NC . -5.26 6.71 -21.34
C27 NS5 NC . -3.82 6.16 -21.33
C28 NS5 NC . -6.03 6.91 -22.63
C29 NS5 NC . -5.41 6.74 -23.87
C30 NS5 NC . -6.20 7.01 -25.14
C31 NS5 NC . -5.59 6.83 -26.38
C32 NS5 NC . -4.12 6.39 -26.48
C33 NS5 NC . -6.38 7.06 -27.68
C34 NS5 NC . -7.18 5.82 -28.14
C35 NS5 NC . -6.38 4.51 -28.45
C36 NS5 NC . -6.79 3.52 -29.33
CM3 NS5 NC . -8.08 3.60 -30.18
CM4 NS5 NC . -5.92 2.28 -29.52
N1 LDA OC . 19.45 -23.16 -0.82
O1 LDA OC . 20.35 -23.25 0.05
CM1 LDA OC . 20.09 -22.49 -1.93
CM2 LDA OC . 18.96 -24.51 -1.27
C1 LDA OC . 18.28 -22.41 -0.35
C2 LDA OC . 18.38 -22.09 1.15
C3 LDA OC . 17.09 -21.50 1.63
C4 LDA OC . 16.01 -21.92 0.62
C5 LDA OC . 14.64 -21.29 0.84
C6 LDA OC . 14.03 -21.01 -0.53
C7 LDA OC . 13.09 -19.82 -0.50
C8 LDA OC . 11.67 -20.21 -0.86
C9 LDA OC . 11.21 -19.40 -2.06
C10 LDA OC . 9.83 -18.81 -1.85
C11 LDA OC . 9.34 -18.12 -3.10
C12 LDA OC . 8.07 -18.71 -3.69
N1 LDA PC . 18.67 17.11 7.27
O1 LDA PC . 19.53 16.36 7.77
CM1 LDA PC . 17.36 16.43 7.19
CM2 LDA PC . 18.54 18.29 8.12
C1 LDA PC . 19.07 17.47 5.89
C2 LDA PC . 17.97 18.27 5.19
C3 LDA PC . 16.72 17.46 4.90
C4 LDA PC . 15.97 17.98 3.66
C5 LDA PC . 16.93 18.33 2.54
C6 LDA PC . 16.26 19.12 1.42
C7 LDA PC . 16.82 20.53 1.32
C8 LDA PC . 16.07 21.40 0.31
C9 LDA PC . 15.99 20.72 -1.05
C10 LDA PC . 15.94 21.73 -2.19
C11 LDA PC . 16.63 23.04 -1.83
C12 LDA PC . 16.39 24.12 -2.86
N1 LDA QC . 17.16 12.16 -31.13
O1 LDA QC . 16.98 11.52 -30.03
CM1 LDA QC . 18.39 12.96 -31.07
CM2 LDA QC . 17.27 11.23 -32.25
C1 LDA QC . 16.04 13.09 -31.35
C2 LDA QC . 14.68 12.43 -31.31
C3 LDA QC . 13.63 13.47 -30.96
C4 LDA QC . 12.23 12.92 -31.15
C5 LDA QC . 11.20 13.76 -30.43
C6 LDA QC . 9.85 13.74 -31.11
C7 LDA QC . 8.74 13.34 -30.14
C8 LDA QC . 7.38 13.61 -30.78
C9 LDA QC . 6.68 12.32 -31.25
C10 LDA QC . 5.90 11.66 -30.12
C11 LDA QC . 6.25 10.20 -29.91
C12 LDA QC . 5.33 9.61 -28.88
N1 LDA RC . 18.05 -4.94 -26.55
O1 LDA RC . 18.64 -4.12 -25.81
CM1 LDA RC . 18.56 -4.76 -27.92
CM2 LDA RC . 18.36 -6.32 -26.14
C1 LDA RC . 16.59 -4.70 -26.57
C2 LDA RC . 15.75 -5.66 -25.72
C3 LDA RC . 14.56 -4.94 -25.06
C4 LDA RC . 13.41 -5.87 -24.69
C5 LDA RC . 12.73 -5.44 -23.38
C6 LDA RC . 12.61 -6.64 -22.42
C7 LDA RC . 11.86 -6.29 -21.12
C8 LDA RC . 10.35 -6.53 -21.21
C9 LDA RC . 9.65 -5.21 -21.55
C10 LDA RC . 8.19 -5.26 -21.10
C11 LDA RC . 7.41 -4.12 -21.75
C12 LDA RC . 5.93 -4.47 -21.79
N1 LDA SC . 20.55 28.24 -2.88
O1 LDA SC . 20.29 27.04 -2.55
CM1 LDA SC . 20.52 29.07 -1.68
CM2 LDA SC . 21.90 28.31 -3.46
C1 LDA SC . 19.55 28.71 -3.85
C2 LDA SC . 20.20 29.39 -5.05
C3 LDA SC . 19.19 30.19 -5.88
C4 LDA SC . 19.57 30.21 -7.36
C5 LDA SC . 18.48 29.58 -8.22
C6 LDA SC . 18.93 29.50 -9.68
C7 LDA SC . 18.00 28.66 -10.54
C8 LDA SC . 18.80 27.92 -11.63
C9 LDA SC . 18.24 26.52 -11.87
C10 LDA SC . 19.34 25.57 -12.35
C11 LDA SC . 18.77 24.45 -13.23
C12 LDA SC . 17.96 23.44 -12.44
CA1 DGA TC . -18.25 19.71 -21.67
CA2 DGA TC . -16.87 20.35 -21.42
CA3 DGA TC . -16.94 21.62 -20.55
CA4 DGA TC . -16.11 22.72 -21.21
CA5 DGA TC . -14.62 22.52 -20.94
CA6 DGA TC . -13.74 22.73 -22.19
CA7 DGA TC . -12.27 22.46 -21.85
CA8 DGA TC . -11.30 23.02 -22.90
CA9 DGA TC . -9.85 22.62 -22.56
CAA DGA TC . -8.88 23.35 -23.49
CBA DGA TC . -7.42 23.17 -23.09
CCA DGA TC . -6.43 23.68 -24.16
OA1 DGA TC . -18.92 19.32 -20.71
CB1 DGA TC . -20.55 18.49 -26.32
CB2 DGA TC . -20.63 19.29 -27.56
CB3 DGA TC . -21.14 18.21 -28.51
CB4 DGA TC . -20.23 16.99 -28.43
CB5 DGA TC . -20.73 15.91 -29.37
CB6 DGA TC . -19.76 15.58 -30.51
CB7 DGA TC . -18.30 15.62 -30.04
CB8 DGA TC . -17.54 14.31 -30.32
CB9 DGA TC . -16.63 14.49 -31.53
CAB DGA TC . -15.30 15.13 -31.12
CBB DGA TC . -14.77 14.52 -29.83
CCB DGA TC . -13.25 14.48 -29.85
CDB DGA TC . -12.75 13.22 -29.17
CEB DGA TC . -11.28 12.95 -29.48
OB1 DGA TC . -20.98 17.35 -26.45
OG1 DGA TC . -18.74 19.54 -22.95
CG1 DGA TC . -18.63 20.64 -23.90
CG2 DGA TC . -19.66 20.35 -25.01
OG2 DGA TC . -19.99 18.95 -25.14
CG3 DGA TC . -20.99 20.99 -24.63
OXT DGA TC . -21.43 20.39 -23.40
S SO4 UC . 22.59 -7.22 -20.29
O1 SO4 UC . 22.66 -6.25 -21.36
O2 SO4 UC . 22.86 -6.48 -19.05
O3 SO4 UC . 21.28 -7.83 -20.15
O4 SO4 UC . 23.66 -8.14 -20.27
S SO4 VC . 16.61 13.91 -27.36
O1 SO4 VC . 17.94 13.84 -27.98
O2 SO4 VC . 16.75 14.18 -25.93
O3 SO4 VC . 15.77 14.91 -27.98
O4 SO4 VC . 15.92 12.61 -27.48
S SO4 WC . 30.59 0.39 15.63
O1 SO4 WC . 30.48 -0.68 14.63
O2 SO4 WC . 31.77 0.18 16.46
O3 SO4 WC . 30.65 1.68 14.94
O4 SO4 WC . 29.41 0.44 16.47
S SO4 XC . 30.73 22.49 -19.47
O1 SO4 XC . 31.15 23.83 -19.95
O2 SO4 XC . 29.83 22.68 -18.30
O3 SO4 XC . 30.04 21.78 -20.56
O4 SO4 XC . 31.92 21.71 -19.07
S SO4 YC . 20.92 25.59 1.60
O1 SO4 YC . 22.29 25.79 1.06
O2 SO4 YC . 20.59 26.78 2.38
O3 SO4 YC . 19.93 25.30 0.53
O4 SO4 YC . 20.85 24.47 2.53
S SO4 ZC . 18.11 -1.48 -27.67
O1 SO4 ZC . 19.13 -0.43 -27.91
O2 SO4 ZC . 17.69 -1.47 -26.28
O3 SO4 ZC . 16.94 -1.19 -28.54
O4 SO4 ZC . 18.66 -2.82 -27.94
S SO4 AD . 18.56 -5.65 -21.86
O1 SO4 AD . 18.88 -4.21 -21.90
O2 SO4 AD . 18.55 -6.23 -20.49
O3 SO4 AD . 17.22 -5.87 -22.45
O4 SO4 AD . 19.61 -6.36 -22.63
S SO4 BD . 24.62 19.43 -29.89
O1 SO4 BD . 24.26 20.30 -31.03
O2 SO4 BD . 26.08 19.45 -29.65
O3 SO4 BD . 23.94 19.97 -28.70
O4 SO4 BD . 24.24 18.04 -30.29
C1 HTO CD . -0.57 -16.42 -5.99
O1 HTO CD . -0.34 -15.56 -7.11
C2 HTO CD . 0.84 -16.56 -5.52
O2 HTO CD . 1.33 -15.26 -5.87
C3 HTO CD . 1.10 -16.89 -4.06
O3 HTO CD . 2.42 -16.48 -3.74
C4 HTO CD . 1.18 -18.33 -3.66
C5 HTO CD . 2.34 -18.40 -2.70
C6 HTO CD . 3.00 -19.76 -2.74
C7 HTO CD . 4.51 -19.60 -2.81
C1 GOL DD . 21.57 15.10 10.71
O1 GOL DD . 20.88 14.66 9.54
C2 GOL DD . 22.12 16.49 10.41
O2 GOL DD . 21.02 17.39 10.22
C3 GOL DD . 23.00 16.98 11.55
O3 GOL DD . 24.03 17.83 11.02
C1 GOL ED . -23.99 -15.78 18.08
O1 GOL ED . -24.66 -14.68 17.46
C2 GOL ED . -24.15 -16.87 17.07
O2 GOL ED . -24.58 -16.13 15.93
C3 GOL ED . -22.86 -17.61 16.75
O3 GOL ED . -23.01 -18.37 15.54
C1 GOL FD . 16.61 -9.24 -15.61
O1 GOL FD . 15.92 -10.49 -15.81
C2 GOL FD . 17.83 -8.88 -16.49
O2 GOL FD . 18.43 -7.69 -16.03
C3 GOL FD . 17.56 -8.41 -17.91
O3 GOL FD . 18.01 -7.02 -17.94
C1 GOL GD . 16.19 20.98 -31.13
O1 GOL GD . 17.24 20.23 -30.50
C2 GOL GD . 15.19 21.24 -30.01
O2 GOL GD . 15.93 21.63 -28.87
C3 GOL GD . 14.18 22.30 -30.42
O3 GOL GD . 12.87 21.72 -30.33
C1 GOL HD . -18.62 -24.30 -12.17
O1 GOL HD . -17.74 -24.33 -13.30
C2 GOL HD . -17.78 -24.47 -10.92
O2 GOL HD . -17.86 -23.30 -10.11
C3 GOL HD . -18.27 -25.64 -10.07
O3 GOL HD . -18.10 -25.28 -8.69
C1 GOL ID . 33.16 25.75 -10.61
O1 GOL ID . 33.50 25.40 -11.94
C2 GOL ID . 31.66 25.59 -10.57
O2 GOL ID . 31.33 24.36 -11.20
C3 GOL ID . 31.03 25.41 -9.23
O3 GOL ID . 29.84 24.73 -9.59
C1 GOL JD . -21.04 -25.35 9.45
O1 GOL JD . -19.69 -25.50 9.92
C2 GOL JD . -21.08 -24.33 8.32
O2 GOL JD . -20.67 -24.93 7.09
C3 GOL JD . -22.48 -23.80 8.09
O3 GOL JD . -22.64 -22.42 8.39
#